data_7QTJ
#
_entry.id   7QTJ
#
_cell.length_a   1.00
_cell.length_b   1.00
_cell.length_c   1.00
_cell.angle_alpha   90.00
_cell.angle_beta   90.00
_cell.angle_gamma   90.00
#
_symmetry.space_group_name_H-M   'P 1'
#
loop_
_entity.id
_entity.type
_entity.pdbx_description
1 polymer 'P2G3 Heavy Chain'
2 polymer 'P2G3 Light Chain'
3 polymer 'Surface glycoprotein'
4 polymer 'P5C3 Light Chain'
5 polymer 'P5C3 Heavy Chain'
6 branched beta-D-mannopyranose-(1-4)-2-acetamido-2-deoxy-beta-D-glucopyranose-(1-4)-2-acetamido-2-deoxy-beta-D-glucopyranose
7 branched 2-acetamido-2-deoxy-beta-D-glucopyranose-(1-4)-2-acetamido-2-deoxy-beta-D-glucopyranose
#
loop_
_entity_poly.entity_id
_entity_poly.type
_entity_poly.pdbx_seq_one_letter_code
_entity_poly.pdbx_strand_id
1 'polypeptide(L)'
;EVQLVESGGGLVQPGRSLRLSCAASGFRFDDYALHWVRQAPEKGLEWVSGISWNSNNIGYAESVKGRFTISRDTAKKSLY
LQMNDLRAEDTALYYCVKDRHYDSSGYFVNGFDIWGQGTLVTVSAASTKGPSVFPLAPSSKSTSGGTAALGCLVKDYFPE
PVTVSWNSGALTSGVHTFPAVLQSSGLYSLSSVVTVPSSSLGTQTYICNVNHKPSNTKVDKRVEPKSC
;
B
2 'polypeptide(L)'
;DIQLTQSPSFLSASVGDRVTVTCRASQGISSYVAWYQQKAGKAPTLLIYTASTLQSGVPSRFSGSGSGTEFTLTISSLQP
EDFATYYCQQLHSYPVTFGQGTRLDIERTVAAPSVFIFPPSDEQLKSGTASVVCLLNNFYPREAKVQWKVDNALQSGNSQ
ESVTEQDSKDSTYSLSSTLTLSKADYEKHKVYACEVTHQGLSSPVTKSFNRGEC
;
C
3 'polypeptide(L)'
;MFVFLVLLPLVSSQCVNLTTRTQLPPAYTNSFTRGVYYPDKVFRSSVLHSTQDLFLPFFSNVTWFHVISGTNGTKRFDNP
VLPFNDGVYFASIEKSNIIRGWIFGTTLDSKTQSLLIVNNATNVVIKVCEFQFCNDPFLDHKNNKSWMESEFRVYSSANN
CTFEYVSQPFLMDLEGKQGNFKNLREFVFKNIDGYFKIYSKHTPIIVREPEDLPQGFSALEPLVDLPIGINITRFQTLLA
LHRSYLTPGDSSSGWTAGAAAYYVGYLQPRTFLLKYNENGTITDAVDCALDPLSETKCTLKSFTVEKGIYQTSNFRVQPT
ESIVRFPNITNLCPFDEVFNATRFASVYAWNRKRISNCVADYSVLYNLAPFFTFKCYGVSPTKLNDLCFTNVYADSFVIR
GDEVRQIAPGQTGNIADYNYKLPDDFTGCVIAWNSNKLDSKVSGNYNYLYRLFRKSNLKPFERDISTEIYQAGNKPCNGV
AGFNCYFPLRSYSFRPTYGVGHQPYRVVVLSFELLHAPATVCGPKKSTNLVKNKCVNFNFNGLKGTGVLTESNKKFLPFQ
QFGRDIADTTDAVRDPQTLEILDITPCSFGGVSVITPGTNTSNQVAVLYQGVNCTEVPVAIHADQLTPTWRVYSTGSNVF
QTRAGCLIGAEYVNNSYECDIPIGAGICASYQTQTKSHGSASSVASQSIIAYTMSLGAENSVAYSNNSIAIPTNFTISVT
TEILPVSMTKTSVDCTMYICGDSTECSNLLLQYGSFCTQLKRALTGIAVEQDKNTQEVFAQVKQIYKTPPIKYFGGFNFS
QILPDPSKPSKRSFIEDLLFNKVTLADAGFIKQYGDCLGDIAARDLICAQKFKGLTVLPPLLTDEMIAQYTSALLAGTIT
SGWTFGAGAALQIPFAMQMAYRFNGIGVTQNVLYENQKLIANQFNSAIGKIQDSLSSTASALGKLQDVVNHNAQALNTLV
KQLSSKFGAISSVLNDIFSRLDPPEAEVQIDRLITGRLQSLQTYVTQQLIRAAEIRASANLAATKMSECVLGQSKRVDFC
GKGYHLMSFPQSAPHGVVFLHVTYVPAQEKNFTTAPAICHDGKAHFPREGVFVSNGTHWFVTQRNFYEPQIITTDNTFVS
GNCDVVIGIVNNTVYDPLQPELDSFKEELDKYFKNHTSPDVDLGDISGINASVVNIQKEIDRLNEVAKNLNESLIDLQEL
GKYEQGSGYIPEAPRDGQAYVRKDGEWVLLSTFLGRSLEVLFQGPGHHHHHHHHSAWSHPQFEKGGGSGGGGSGGSAWSH
PQFEK
;
A,D
4 'polypeptide(L)'
;EIVLTQSPGTLSLSPGERATLSCRGSQSVRSSYLGWYQQKPGQAPRLLIYGASSRATGIPDRFSGSGSGTDFTLTISRLE
PEDFAVYYCQQYGSSPWTFGQGTKVEIKGTVAAPSVFIFPPSDEQLKSGTASVVCLLNNFYPREAKVQWKVDNALQSGNS
QESVTEQDSKDSTYSLSSTLTLSKADYEKHKVYACEVTHQGLSSPVTKSFNRGEC
;
E
5 'polypeptide(L)'
;QMQLVQSGPEVKKPGTSVKVSCKASGFTFTSSAVQWVRQARGQRLEWIGWIVVGSGNTDYAQQFQERVTITRDMSTSTAY
MELSSLGSEDTAVYYCAAPNCSGGSCYDGFDLWGQGTMVTVSSASTKGPSVFPLAPSSKSTSGGTAALGCLVKDYFPEPV
TVSWNSGALTSGVHTFPAVLQSSGLYSLSSVVTVPSSSLGTQTYICNVNHKPSNTKVDKKV
;
F
#
loop_
_chem_comp.id
_chem_comp.type
_chem_comp.name
_chem_comp.formula
BMA D-saccharide, beta linking beta-D-mannopyranose 'C6 H12 O6'
NAG D-saccharide, beta linking 2-acetamido-2-deoxy-beta-D-glucopyranose 'C8 H15 N O6'
#
# COMPACT_ATOMS: atom_id res chain seq x y z
N GLU A 1 26.49 -28.49 -6.19
CA GLU A 1 26.76 -27.46 -7.18
C GLU A 1 25.49 -27.02 -7.89
N VAL A 2 25.41 -25.72 -8.19
CA VAL A 2 24.27 -25.14 -8.90
C VAL A 2 24.62 -25.03 -10.37
N GLN A 3 23.73 -25.54 -11.23
CA GLN A 3 23.95 -25.53 -12.67
C GLN A 3 22.63 -25.28 -13.39
N LEU A 4 22.72 -24.58 -14.52
CA LEU A 4 21.57 -24.30 -15.38
C LEU A 4 21.90 -24.78 -16.78
N VAL A 5 20.96 -25.50 -17.40
CA VAL A 5 21.13 -26.05 -18.73
C VAL A 5 20.02 -25.49 -19.63
N GLU A 6 20.41 -24.90 -20.76
CA GLU A 6 19.48 -24.29 -21.68
C GLU A 6 19.49 -25.04 -23.00
N SER A 7 18.32 -25.17 -23.63
CA SER A 7 18.19 -25.92 -24.86
C SER A 7 17.06 -25.33 -25.70
N GLY A 8 17.10 -25.65 -27.00
CA GLY A 8 16.09 -25.21 -27.94
C GLY A 8 16.56 -24.18 -28.95
N GLY A 9 17.79 -23.69 -28.84
CA GLY A 9 18.28 -22.67 -29.73
C GLY A 9 18.66 -23.21 -31.10
N GLY A 10 19.03 -22.29 -31.98
CA GLY A 10 19.41 -22.64 -33.33
C GLY A 10 19.10 -21.57 -34.36
N LEU A 11 18.43 -21.95 -35.44
CA LEU A 11 18.07 -21.03 -36.51
C LEU A 11 16.57 -21.10 -36.75
N VAL A 12 15.92 -19.94 -36.87
CA VAL A 12 14.48 -19.87 -37.04
C VAL A 12 14.17 -18.88 -38.14
N GLN A 13 13.40 -19.30 -39.14
CA GLN A 13 12.93 -18.39 -40.18
C GLN A 13 11.87 -17.47 -39.60
N PRO A 14 11.81 -16.21 -40.06
CA PRO A 14 10.79 -15.29 -39.54
C PRO A 14 9.38 -15.81 -39.78
N GLY A 15 8.51 -15.53 -38.81
CA GLY A 15 7.15 -16.04 -38.83
C GLY A 15 6.98 -17.40 -38.22
N ARG A 16 8.04 -17.98 -37.66
CA ARG A 16 8.00 -19.31 -37.06
C ARG A 16 8.25 -19.20 -35.56
N SER A 17 7.39 -19.83 -34.76
CA SER A 17 7.52 -19.79 -33.32
C SER A 17 8.56 -20.79 -32.84
N LEU A 18 8.99 -20.61 -31.58
CA LEU A 18 9.96 -21.49 -30.97
C LEU A 18 9.78 -21.46 -29.46
N ARG A 19 10.35 -22.47 -28.80
CA ARG A 19 10.28 -22.59 -27.35
C ARG A 19 11.65 -22.94 -26.80
N LEU A 20 12.11 -22.18 -25.81
CA LEU A 20 13.41 -22.38 -25.18
C LEU A 20 13.20 -22.95 -23.79
N SER A 21 13.93 -24.00 -23.46
CA SER A 21 13.78 -24.71 -22.19
C SER A 21 15.02 -24.51 -21.33
N CYS A 22 14.79 -24.37 -20.02
CA CYS A 22 15.86 -24.19 -19.04
C CYS A 22 15.61 -25.14 -17.87
N ALA A 23 16.60 -25.95 -17.53
CA ALA A 23 16.54 -26.88 -16.42
C ALA A 23 17.59 -26.49 -15.38
N ALA A 24 17.30 -26.80 -14.13
CA ALA A 24 18.11 -26.38 -13.00
C ALA A 24 18.55 -27.59 -12.18
N SER A 25 19.70 -27.44 -11.51
CA SER A 25 20.21 -28.50 -10.64
C SER A 25 20.96 -27.86 -9.47
N GLY A 26 20.74 -28.40 -8.28
CA GLY A 26 21.49 -28.01 -7.11
C GLY A 26 20.82 -27.04 -6.16
N PHE A 27 19.55 -26.70 -6.36
CA PHE A 27 18.86 -25.78 -5.47
C PHE A 27 17.36 -26.01 -5.56
N ARG A 28 16.64 -25.43 -4.61
CA ARG A 28 15.19 -25.55 -4.57
C ARG A 28 14.59 -24.76 -5.73
N PHE A 29 13.90 -25.45 -6.64
CA PHE A 29 13.41 -24.82 -7.86
C PHE A 29 12.24 -23.88 -7.57
N ASP A 30 11.36 -24.30 -6.66
CA ASP A 30 10.11 -23.53 -6.42
C ASP A 30 10.24 -22.51 -5.31
N ASP A 31 11.44 -22.24 -4.82
CA ASP A 31 11.65 -21.22 -3.81
C ASP A 31 12.46 -20.03 -4.31
N TYR A 32 12.95 -20.08 -5.55
CA TYR A 32 13.82 -19.04 -6.09
C TYR A 32 13.23 -18.51 -7.40
N ALA A 33 13.48 -17.24 -7.67
CA ALA A 33 13.01 -16.59 -8.89
C ALA A 33 14.07 -16.71 -9.99
N LEU A 34 13.60 -16.66 -11.24
CA LEU A 34 14.46 -16.83 -12.40
C LEU A 34 14.16 -15.74 -13.43
N HIS A 35 15.17 -15.44 -14.25
CA HIS A 35 15.05 -14.43 -15.29
C HIS A 35 15.69 -14.95 -16.58
N TRP A 36 15.22 -14.40 -17.69
CA TRP A 36 15.80 -14.64 -19.01
C TRP A 36 16.35 -13.32 -19.54
N VAL A 37 17.64 -13.32 -19.90
CA VAL A 37 18.32 -12.11 -20.35
C VAL A 37 19.04 -12.40 -21.66
N ARG A 38 18.80 -11.59 -22.68
CA ARG A 38 19.42 -11.79 -23.97
C ARG A 38 20.51 -10.76 -24.20
N GLN A 39 21.45 -11.12 -25.08
CA GLN A 39 22.59 -10.27 -25.41
C GLN A 39 22.89 -10.38 -26.89
N ALA A 40 22.92 -9.24 -27.57
CA ALA A 40 23.37 -9.18 -28.95
C ALA A 40 24.89 -9.12 -29.01
N PRO A 41 25.49 -9.55 -30.11
CA PRO A 41 26.96 -9.51 -30.21
C PRO A 41 27.49 -8.09 -30.12
N GLU A 42 28.41 -7.88 -29.19
CA GLU A 42 29.06 -6.58 -28.97
C GLU A 42 28.03 -5.49 -28.70
N LYS A 43 27.00 -5.81 -27.92
CA LYS A 43 25.94 -4.87 -27.60
C LYS A 43 25.59 -4.89 -26.12
N GLY A 44 26.56 -5.24 -25.28
CA GLY A 44 26.30 -5.23 -23.84
C GLY A 44 25.29 -6.28 -23.44
N LEU A 45 24.25 -5.85 -22.73
CA LEU A 45 23.23 -6.75 -22.22
C LEU A 45 21.88 -6.04 -22.24
N GLU A 46 20.82 -6.85 -22.12
CA GLU A 46 19.47 -6.31 -22.10
C GLU A 46 18.54 -7.32 -21.45
N TRP A 47 17.78 -6.87 -20.45
CA TRP A 47 16.83 -7.74 -19.78
C TRP A 47 15.67 -8.09 -20.70
N VAL A 48 15.15 -9.31 -20.56
CA VAL A 48 14.06 -9.77 -21.41
C VAL A 48 12.83 -10.09 -20.56
N SER A 49 12.95 -11.02 -19.61
CA SER A 49 11.79 -11.43 -18.85
C SER A 49 12.19 -11.90 -17.46
N GLY A 50 11.22 -11.88 -16.55
CA GLY A 50 11.43 -12.37 -15.20
C GLY A 50 10.15 -12.97 -14.66
N ILE A 51 10.31 -13.85 -13.68
CA ILE A 51 9.19 -14.55 -13.07
C ILE A 51 9.41 -14.63 -11.57
N SER A 52 8.36 -14.97 -10.81
CA SER A 52 8.46 -15.05 -9.32
C SER A 52 8.16 -16.44 -8.77
N TRP A 53 8.03 -16.56 -7.45
CA TRP A 53 7.85 -17.89 -6.81
C TRP A 53 6.55 -18.57 -7.14
N ASN A 54 5.44 -17.86 -7.15
CA ASN A 54 4.14 -18.56 -7.32
C ASN A 54 3.40 -18.06 -8.56
N SER A 55 4.12 -17.46 -9.48
CA SER A 55 3.49 -16.93 -10.71
C SER A 55 2.51 -15.85 -10.30
N ASN A 56 2.97 -14.86 -9.55
CA ASN A 56 2.10 -13.74 -9.20
C ASN A 56 2.61 -12.45 -9.83
N ASN A 57 3.93 -12.25 -9.85
CA ASN A 57 4.53 -11.03 -10.38
C ASN A 57 5.39 -11.37 -11.58
N ILE A 58 4.86 -11.13 -12.78
CA ILE A 58 5.58 -11.35 -14.03
C ILE A 58 5.43 -10.10 -14.88
N GLY A 59 6.49 -9.76 -15.61
CA GLY A 59 6.46 -8.60 -16.47
C GLY A 59 7.47 -8.75 -17.60
N TYR A 60 7.16 -8.11 -18.72
CA TYR A 60 7.98 -8.19 -19.91
C TYR A 60 8.47 -6.80 -20.30
N ALA A 61 9.64 -6.76 -20.95
CA ALA A 61 10.14 -5.51 -21.49
C ALA A 61 9.22 -5.02 -22.60
N GLU A 62 9.03 -3.70 -22.67
CA GLU A 62 8.11 -3.13 -23.65
C GLU A 62 8.56 -3.42 -25.07
N SER A 63 9.86 -3.57 -25.30
CA SER A 63 10.36 -3.85 -26.64
C SER A 63 9.84 -5.19 -27.16
N VAL A 64 9.77 -6.20 -26.29
CA VAL A 64 9.32 -7.53 -26.67
C VAL A 64 8.01 -7.89 -26.00
N LYS A 65 7.28 -6.91 -25.46
CA LYS A 65 6.02 -7.19 -24.79
C LYS A 65 4.96 -7.64 -25.80
N GLY A 66 4.16 -8.62 -25.41
CA GLY A 66 3.10 -9.13 -26.24
C GLY A 66 3.50 -10.21 -27.23
N ARG A 67 4.79 -10.54 -27.31
CA ARG A 67 5.26 -11.56 -28.23
C ARG A 67 5.94 -12.74 -27.55
N PHE A 68 6.31 -12.62 -26.29
CA PHE A 68 6.97 -13.70 -25.56
C PHE A 68 6.10 -14.13 -24.39
N THR A 69 6.23 -15.40 -24.00
CA THR A 69 5.49 -15.92 -22.86
C THR A 69 6.43 -16.73 -21.98
N ILE A 70 6.41 -16.44 -20.68
CA ILE A 70 7.24 -17.17 -19.71
C ILE A 70 6.34 -18.12 -18.93
N SER A 71 6.86 -19.32 -18.66
CA SER A 71 6.12 -20.30 -17.87
C SER A 71 7.10 -21.11 -17.04
N ARG A 72 6.62 -21.61 -15.91
CA ARG A 72 7.48 -22.33 -14.96
C ARG A 72 6.75 -23.56 -14.45
N ASP A 73 7.44 -24.67 -14.37
CA ASP A 73 6.87 -25.92 -13.89
C ASP A 73 7.79 -26.49 -12.83
N THR A 74 7.31 -26.54 -11.59
CA THR A 74 8.07 -27.10 -10.48
C THR A 74 8.00 -28.62 -10.40
N ALA A 75 7.06 -29.24 -11.13
CA ALA A 75 6.97 -30.70 -11.11
C ALA A 75 8.21 -31.34 -11.71
N LYS A 76 8.71 -30.79 -12.82
CA LYS A 76 9.92 -31.30 -13.48
C LYS A 76 11.05 -30.29 -13.46
N LYS A 77 10.90 -29.17 -12.75
CA LYS A 77 11.94 -28.16 -12.60
C LYS A 77 12.37 -27.61 -13.97
N SER A 78 11.41 -26.96 -14.63
CA SER A 78 11.64 -26.46 -15.98
C SER A 78 11.11 -25.04 -16.11
N LEU A 79 11.77 -24.25 -16.97
CA LEU A 79 11.36 -22.90 -17.28
C LEU A 79 11.29 -22.77 -18.80
N TYR A 80 10.13 -22.40 -19.32
CA TYR A 80 9.90 -22.32 -20.75
C TYR A 80 9.70 -20.88 -21.18
N LEU A 81 10.35 -20.49 -22.27
CA LEU A 81 10.15 -19.20 -22.92
C LEU A 81 9.62 -19.47 -24.32
N GLN A 82 8.33 -19.17 -24.53
CA GLN A 82 7.69 -19.38 -25.83
C GLN A 82 7.77 -18.10 -26.64
N MET A 83 8.26 -18.23 -27.87
CA MET A 83 8.50 -17.11 -28.77
C MET A 83 7.39 -17.03 -29.82
N ASN A 84 7.04 -15.80 -30.19
CA ASN A 84 6.01 -15.59 -31.19
C ASN A 84 6.31 -14.31 -31.95
N ASP A 85 5.99 -14.31 -33.25
CA ASP A 85 6.19 -13.16 -34.13
C ASP A 85 7.63 -12.68 -34.09
N LEU A 86 8.54 -13.60 -34.39
CA LEU A 86 9.96 -13.29 -34.34
C LEU A 86 10.34 -12.30 -35.45
N ARG A 87 11.20 -11.34 -35.09
CA ARG A 87 11.70 -10.37 -36.06
C ARG A 87 13.21 -10.34 -36.03
N ALA A 88 13.82 -9.39 -36.76
CA ALA A 88 15.26 -9.35 -36.91
C ALA A 88 15.99 -9.05 -35.60
N GLU A 89 15.29 -8.55 -34.59
CA GLU A 89 15.93 -8.19 -33.32
C GLU A 89 16.17 -9.38 -32.40
N ASP A 90 15.65 -10.56 -32.73
CA ASP A 90 15.68 -11.68 -31.80
C ASP A 90 16.98 -12.48 -31.87
N THR A 91 17.83 -12.25 -32.85
CA THR A 91 19.08 -13.00 -32.96
C THR A 91 20.04 -12.56 -31.85
N ALA A 92 20.33 -13.47 -30.92
CA ALA A 92 21.12 -13.13 -29.75
C ALA A 92 21.47 -14.40 -28.99
N LEU A 93 22.27 -14.24 -27.94
CA LEU A 93 22.59 -15.29 -27.00
C LEU A 93 21.79 -15.08 -25.72
N TYR A 94 21.13 -16.15 -25.26
CA TYR A 94 20.18 -16.06 -24.16
C TYR A 94 20.75 -16.75 -22.93
N TYR A 95 20.65 -16.08 -21.78
CA TYR A 95 21.08 -16.61 -20.49
C TYR A 95 19.86 -16.80 -19.60
N CYS A 96 19.82 -17.94 -18.92
CA CYS A 96 18.78 -18.31 -17.96
C CYS A 96 19.37 -18.13 -16.56
N VAL A 97 19.19 -16.94 -16.00
CA VAL A 97 19.85 -16.56 -14.77
C VAL A 97 18.88 -16.77 -13.60
N LYS A 98 19.45 -16.95 -12.41
CA LYS A 98 18.69 -17.23 -11.20
C LYS A 98 18.84 -16.07 -10.21
N ASP A 99 17.72 -15.64 -9.64
CA ASP A 99 17.73 -14.59 -8.62
C ASP A 99 17.74 -15.22 -7.23
N ARG A 100 18.25 -14.46 -6.27
CA ARG A 100 18.51 -14.99 -4.92
C ARG A 100 17.52 -14.50 -3.88
N HIS A 101 16.39 -13.90 -4.28
CA HIS A 101 15.44 -13.41 -3.29
C HIS A 101 13.99 -13.68 -3.69
N TYR A 102 13.68 -14.86 -4.18
CA TYR A 102 12.24 -15.18 -4.39
C TYR A 102 11.41 -14.03 -4.98
N ASP A 103 11.95 -13.06 -5.75
CA ASP A 103 11.06 -12.04 -6.28
C ASP A 103 11.89 -11.04 -7.06
N SER A 104 11.21 -10.21 -7.85
CA SER A 104 11.88 -9.24 -8.72
C SER A 104 12.39 -8.05 -7.93
N SER A 105 12.79 -7.00 -8.63
CA SER A 105 13.40 -5.83 -8.02
C SER A 105 12.43 -5.13 -7.09
N GLY A 106 12.99 -4.47 -6.06
CA GLY A 106 12.19 -3.77 -5.08
C GLY A 106 12.68 -4.01 -3.66
N TYR A 107 13.20 -5.21 -3.40
CA TYR A 107 13.73 -5.51 -2.09
C TYR A 107 15.14 -4.92 -1.93
N PHE A 108 15.57 -4.78 -0.68
CA PHE A 108 16.90 -4.23 -0.42
C PHE A 108 18.00 -5.10 -0.99
N VAL A 109 17.88 -6.42 -0.84
CA VAL A 109 18.88 -7.35 -1.33
C VAL A 109 18.34 -8.03 -2.58
N ASN A 110 19.07 -7.86 -3.69
CA ASN A 110 18.72 -8.47 -4.96
C ASN A 110 19.98 -8.58 -5.81
N GLY A 111 20.07 -9.64 -6.60
CA GLY A 111 21.23 -9.83 -7.45
C GLY A 111 21.17 -11.09 -8.28
N PHE A 112 21.57 -10.98 -9.55
CA PHE A 112 21.64 -12.13 -10.43
C PHE A 112 22.83 -12.98 -10.03
N ASP A 113 22.58 -14.18 -9.53
CA ASP A 113 23.63 -14.99 -8.91
C ASP A 113 24.29 -15.95 -9.91
N ILE A 114 23.51 -16.86 -10.49
CA ILE A 114 24.05 -17.93 -11.32
C ILE A 114 23.61 -17.72 -12.75
N TRP A 115 24.58 -17.52 -13.65
CA TRP A 115 24.33 -17.28 -15.05
C TRP A 115 24.67 -18.54 -15.84
N GLY A 116 23.73 -19.01 -16.65
CA GLY A 116 24.00 -20.14 -17.53
C GLY A 116 24.88 -19.75 -18.69
N GLN A 117 25.31 -20.76 -19.43
CA GLN A 117 26.17 -20.51 -20.58
C GLN A 117 25.41 -19.90 -21.76
N GLY A 118 24.09 -19.98 -21.76
CA GLY A 118 23.28 -19.38 -22.80
C GLY A 118 23.23 -20.22 -24.06
N THR A 119 22.21 -19.91 -24.87
CA THR A 119 22.03 -20.57 -26.16
C THR A 119 21.89 -19.53 -27.25
N LEU A 120 22.31 -19.88 -28.46
CA LEU A 120 22.34 -18.95 -29.58
C LEU A 120 21.10 -19.12 -30.43
N VAL A 121 20.44 -18.01 -30.75
CA VAL A 121 19.26 -18.01 -31.62
C VAL A 121 19.52 -17.04 -32.75
N THR A 122 19.40 -17.52 -33.99
CA THR A 122 19.56 -16.71 -35.19
C THR A 122 18.23 -16.66 -35.93
N VAL A 123 17.90 -15.50 -36.46
CA VAL A 123 16.65 -15.30 -37.19
C VAL A 123 17.01 -14.71 -38.55
N SER A 124 16.60 -15.41 -39.62
CA SER A 124 16.79 -14.95 -40.98
C SER A 124 16.00 -15.86 -41.91
N ALA A 125 15.73 -15.35 -43.11
CA ALA A 125 15.02 -16.11 -44.13
C ALA A 125 15.96 -16.90 -45.04
N ALA A 126 17.27 -16.86 -44.78
CA ALA A 126 18.20 -17.46 -45.77
C ALA A 126 18.54 -18.94 -45.52
N SER A 127 19.53 -19.42 -46.26
CA SER A 127 19.79 -20.85 -46.56
C SER A 127 21.29 -21.05 -46.80
N THR A 128 21.76 -22.30 -46.86
CA THR A 128 23.21 -22.55 -46.96
C THR A 128 23.76 -21.90 -48.23
N LYS A 129 24.96 -21.33 -48.17
CA LYS A 129 25.61 -20.75 -49.37
C LYS A 129 27.12 -20.95 -49.22
N GLY A 130 27.73 -21.72 -50.11
CA GLY A 130 29.15 -21.92 -49.99
C GLY A 130 29.92 -20.62 -50.10
N PRO A 131 30.95 -20.46 -49.28
CA PRO A 131 31.76 -19.25 -49.33
C PRO A 131 32.60 -19.18 -50.59
N SER A 132 32.94 -17.96 -50.99
CA SER A 132 33.81 -17.72 -52.13
C SER A 132 35.12 -17.13 -51.66
N VAL A 133 36.22 -17.62 -52.24
CA VAL A 133 37.57 -17.22 -51.86
C VAL A 133 38.14 -16.35 -52.97
N PHE A 134 38.66 -15.18 -52.58
CA PHE A 134 39.28 -14.27 -53.52
C PHE A 134 40.73 -14.02 -53.14
N PRO A 135 41.61 -13.82 -54.11
CA PRO A 135 43.03 -13.61 -53.79
C PRO A 135 43.36 -12.16 -53.50
N LEU A 136 44.17 -11.95 -52.46
CA LEU A 136 44.70 -10.64 -52.10
C LEU A 136 46.18 -10.65 -52.50
N ALA A 137 46.44 -10.30 -53.76
CA ALA A 137 47.77 -10.42 -54.33
C ALA A 137 48.71 -9.39 -53.71
N PRO A 138 49.83 -9.81 -53.12
CA PRO A 138 50.80 -8.83 -52.63
C PRO A 138 51.45 -8.06 -53.76
N SER A 139 51.86 -6.83 -53.46
CA SER A 139 52.49 -5.96 -54.45
C SER A 139 53.42 -5.00 -53.72
N SER A 140 53.87 -3.96 -54.44
CA SER A 140 54.75 -2.97 -53.83
C SER A 140 54.03 -2.20 -52.72
N LYS A 141 52.74 -1.91 -52.91
CA LYS A 141 51.97 -1.24 -51.88
C LYS A 141 51.82 -2.09 -50.62
N SER A 142 51.98 -3.41 -50.73
CA SER A 142 51.88 -4.30 -49.59
C SER A 142 53.22 -4.55 -48.91
N THR A 143 54.30 -3.96 -49.40
CA THR A 143 55.63 -4.15 -48.85
C THR A 143 56.02 -2.95 -48.00
N SER A 144 56.38 -3.19 -46.74
CA SER A 144 56.78 -2.13 -45.83
C SER A 144 57.88 -2.67 -44.92
N GLY A 145 59.08 -2.13 -45.05
CA GLY A 145 60.19 -2.56 -44.22
C GLY A 145 60.59 -4.00 -44.45
N GLY A 146 60.56 -4.46 -45.70
CA GLY A 146 60.94 -5.81 -46.03
C GLY A 146 59.89 -6.87 -45.74
N THR A 147 58.69 -6.47 -45.30
CA THR A 147 57.62 -7.40 -44.98
C THR A 147 56.43 -7.14 -45.89
N ALA A 148 55.90 -8.21 -46.47
CA ALA A 148 54.74 -8.13 -47.36
C ALA A 148 53.55 -8.83 -46.71
N ALA A 149 52.40 -8.19 -46.76
CA ALA A 149 51.18 -8.73 -46.16
C ALA A 149 50.26 -9.24 -47.25
N LEU A 150 49.83 -10.50 -47.13
CA LEU A 150 48.93 -11.13 -48.09
C LEU A 150 47.91 -11.95 -47.34
N GLY A 151 46.76 -12.15 -47.97
CA GLY A 151 45.70 -12.90 -47.32
C GLY A 151 44.60 -13.28 -48.28
N CYS A 152 43.41 -13.52 -47.71
CA CYS A 152 42.24 -13.94 -48.46
C CYS A 152 41.02 -13.18 -47.95
N LEU A 153 39.93 -13.27 -48.71
CA LEU A 153 38.68 -12.58 -48.39
C LEU A 153 37.54 -13.58 -48.55
N VAL A 154 37.07 -14.12 -47.42
CA VAL A 154 35.93 -15.04 -47.43
C VAL A 154 34.64 -14.24 -47.40
N LYS A 155 33.68 -14.64 -48.23
CA LYS A 155 32.45 -13.87 -48.40
C LYS A 155 31.30 -14.80 -48.75
N ASP A 156 30.08 -14.33 -48.50
CA ASP A 156 28.85 -15.01 -48.89
C ASP A 156 28.72 -16.40 -48.25
N TYR A 157 28.60 -16.44 -46.93
CA TYR A 157 28.35 -17.66 -46.19
C TYR A 157 27.34 -17.38 -45.09
N PHE A 158 26.22 -18.11 -45.13
CA PHE A 158 25.10 -17.85 -44.17
C PHE A 158 25.40 -18.43 -42.78
N PRO A 159 25.73 -19.72 -42.59
CA PRO A 159 26.11 -20.24 -41.27
C PRO A 159 27.47 -19.70 -40.86
N GLU A 160 27.80 -19.90 -39.59
CA GLU A 160 29.01 -19.33 -39.00
C GLU A 160 29.99 -20.35 -38.42
N PRO A 161 30.31 -21.45 -39.15
CA PRO A 161 31.59 -22.11 -38.91
C PRO A 161 32.65 -21.62 -39.87
N VAL A 162 33.80 -21.16 -39.36
CA VAL A 162 34.89 -20.68 -40.20
C VAL A 162 36.21 -21.10 -39.57
N THR A 163 37.02 -21.84 -40.33
CA THR A 163 38.37 -22.20 -39.93
C THR A 163 39.31 -21.85 -41.07
N VAL A 164 40.24 -20.93 -40.82
CA VAL A 164 41.19 -20.47 -41.83
C VAL A 164 42.59 -20.75 -41.32
N SER A 165 43.38 -21.45 -42.13
CA SER A 165 44.75 -21.79 -41.80
C SER A 165 45.64 -21.56 -43.01
N TRP A 166 46.91 -21.29 -42.74
CA TRP A 166 47.91 -21.05 -43.77
C TRP A 166 48.84 -22.25 -43.86
N ASN A 167 49.06 -22.75 -45.07
CA ASN A 167 49.90 -23.92 -45.32
C ASN A 167 49.38 -25.14 -44.55
N SER A 168 48.06 -25.28 -44.50
CA SER A 168 47.41 -26.38 -43.78
C SER A 168 47.83 -26.40 -42.31
N GLY A 169 47.97 -25.21 -41.72
CA GLY A 169 48.37 -25.08 -40.34
C GLY A 169 49.86 -24.99 -40.11
N ALA A 170 50.68 -25.20 -41.14
CA ALA A 170 52.12 -25.07 -40.97
C ALA A 170 52.53 -23.63 -40.69
N LEU A 171 51.88 -22.68 -41.36
CA LEU A 171 52.16 -21.26 -41.18
C LEU A 171 51.08 -20.66 -40.28
N THR A 172 51.51 -20.16 -39.12
CA THR A 172 50.60 -19.54 -38.16
C THR A 172 51.15 -18.26 -37.56
N SER A 173 52.29 -17.75 -38.03
CA SER A 173 52.90 -16.55 -37.49
C SER A 173 52.56 -15.36 -38.36
N GLY A 174 52.11 -14.27 -37.74
CA GLY A 174 51.77 -13.07 -38.47
C GLY A 174 50.38 -13.06 -39.08
N VAL A 175 49.56 -14.05 -38.79
CA VAL A 175 48.22 -14.15 -39.36
C VAL A 175 47.21 -13.56 -38.39
N HIS A 176 46.32 -12.71 -38.91
CA HIS A 176 45.24 -12.11 -38.14
C HIS A 176 43.91 -12.60 -38.69
N THR A 177 43.04 -13.05 -37.80
CA THR A 177 41.71 -13.55 -38.18
C THR A 177 40.68 -12.54 -37.67
N PHE A 178 40.26 -11.65 -38.56
CA PHE A 178 39.28 -10.64 -38.18
C PHE A 178 37.91 -11.27 -37.97
N PRO A 179 37.12 -10.77 -37.03
CA PRO A 179 35.77 -11.31 -36.83
C PRO A 179 34.87 -11.01 -38.02
N ALA A 180 33.83 -11.84 -38.17
CA ALA A 180 32.90 -11.67 -39.26
C ALA A 180 32.11 -10.37 -39.11
N VAL A 181 31.83 -9.73 -40.24
CA VAL A 181 31.08 -8.48 -40.28
C VAL A 181 29.85 -8.69 -41.16
N LEU A 182 28.68 -8.36 -40.62
CA LEU A 182 27.43 -8.50 -41.36
C LEU A 182 27.26 -7.33 -42.30
N GLN A 183 27.10 -7.60 -43.59
CA GLN A 183 26.92 -6.56 -44.59
C GLN A 183 25.45 -6.14 -44.63
N SER A 184 25.11 -5.26 -45.56
CA SER A 184 23.73 -4.84 -45.74
C SER A 184 22.90 -5.85 -46.54
N SER A 185 23.56 -6.81 -47.19
CA SER A 185 22.89 -7.83 -47.97
C SER A 185 22.48 -9.05 -47.15
N GLY A 186 22.82 -9.08 -45.86
CA GLY A 186 22.50 -10.19 -44.99
C GLY A 186 23.49 -11.33 -45.00
N LEU A 187 24.54 -11.25 -45.81
CA LEU A 187 25.57 -12.28 -45.87
C LEU A 187 26.82 -11.80 -45.15
N TYR A 188 27.31 -12.62 -44.21
CA TYR A 188 28.48 -12.27 -43.43
C TYR A 188 29.75 -12.46 -44.26
N SER A 189 30.77 -11.65 -43.93
CA SER A 189 32.06 -11.74 -44.59
C SER A 189 33.17 -11.51 -43.58
N LEU A 190 34.36 -12.05 -43.89
CA LEU A 190 35.54 -11.81 -43.08
C LEU A 190 36.76 -11.86 -43.97
N SER A 191 37.85 -11.27 -43.47
CA SER A 191 39.13 -11.26 -44.18
C SER A 191 40.23 -11.63 -43.21
N SER A 192 41.20 -12.39 -43.70
CA SER A 192 42.37 -12.77 -42.91
C SER A 192 43.63 -12.54 -43.74
N VAL A 193 44.66 -11.98 -43.11
CA VAL A 193 45.91 -11.69 -43.77
C VAL A 193 47.07 -12.18 -42.90
N VAL A 194 48.20 -12.44 -43.55
CA VAL A 194 49.40 -12.90 -42.88
C VAL A 194 50.58 -12.08 -43.39
N THR A 195 51.51 -11.76 -42.49
CA THR A 195 52.68 -10.96 -42.81
C THR A 195 53.88 -11.87 -43.06
N VAL A 196 54.49 -11.73 -44.23
CA VAL A 196 55.66 -12.53 -44.60
C VAL A 196 56.73 -11.60 -45.15
N PRO A 197 57.99 -12.00 -45.08
CA PRO A 197 59.06 -11.16 -45.64
C PRO A 197 58.88 -10.93 -47.13
N SER A 198 59.25 -9.72 -47.57
CA SER A 198 59.09 -9.37 -48.98
C SER A 198 59.97 -10.25 -49.87
N SER A 199 61.20 -10.52 -49.43
CA SER A 199 62.10 -11.38 -50.20
C SER A 199 61.59 -12.81 -50.32
N SER A 200 60.66 -13.22 -49.45
CA SER A 200 60.09 -14.55 -49.50
C SER A 200 58.99 -14.69 -50.55
N LEU A 201 58.60 -13.59 -51.20
CA LEU A 201 57.56 -13.65 -52.23
C LEU A 201 58.07 -14.38 -53.46
N GLY A 202 57.28 -15.33 -53.96
CA GLY A 202 57.63 -16.08 -55.15
C GLY A 202 58.48 -17.31 -54.92
N THR A 203 59.05 -17.48 -53.73
CA THR A 203 59.88 -18.63 -53.42
C THR A 203 59.28 -19.55 -52.37
N GLN A 204 58.26 -19.11 -51.63
CA GLN A 204 57.61 -19.91 -50.62
C GLN A 204 56.12 -19.99 -50.92
N THR A 205 55.56 -21.19 -50.78
CA THR A 205 54.18 -21.44 -51.18
C THR A 205 53.21 -21.01 -50.09
N TYR A 206 52.08 -20.44 -50.50
CA TYR A 206 51.01 -20.04 -49.61
C TYR A 206 49.76 -20.86 -49.89
N ILE A 207 49.18 -21.44 -48.85
CA ILE A 207 47.98 -22.26 -48.95
C ILE A 207 46.90 -21.63 -48.09
N CYS A 208 45.77 -21.29 -48.72
CA CYS A 208 44.64 -20.64 -48.05
C CYS A 208 43.50 -21.65 -47.97
N ASN A 209 43.21 -22.14 -46.77
CA ASN A 209 42.20 -23.15 -46.55
C ASN A 209 40.98 -22.52 -45.89
N VAL A 210 39.79 -22.87 -46.40
CA VAL A 210 38.53 -22.44 -45.82
C VAL A 210 37.66 -23.67 -45.62
N ASN A 211 36.76 -23.60 -44.64
CA ASN A 211 35.90 -24.72 -44.31
C ASN A 211 34.52 -24.20 -43.96
N HIS A 212 33.49 -24.90 -44.45
CA HIS A 212 32.10 -24.57 -44.19
C HIS A 212 31.30 -25.87 -44.11
N LYS A 213 31.09 -26.35 -42.88
CA LYS A 213 30.51 -27.68 -42.64
C LYS A 213 29.09 -27.82 -43.20
N PRO A 214 28.15 -26.90 -42.92
CA PRO A 214 26.80 -27.07 -43.49
C PRO A 214 26.77 -27.07 -45.01
N SER A 215 27.63 -26.28 -45.65
CA SER A 215 27.69 -26.22 -47.10
C SER A 215 28.75 -27.16 -47.68
N ASN A 216 29.44 -27.93 -46.82
CA ASN A 216 30.46 -28.91 -47.19
C ASN A 216 31.37 -28.42 -48.33
N THR A 217 31.76 -27.16 -48.27
CA THR A 217 32.61 -26.56 -49.29
C THR A 217 33.97 -26.23 -48.70
N LYS A 218 35.02 -26.79 -49.31
CA LYS A 218 36.41 -26.54 -48.91
C LYS A 218 37.18 -26.12 -50.15
N VAL A 219 37.54 -24.83 -50.21
CA VAL A 219 38.20 -24.25 -51.38
C VAL A 219 39.59 -23.80 -50.97
N ASP A 220 40.60 -24.25 -51.72
CA ASP A 220 41.98 -23.83 -51.55
C ASP A 220 42.36 -22.92 -52.70
N LYS A 221 42.91 -21.76 -52.37
CA LYS A 221 43.22 -20.73 -53.36
C LYS A 221 44.71 -20.40 -53.34
N ARG A 222 45.29 -20.29 -54.53
CA ARG A 222 46.68 -19.89 -54.69
C ARG A 222 46.76 -18.38 -54.88
N VAL A 223 47.54 -17.72 -54.04
CA VAL A 223 47.74 -16.27 -54.12
C VAL A 223 49.22 -16.04 -54.38
N GLU A 224 49.51 -15.28 -55.43
CA GLU A 224 50.87 -14.98 -55.86
C GLU A 224 51.01 -13.48 -56.09
N PRO A 225 52.23 -12.95 -56.00
CA PRO A 225 52.43 -11.52 -56.28
C PRO A 225 52.01 -11.18 -57.70
N LYS A 226 51.46 -9.97 -57.87
CA LYS A 226 50.96 -9.53 -59.16
C LYS A 226 52.10 -9.39 -60.16
N SER A 227 51.78 -9.62 -61.43
CA SER A 227 52.75 -9.55 -62.51
C SER A 227 52.52 -8.29 -63.34
N CYS A 228 53.58 -7.53 -63.56
CA CYS A 228 53.49 -6.29 -64.33
C CYS A 228 54.49 -6.31 -65.49
N ASP B 1 11.46 4.61 -18.26
CA ASP B 1 12.35 3.76 -17.48
C ASP B 1 13.41 4.60 -16.77
N ILE B 2 14.50 3.94 -16.37
CA ILE B 2 15.61 4.59 -15.68
C ILE B 2 16.85 4.46 -16.54
N GLN B 3 17.52 5.59 -16.78
CA GLN B 3 18.70 5.63 -17.63
C GLN B 3 19.95 5.64 -16.76
N LEU B 4 20.93 4.80 -17.11
CA LEU B 4 22.20 4.72 -16.41
C LEU B 4 23.33 5.03 -17.37
N THR B 5 24.31 5.80 -16.89
CA THR B 5 25.41 6.26 -17.73
C THR B 5 26.72 6.09 -16.98
N GLN B 6 27.74 5.61 -17.70
CA GLN B 6 29.10 5.52 -17.20
C GLN B 6 29.98 6.48 -17.98
N SER B 7 30.68 7.37 -17.27
CA SER B 7 31.42 8.43 -17.95
C SER B 7 32.63 7.90 -18.71
N PRO B 8 33.65 7.28 -18.05
CA PRO B 8 34.83 6.86 -18.80
C PRO B 8 34.62 5.49 -19.44
N SER B 9 34.56 5.47 -20.78
CA SER B 9 34.21 4.24 -21.49
C SER B 9 35.37 3.25 -21.50
N PHE B 10 36.59 3.71 -21.79
CA PHE B 10 37.75 2.84 -21.91
C PHE B 10 38.87 3.37 -21.04
N LEU B 11 39.47 2.48 -20.25
CA LEU B 11 40.53 2.86 -19.30
C LEU B 11 41.71 1.92 -19.49
N SER B 12 42.81 2.43 -20.04
CA SER B 12 44.03 1.66 -20.11
C SER B 12 44.69 1.62 -18.74
N ALA B 13 45.10 0.43 -18.31
CA ALA B 13 45.63 0.25 -16.97
C ALA B 13 46.73 -0.80 -16.99
N SER B 14 47.52 -0.79 -15.92
CA SER B 14 48.61 -1.75 -15.73
C SER B 14 48.49 -2.36 -14.33
N VAL B 15 49.41 -3.28 -14.03
CA VAL B 15 49.38 -3.97 -12.75
C VAL B 15 49.71 -3.00 -11.62
N GLY B 16 48.92 -3.06 -10.55
CA GLY B 16 49.15 -2.24 -9.38
C GLY B 16 48.57 -0.84 -9.44
N ASP B 17 47.84 -0.51 -10.49
CA ASP B 17 47.29 0.83 -10.63
C ASP B 17 46.00 0.95 -9.81
N ARG B 18 45.43 2.15 -9.81
CA ARG B 18 44.16 2.44 -9.15
C ARG B 18 43.14 2.84 -10.21
N VAL B 19 41.99 2.19 -10.20
CA VAL B 19 40.95 2.41 -11.20
C VAL B 19 39.63 2.66 -10.49
N THR B 20 38.88 3.63 -10.98
CA THR B 20 37.57 3.98 -10.44
C THR B 20 36.60 4.19 -11.59
N VAL B 21 35.43 3.55 -11.50
CA VAL B 21 34.38 3.67 -12.50
C VAL B 21 33.14 4.26 -11.85
N THR B 22 32.50 5.19 -12.54
CA THR B 22 31.33 5.90 -12.03
C THR B 22 30.12 5.57 -12.89
N CYS B 23 29.05 5.09 -12.24
CA CYS B 23 27.79 4.82 -12.90
C CYS B 23 26.71 5.65 -12.22
N ARG B 24 26.06 6.52 -12.98
CA ARG B 24 25.10 7.46 -12.43
C ARG B 24 23.76 7.33 -13.16
N ALA B 25 22.68 7.54 -12.41
CA ALA B 25 21.33 7.46 -12.93
C ALA B 25 20.71 8.86 -13.00
N SER B 26 19.52 8.92 -13.58
CA SER B 26 18.78 10.18 -13.69
C SER B 26 17.95 10.45 -12.44
N GLN B 27 17.05 9.52 -12.11
CA GLN B 27 16.21 9.62 -10.93
C GLN B 27 16.85 8.87 -9.77
N GLY B 28 16.72 9.43 -8.56
CA GLY B 28 17.27 8.81 -7.38
C GLY B 28 16.75 7.41 -7.16
N ILE B 29 17.63 6.42 -7.27
CA ILE B 29 17.25 5.01 -7.15
C ILE B 29 17.63 4.45 -5.78
N SER B 30 17.82 5.31 -4.78
CA SER B 30 18.17 4.91 -3.41
C SER B 30 19.49 4.14 -3.47
N SER B 31 19.52 2.86 -3.06
CA SER B 31 20.77 2.09 -3.11
C SER B 31 20.52 0.69 -3.65
N TYR B 32 19.58 0.54 -4.59
CA TYR B 32 19.28 -0.76 -5.19
C TYR B 32 20.04 -0.91 -6.51
N VAL B 33 21.37 -1.04 -6.38
CA VAL B 33 22.24 -1.18 -7.54
C VAL B 33 23.15 -2.38 -7.32
N ALA B 34 23.72 -2.87 -8.42
CA ALA B 34 24.63 -3.99 -8.39
C ALA B 34 25.64 -3.85 -9.54
N TRP B 35 26.74 -4.58 -9.43
CA TRP B 35 27.80 -4.54 -10.43
C TRP B 35 28.13 -5.95 -10.87
N TYR B 36 28.35 -6.11 -12.18
CA TYR B 36 28.66 -7.40 -12.77
C TYR B 36 29.94 -7.31 -13.57
N GLN B 37 30.69 -8.40 -13.59
CA GLN B 37 31.93 -8.50 -14.37
C GLN B 37 31.77 -9.64 -15.37
N GLN B 38 31.95 -9.33 -16.65
CA GLN B 38 31.86 -10.31 -17.73
C GLN B 38 33.24 -10.49 -18.34
N LYS B 39 33.70 -11.74 -18.38
CA LYS B 39 34.99 -12.07 -18.97
C LYS B 39 34.88 -12.08 -20.49
N ALA B 40 35.96 -12.53 -21.14
CA ALA B 40 35.99 -12.62 -22.60
C ALA B 40 35.25 -13.89 -23.02
N GLY B 41 34.04 -13.73 -23.54
CA GLY B 41 33.24 -14.86 -23.98
C GLY B 41 32.84 -15.79 -22.86
N LYS B 42 32.39 -15.24 -21.74
CA LYS B 42 31.97 -16.03 -20.59
C LYS B 42 30.77 -15.37 -19.94
N ALA B 43 30.00 -16.18 -19.22
CA ALA B 43 28.82 -15.65 -18.54
C ALA B 43 29.23 -14.70 -17.43
N PRO B 44 28.60 -13.53 -17.32
CA PRO B 44 28.97 -12.59 -16.26
C PRO B 44 28.66 -13.13 -14.87
N THR B 45 29.45 -12.69 -13.90
CA THR B 45 29.29 -13.09 -12.51
C THR B 45 29.08 -11.87 -11.63
N LEU B 46 28.25 -12.04 -10.60
CA LEU B 46 27.96 -10.94 -9.68
C LEU B 46 29.14 -10.69 -8.76
N LEU B 47 29.41 -9.41 -8.48
CA LEU B 47 30.47 -9.02 -7.58
C LEU B 47 29.94 -8.33 -6.32
N ILE B 48 29.18 -7.25 -6.48
CA ILE B 48 28.68 -6.46 -5.36
C ILE B 48 27.20 -6.17 -5.57
N TYR B 49 26.43 -6.24 -4.49
CA TYR B 49 25.04 -5.81 -4.49
C TYR B 49 24.83 -4.78 -3.39
N THR B 50 23.89 -3.86 -3.64
CA THR B 50 23.64 -2.68 -2.83
C THR B 50 24.84 -1.73 -2.76
N ALA B 51 25.83 -1.93 -3.63
CA ALA B 51 27.01 -1.09 -3.82
C ALA B 51 27.97 -1.12 -2.64
N SER B 52 27.66 -1.81 -1.55
CA SER B 52 28.56 -1.83 -0.41
C SER B 52 28.78 -3.23 0.13
N THR B 53 27.83 -4.14 -0.10
CA THR B 53 27.84 -5.46 0.49
C THR B 53 28.44 -6.47 -0.49
N LEU B 54 29.65 -6.93 -0.19
CA LEU B 54 30.25 -8.00 -0.97
C LEU B 54 29.47 -9.30 -0.77
N GLN B 55 29.30 -10.07 -1.84
CA GLN B 55 28.42 -11.23 -1.77
C GLN B 55 29.11 -12.44 -1.15
N SER B 56 30.11 -12.99 -1.84
CA SER B 56 30.82 -14.18 -1.37
C SER B 56 31.99 -14.52 -2.27
N GLY B 57 33.10 -14.96 -1.68
CA GLY B 57 34.23 -15.43 -2.47
C GLY B 57 34.79 -14.42 -3.44
N VAL B 58 34.67 -13.14 -3.12
CA VAL B 58 35.14 -12.05 -3.99
C VAL B 58 36.37 -11.44 -3.34
N PRO B 59 37.45 -11.21 -4.10
CA PRO B 59 38.66 -10.65 -3.50
C PRO B 59 38.43 -9.27 -2.92
N SER B 60 39.18 -8.97 -1.85
CA SER B 60 39.00 -7.71 -1.12
C SER B 60 39.44 -6.49 -1.90
N ARG B 61 40.12 -6.65 -3.04
CA ARG B 61 40.50 -5.49 -3.84
C ARG B 61 39.27 -4.76 -4.35
N PHE B 62 38.21 -5.49 -4.69
CA PHE B 62 36.98 -4.87 -5.14
C PHE B 62 36.29 -4.16 -3.98
N SER B 63 35.78 -2.96 -4.27
CA SER B 63 35.04 -2.20 -3.27
C SER B 63 34.10 -1.25 -4.01
N GLY B 64 33.12 -0.73 -3.28
CA GLY B 64 32.17 0.18 -3.89
C GLY B 64 31.56 1.12 -2.88
N SER B 65 30.94 2.17 -3.40
CA SER B 65 30.24 3.14 -2.57
C SER B 65 29.17 3.80 -3.41
N GLY B 66 28.22 4.44 -2.74
CA GLY B 66 27.15 5.10 -3.44
C GLY B 66 26.14 5.79 -2.55
N SER B 67 25.55 6.87 -3.08
CA SER B 67 24.51 7.61 -2.37
C SER B 67 23.71 8.41 -3.39
N GLY B 68 22.40 8.52 -3.15
CA GLY B 68 21.54 9.29 -4.03
C GLY B 68 21.55 8.80 -5.46
N THR B 69 22.14 9.60 -6.35
CA THR B 69 22.24 9.27 -7.77
C THR B 69 23.67 8.99 -8.20
N GLU B 70 24.59 8.78 -7.26
CA GLU B 70 25.99 8.54 -7.57
C GLU B 70 26.41 7.18 -7.04
N PHE B 71 27.21 6.46 -7.84
CA PHE B 71 27.70 5.14 -7.46
C PHE B 71 29.06 4.94 -8.09
N THR B 72 30.06 4.63 -7.26
CA THR B 72 31.44 4.50 -7.72
C THR B 72 32.03 3.18 -7.24
N LEU B 73 32.66 2.44 -8.15
CA LEU B 73 33.34 1.20 -7.86
C LEU B 73 34.84 1.40 -7.98
N THR B 74 35.60 0.72 -7.11
CA THR B 74 37.03 0.91 -7.02
C THR B 74 37.72 -0.44 -6.85
N ILE B 75 38.94 -0.53 -7.39
CA ILE B 75 39.79 -1.71 -7.21
C ILE B 75 41.12 -1.23 -6.67
N SER B 76 41.49 -1.72 -5.49
CA SER B 76 42.72 -1.26 -4.84
C SER B 76 43.96 -1.68 -5.62
N SER B 77 44.06 -2.96 -5.96
CA SER B 77 45.20 -3.47 -6.69
C SER B 77 44.71 -4.32 -7.86
N LEU B 78 45.36 -4.17 -9.01
CA LEU B 78 44.95 -4.84 -10.23
C LEU B 78 45.83 -6.04 -10.51
N GLN B 79 45.20 -7.13 -10.95
CA GLN B 79 45.86 -8.35 -11.36
C GLN B 79 45.44 -8.67 -12.80
N PRO B 80 46.20 -9.49 -13.52
CA PRO B 80 45.84 -9.80 -14.91
C PRO B 80 44.47 -10.45 -15.05
N GLU B 81 43.94 -11.07 -14.00
CA GLU B 81 42.61 -11.68 -14.03
C GLU B 81 41.49 -10.64 -14.01
N ASP B 82 41.76 -9.40 -13.59
CA ASP B 82 40.70 -8.41 -13.43
C ASP B 82 40.33 -7.70 -14.73
N PHE B 83 41.10 -7.89 -15.80
CA PHE B 83 40.80 -7.21 -17.06
C PHE B 83 39.60 -7.87 -17.73
N ALA B 84 38.46 -7.17 -17.71
CA ALA B 84 37.21 -7.69 -18.26
C ALA B 84 36.27 -6.51 -18.50
N THR B 85 35.00 -6.81 -18.76
CA THR B 85 33.99 -5.79 -18.95
C THR B 85 33.16 -5.65 -17.68
N TYR B 86 32.77 -4.42 -17.35
CA TYR B 86 32.05 -4.13 -16.12
C TYR B 86 30.72 -3.47 -16.44
N TYR B 87 29.65 -3.95 -15.81
CA TYR B 87 28.31 -3.42 -16.02
C TYR B 87 27.70 -3.02 -14.67
N CYS B 88 26.86 -2.01 -14.70
CA CYS B 88 26.11 -1.57 -13.52
C CYS B 88 24.62 -1.72 -13.79
N GLN B 89 23.91 -2.31 -12.82
CA GLN B 89 22.50 -2.59 -12.95
C GLN B 89 21.72 -1.89 -11.84
N GLN B 90 20.61 -1.26 -12.20
CA GLN B 90 19.71 -0.63 -11.25
C GLN B 90 18.56 -1.57 -10.92
N LEU B 91 18.00 -1.40 -9.72
CA LEU B 91 16.94 -2.29 -9.27
C LEU B 91 15.81 -1.55 -8.56
N HIS B 92 15.64 -0.26 -8.82
CA HIS B 92 14.56 0.48 -8.15
C HIS B 92 13.20 0.10 -8.69
N SER B 93 12.98 0.33 -9.99
CA SER B 93 11.73 0.01 -10.65
C SER B 93 11.85 -1.39 -11.27
N TYR B 94 10.78 -1.86 -11.89
CA TYR B 94 10.76 -3.21 -12.46
C TYR B 94 11.47 -3.27 -13.81
N PRO B 95 11.21 -2.35 -14.77
CA PRO B 95 11.90 -2.51 -16.06
C PRO B 95 13.40 -2.28 -15.96
N VAL B 96 14.10 -3.30 -15.44
CA VAL B 96 15.53 -3.19 -15.20
C VAL B 96 16.29 -3.07 -16.51
N THR B 97 17.24 -2.14 -16.56
CA THR B 97 18.12 -1.95 -17.70
C THR B 97 19.54 -1.72 -17.22
N PHE B 98 20.50 -2.32 -17.92
CA PHE B 98 21.89 -2.21 -17.55
C PHE B 98 22.50 -0.96 -18.19
N GLY B 99 23.79 -0.76 -17.96
CA GLY B 99 24.51 0.33 -18.57
C GLY B 99 25.11 -0.06 -19.91
N GLN B 100 25.81 0.91 -20.53
CA GLN B 100 26.48 0.64 -21.78
C GLN B 100 27.72 -0.23 -21.59
N GLY B 101 28.22 -0.34 -20.37
CA GLY B 101 29.36 -1.19 -20.09
C GLY B 101 30.68 -0.45 -20.15
N THR B 102 31.63 -0.91 -19.34
CA THR B 102 32.98 -0.36 -19.30
C THR B 102 33.97 -1.51 -19.30
N ARG B 103 34.99 -1.42 -20.16
CA ARG B 103 35.99 -2.47 -20.31
C ARG B 103 37.36 -1.90 -20.02
N LEU B 104 38.09 -2.54 -19.11
CA LEU B 104 39.47 -2.17 -18.84
C LEU B 104 40.39 -2.63 -19.96
N ASP B 105 41.52 -1.95 -20.10
CA ASP B 105 42.48 -2.22 -21.15
C ASP B 105 43.89 -2.30 -20.59
N ILE B 106 44.77 -3.00 -21.30
CA ILE B 106 46.20 -3.07 -20.87
C ILE B 106 46.91 -1.78 -21.28
N GLU B 107 48.13 -1.56 -20.81
CA GLU B 107 48.87 -0.29 -21.10
C GLU B 107 50.14 -0.59 -21.92
N ARG B 108 50.30 0.05 -23.09
CA ARG B 108 51.53 -0.12 -23.92
C ARG B 108 52.23 1.24 -24.03
N THR B 109 52.90 1.53 -25.15
CA THR B 109 53.30 2.92 -25.50
C THR B 109 52.76 3.18 -26.90
N VAL B 110 52.65 4.45 -27.34
CA VAL B 110 51.99 4.58 -28.63
C VAL B 110 52.80 3.81 -29.69
N ALA B 111 52.08 3.20 -30.63
CA ALA B 111 52.68 2.42 -31.70
C ALA B 111 52.27 3.00 -33.05
N ALA B 112 53.24 3.14 -33.95
CA ALA B 112 52.96 3.68 -35.27
C ALA B 112 52.28 2.63 -36.13
N PRO B 113 51.10 2.88 -36.66
CA PRO B 113 50.41 1.87 -37.49
C PRO B 113 51.03 1.74 -38.87
N SER B 114 50.90 0.54 -39.42
CA SER B 114 51.34 0.24 -40.78
C SER B 114 50.12 0.13 -41.68
N VAL B 115 50.20 0.75 -42.86
CA VAL B 115 49.07 0.87 -43.78
C VAL B 115 49.35 0.06 -45.04
N PHE B 116 48.38 -0.75 -45.44
CA PHE B 116 48.43 -1.50 -46.69
C PHE B 116 47.09 -1.41 -47.37
N ILE B 117 47.10 -1.41 -48.70
CA ILE B 117 45.88 -1.36 -49.50
C ILE B 117 45.97 -2.45 -50.57
N PHE B 118 44.85 -3.14 -50.79
CA PHE B 118 44.77 -4.20 -51.79
C PHE B 118 43.84 -3.78 -52.91
N PRO B 119 44.34 -3.64 -54.14
CA PRO B 119 43.45 -3.39 -55.27
C PRO B 119 42.55 -4.58 -55.48
N PRO B 120 41.33 -4.36 -55.98
CA PRO B 120 40.40 -5.48 -56.17
C PRO B 120 40.96 -6.51 -57.13
N SER B 121 40.75 -7.78 -56.80
CA SER B 121 41.22 -8.87 -57.62
C SER B 121 40.31 -9.06 -58.83
N ASP B 122 40.88 -9.65 -59.90
CA ASP B 122 40.11 -9.87 -61.12
C ASP B 122 38.94 -10.82 -60.88
N GLU B 123 39.15 -11.86 -60.07
CA GLU B 123 38.08 -12.80 -59.78
C GLU B 123 36.96 -12.13 -59.00
N GLN B 124 37.31 -11.28 -58.03
CA GLN B 124 36.30 -10.53 -57.29
C GLN B 124 35.57 -9.53 -58.19
N LEU B 125 36.29 -8.93 -59.15
CA LEU B 125 35.65 -8.03 -60.10
C LEU B 125 34.64 -8.77 -60.97
N LYS B 126 34.96 -10.01 -61.37
CA LYS B 126 34.06 -10.78 -62.21
C LYS B 126 32.72 -11.06 -61.55
N SER B 127 32.66 -11.02 -60.22
CA SER B 127 31.41 -11.26 -59.51
C SER B 127 30.43 -10.11 -59.60
N GLY B 128 30.85 -8.95 -60.10
CA GLY B 128 29.99 -7.80 -60.22
C GLY B 128 30.15 -6.75 -59.14
N THR B 129 31.08 -6.94 -58.21
CA THR B 129 31.33 -5.99 -57.14
C THR B 129 32.82 -5.71 -57.06
N ALA B 130 33.16 -4.50 -56.62
CA ALA B 130 34.55 -4.09 -56.44
C ALA B 130 34.76 -3.64 -55.01
N SER B 131 35.74 -4.23 -54.34
CA SER B 131 36.03 -3.94 -52.95
C SER B 131 37.48 -3.53 -52.80
N VAL B 132 37.72 -2.40 -52.14
CA VAL B 132 39.06 -1.91 -51.82
C VAL B 132 39.22 -1.92 -50.30
N VAL B 133 40.31 -2.51 -49.83
CA VAL B 133 40.54 -2.72 -48.40
C VAL B 133 41.80 -1.98 -47.99
N CYS B 134 41.70 -1.16 -46.94
CA CYS B 134 42.82 -0.46 -46.37
C CYS B 134 43.11 -1.06 -44.99
N LEU B 135 44.36 -1.41 -44.75
CA LEU B 135 44.75 -2.20 -43.58
C LEU B 135 45.45 -1.33 -42.55
N LEU B 136 45.11 -1.55 -41.29
CA LEU B 136 45.77 -0.92 -40.15
C LEU B 136 46.23 -2.01 -39.20
N ASN B 137 47.47 -1.89 -38.71
CA ASN B 137 48.07 -2.94 -37.89
C ASN B 137 48.95 -2.32 -36.82
N ASN B 138 49.23 -3.13 -35.81
CA ASN B 138 50.18 -2.87 -34.72
C ASN B 138 50.15 -1.41 -34.25
N PHE B 139 48.97 -0.99 -33.82
CA PHE B 139 48.79 0.30 -33.16
C PHE B 139 48.22 0.09 -31.77
N TYR B 140 48.88 0.71 -30.78
CA TYR B 140 48.44 0.49 -29.39
C TYR B 140 47.17 1.31 -29.12
N PRO B 141 47.10 2.64 -29.38
CA PRO B 141 45.84 3.34 -29.13
C PRO B 141 44.76 2.90 -30.11
N ARG B 142 43.77 2.15 -29.61
CA ARG B 142 42.73 1.64 -30.49
C ARG B 142 41.88 2.75 -31.10
N GLU B 143 41.87 3.93 -30.48
CA GLU B 143 41.12 5.05 -31.04
C GLU B 143 41.77 5.56 -32.31
N ALA B 144 41.09 5.36 -33.43
CA ALA B 144 41.58 5.79 -34.73
C ALA B 144 40.42 5.87 -35.71
N LYS B 145 40.61 6.67 -36.76
CA LYS B 145 39.57 6.87 -37.76
C LYS B 145 40.20 6.69 -39.13
N VAL B 146 39.53 5.93 -40.00
CA VAL B 146 39.98 5.70 -41.37
C VAL B 146 38.99 6.37 -42.31
N GLN B 147 39.52 7.17 -43.24
CA GLN B 147 38.70 7.91 -44.19
C GLN B 147 38.97 7.41 -45.60
N TRP B 148 37.90 7.24 -46.36
CA TRP B 148 37.96 6.79 -47.75
C TRP B 148 37.68 7.96 -48.67
N LYS B 149 38.57 8.20 -49.63
CA LYS B 149 38.35 9.21 -50.65
C LYS B 149 38.62 8.60 -52.02
N VAL B 150 37.77 8.95 -52.98
CA VAL B 150 37.89 8.49 -54.37
C VAL B 150 37.91 9.71 -55.27
N ASP B 151 38.91 9.78 -56.16
CA ASP B 151 39.11 10.92 -57.05
C ASP B 151 39.22 12.21 -56.24
N ASN B 152 39.95 12.14 -55.12
CA ASN B 152 40.13 13.26 -54.20
C ASN B 152 38.82 13.77 -53.63
N ALA B 153 37.79 12.93 -53.62
CA ALA B 153 36.49 13.26 -53.05
C ALA B 153 36.17 12.28 -51.94
N LEU B 154 35.84 12.80 -50.77
CA LEU B 154 35.59 11.96 -49.60
C LEU B 154 34.40 11.03 -49.87
N GLN B 155 34.57 9.76 -49.54
CA GLN B 155 33.54 8.75 -49.71
C GLN B 155 33.10 8.23 -48.34
N SER B 156 31.80 8.27 -48.09
CA SER B 156 31.24 7.84 -46.83
C SER B 156 29.88 7.19 -47.07
N GLY B 157 29.45 6.39 -46.09
CA GLY B 157 28.18 5.71 -46.18
C GLY B 157 28.19 4.39 -46.94
N ASN B 158 29.35 3.97 -47.44
CA ASN B 158 29.44 2.70 -48.15
C ASN B 158 30.64 1.88 -47.72
N SER B 159 31.28 2.20 -46.60
CA SER B 159 32.45 1.48 -46.11
C SER B 159 32.15 0.88 -44.75
N GLN B 160 32.78 -0.25 -44.46
CA GLN B 160 32.61 -0.96 -43.20
C GLN B 160 33.95 -1.10 -42.49
N GLU B 161 33.92 -1.01 -41.17
CA GLU B 161 35.12 -1.04 -40.35
C GLU B 161 35.09 -2.26 -39.44
N SER B 162 36.24 -2.93 -39.32
CA SER B 162 36.37 -4.09 -38.45
C SER B 162 37.70 -4.02 -37.71
N VAL B 163 37.67 -4.37 -36.43
CA VAL B 163 38.85 -4.37 -35.58
C VAL B 163 38.89 -5.64 -34.77
N THR B 164 40.08 -6.19 -34.58
CA THR B 164 40.26 -7.40 -33.80
C THR B 164 40.58 -7.06 -32.35
N GLU B 165 40.57 -8.09 -31.50
CA GLU B 165 40.88 -7.90 -30.10
C GLU B 165 42.37 -7.66 -29.89
N GLN B 166 42.72 -7.18 -28.70
CA GLN B 166 44.11 -6.90 -28.38
C GLN B 166 44.93 -8.19 -28.36
N ASP B 167 46.09 -8.14 -28.97
CA ASP B 167 46.98 -9.30 -29.01
C ASP B 167 47.57 -9.57 -27.63
N SER B 168 47.86 -10.84 -27.38
CA SER B 168 48.50 -11.26 -26.13
C SER B 168 50.02 -11.22 -26.19
N LYS B 169 50.59 -10.97 -27.36
CA LYS B 169 52.04 -10.94 -27.52
C LYS B 169 52.59 -9.52 -27.38
N ASP B 170 52.12 -8.67 -28.30
CA ASP B 170 52.58 -7.26 -28.32
C ASP B 170 51.49 -6.40 -27.70
N SER B 171 50.31 -6.99 -27.44
CA SER B 171 49.20 -6.22 -26.81
C SER B 171 48.80 -5.00 -27.65
N THR B 172 48.66 -5.16 -28.97
CA THR B 172 48.35 -4.01 -29.86
C THR B 172 46.94 -4.12 -30.43
N TYR B 173 46.71 -3.58 -31.63
CA TYR B 173 45.41 -3.74 -32.27
C TYR B 173 45.59 -3.75 -33.79
N SER B 174 44.66 -4.42 -34.47
CA SER B 174 44.66 -4.49 -35.92
C SER B 174 43.26 -4.16 -36.42
N LEU B 175 43.18 -3.31 -37.44
CA LEU B 175 41.90 -2.86 -37.99
C LEU B 175 41.87 -3.10 -39.48
N SER B 176 40.73 -3.56 -39.98
CA SER B 176 40.51 -3.80 -41.40
C SER B 176 39.26 -3.04 -41.83
N SER B 177 39.41 -2.16 -42.83
CA SER B 177 38.31 -1.38 -43.37
C SER B 177 38.11 -1.75 -44.83
N THR B 178 36.85 -1.98 -45.20
CA THR B 178 36.50 -2.40 -46.56
C THR B 178 35.45 -1.47 -47.13
N LEU B 179 35.69 -0.99 -48.35
CA LEU B 179 34.74 -0.16 -49.09
C LEU B 179 34.12 -1.01 -50.20
N THR B 180 32.80 -1.08 -50.22
CA THR B 180 32.07 -1.92 -51.16
C THR B 180 31.49 -1.07 -52.27
N LEU B 181 31.77 -1.45 -53.52
CA LEU B 181 31.26 -0.75 -54.68
C LEU B 181 30.94 -1.77 -55.77
N SER B 182 29.96 -1.43 -56.61
CA SER B 182 29.59 -2.30 -57.71
C SER B 182 30.63 -2.23 -58.83
N LYS B 183 30.60 -3.23 -59.71
CA LYS B 183 31.54 -3.28 -60.83
C LYS B 183 31.33 -2.10 -61.76
N ALA B 184 30.08 -1.81 -62.13
CA ALA B 184 29.81 -0.74 -63.09
C ALA B 184 30.24 0.61 -62.55
N ASP B 185 30.20 0.80 -61.24
CA ASP B 185 30.59 2.07 -60.64
C ASP B 185 32.10 2.20 -60.46
N TYR B 186 32.85 1.13 -60.66
CA TYR B 186 34.28 1.16 -60.34
C TYR B 186 35.07 1.95 -61.37
N GLU B 187 34.79 1.77 -62.65
CA GLU B 187 35.67 2.28 -63.70
C GLU B 187 35.48 3.76 -64.01
N LYS B 188 34.40 4.40 -63.52
CA LYS B 188 34.22 5.81 -63.86
C LYS B 188 35.18 6.71 -63.09
N HIS B 189 35.89 6.19 -62.10
CA HIS B 189 36.80 6.96 -61.28
C HIS B 189 38.25 6.62 -61.64
N LYS B 190 39.17 7.45 -61.16
CA LYS B 190 40.57 7.33 -61.51
C LYS B 190 41.50 7.23 -60.32
N VAL B 191 41.15 7.84 -59.17
CA VAL B 191 41.98 7.82 -57.98
C VAL B 191 41.18 7.17 -56.85
N TYR B 192 41.79 6.18 -56.20
CA TYR B 192 41.23 5.55 -55.01
C TYR B 192 42.27 5.59 -53.91
N ALA B 193 41.86 6.03 -52.72
CA ALA B 193 42.80 6.22 -51.62
C ALA B 193 42.10 5.94 -50.29
N CYS B 194 42.92 5.65 -49.28
CA CYS B 194 42.45 5.52 -47.90
C CYS B 194 43.29 6.42 -47.01
N GLU B 195 42.63 7.10 -46.07
CA GLU B 195 43.28 8.04 -45.18
C GLU B 195 43.22 7.53 -43.75
N VAL B 196 44.31 7.72 -43.02
CA VAL B 196 44.44 7.24 -41.64
C VAL B 196 44.79 8.42 -40.76
N THR B 197 44.00 8.63 -39.71
CA THR B 197 44.27 9.66 -38.70
C THR B 197 44.42 8.97 -37.36
N HIS B 198 45.61 9.07 -36.77
CA HIS B 198 45.90 8.38 -35.52
C HIS B 198 46.93 9.16 -34.74
N GLN B 199 46.96 8.94 -33.43
CA GLN B 199 47.90 9.65 -32.57
C GLN B 199 49.34 9.19 -32.81
N GLY B 200 49.50 8.04 -33.44
CA GLY B 200 50.84 7.51 -33.67
C GLY B 200 51.68 8.40 -34.55
N LEU B 201 51.07 8.99 -35.58
CA LEU B 201 51.77 9.85 -36.52
C LEU B 201 51.23 11.27 -36.41
N SER B 202 52.15 12.24 -36.50
CA SER B 202 51.74 13.64 -36.39
C SER B 202 50.84 14.06 -37.53
N SER B 203 51.12 13.60 -38.75
CA SER B 203 50.35 13.94 -39.93
C SER B 203 49.66 12.70 -40.48
N PRO B 204 48.48 12.85 -41.08
CA PRO B 204 47.79 11.69 -41.64
C PRO B 204 48.43 11.23 -42.94
N VAL B 205 48.57 9.91 -43.07
CA VAL B 205 49.20 9.32 -44.24
C VAL B 205 48.26 9.39 -45.43
N THR B 206 48.78 9.79 -46.58
CA THR B 206 48.02 9.88 -47.82
C THR B 206 48.66 8.93 -48.83
N LYS B 207 48.05 7.76 -49.02
CA LYS B 207 48.55 6.76 -49.94
C LYS B 207 47.41 6.27 -50.81
N SER B 208 47.65 6.20 -52.12
CA SER B 208 46.65 5.82 -53.09
C SER B 208 47.23 4.84 -54.09
N PHE B 209 46.37 4.02 -54.68
CA PHE B 209 46.74 3.11 -55.75
C PHE B 209 46.02 3.51 -57.02
N ASN B 210 46.75 3.50 -58.14
CA ASN B 210 46.22 3.92 -59.42
C ASN B 210 45.55 2.73 -60.12
N ARG B 211 44.29 2.93 -60.53
CA ARG B 211 43.57 1.86 -61.22
C ARG B 211 44.22 1.53 -62.56
N GLY B 212 44.64 2.56 -63.30
CA GLY B 212 45.23 2.35 -64.61
C GLY B 212 46.68 1.95 -64.61
N GLU B 213 47.34 1.96 -63.45
CA GLU B 213 48.75 1.62 -63.35
C GLU B 213 48.88 0.24 -62.69
N CYS B 214 49.69 -0.62 -63.30
CA CYS B 214 49.92 -1.96 -62.76
C CYS B 214 50.68 -1.90 -61.44
N PRO C 327 29.74 -38.42 25.27
CA PRO C 327 29.20 -37.11 24.90
C PRO C 327 30.09 -36.37 23.90
N ASN C 328 30.19 -36.90 22.68
CA ASN C 328 30.95 -36.26 21.62
C ASN C 328 30.36 -34.92 21.18
N ILE C 329 29.06 -34.70 21.44
CA ILE C 329 28.34 -33.50 21.02
C ILE C 329 28.43 -33.36 19.50
N THR C 330 27.63 -34.12 18.77
CA THR C 330 27.67 -34.12 17.31
C THR C 330 26.32 -33.89 16.67
N ASN C 331 25.23 -34.41 17.25
CA ASN C 331 23.92 -34.38 16.62
C ASN C 331 23.15 -33.16 17.10
N LEU C 332 23.43 -32.03 16.45
CA LEU C 332 22.74 -30.79 16.79
C LEU C 332 21.36 -30.72 16.14
N CYS C 333 20.50 -29.91 16.73
CA CYS C 333 19.15 -29.75 16.20
C CYS C 333 19.19 -28.86 14.95
N PRO C 334 18.30 -29.12 13.99
CA PRO C 334 18.25 -28.28 12.77
C PRO C 334 17.52 -26.96 13.01
N PHE C 335 18.13 -26.10 13.81
CA PHE C 335 17.55 -24.80 14.11
C PHE C 335 17.79 -23.77 13.01
N ASP C 336 18.62 -24.09 12.02
CA ASP C 336 18.90 -23.16 10.93
C ASP C 336 17.75 -23.04 9.95
N GLU C 337 17.09 -24.15 9.63
CA GLU C 337 16.02 -24.12 8.63
C GLU C 337 14.85 -23.26 9.09
N VAL C 338 14.51 -23.34 10.39
CA VAL C 338 13.40 -22.53 10.90
C VAL C 338 13.73 -21.04 10.80
N PHE C 339 14.96 -20.67 11.16
CA PHE C 339 15.35 -19.26 11.20
C PHE C 339 15.88 -18.78 9.86
N ASN C 340 16.96 -19.40 9.37
CA ASN C 340 17.57 -19.02 8.11
C ASN C 340 16.72 -19.56 6.96
N ALA C 341 15.59 -18.91 6.75
CA ALA C 341 14.66 -19.27 5.69
C ALA C 341 14.48 -18.09 4.75
N THR C 342 14.46 -18.37 3.45
CA THR C 342 14.31 -17.30 2.46
C THR C 342 12.96 -16.60 2.61
N ARG C 343 11.92 -17.43 2.83
CA ARG C 343 10.53 -16.92 2.93
C ARG C 343 9.85 -17.47 4.18
N PHE C 344 8.95 -16.71 4.80
CA PHE C 344 8.17 -17.18 5.93
C PHE C 344 6.70 -17.25 5.54
N ALA C 345 6.01 -18.25 6.09
CA ALA C 345 4.60 -18.44 5.78
C ALA C 345 3.77 -17.27 6.27
N SER C 346 2.62 -17.06 5.63
CA SER C 346 1.73 -15.98 6.01
C SER C 346 1.15 -16.23 7.39
N VAL C 347 0.75 -15.15 8.05
CA VAL C 347 0.25 -15.25 9.43
C VAL C 347 -1.04 -16.05 9.48
N TYR C 348 -1.91 -15.89 8.46
CA TYR C 348 -3.17 -16.62 8.46
C TYR C 348 -2.98 -18.11 8.24
N ALA C 349 -1.90 -18.52 7.58
CA ALA C 349 -1.58 -19.94 7.37
C ALA C 349 -0.12 -20.13 7.76
N TRP C 350 0.11 -20.39 9.04
CA TRP C 350 1.47 -20.54 9.53
C TRP C 350 1.98 -21.97 9.31
N ASN C 351 3.28 -22.13 9.51
CA ASN C 351 3.95 -23.41 9.30
C ASN C 351 4.31 -24.04 10.63
N ARG C 352 4.12 -25.36 10.72
CA ARG C 352 4.39 -26.12 11.94
C ARG C 352 5.45 -27.18 11.64
N LYS C 353 6.50 -27.18 12.44
CA LYS C 353 7.60 -28.14 12.29
C LYS C 353 7.94 -28.72 13.65
N ARG C 354 8.12 -30.03 13.71
CA ARG C 354 8.51 -30.72 14.94
C ARG C 354 10.00 -31.01 14.93
N ILE C 355 10.62 -30.90 16.11
CA ILE C 355 12.04 -31.13 16.28
C ILE C 355 12.21 -32.17 17.38
N SER C 356 13.00 -33.22 17.09
CA SER C 356 13.19 -34.29 18.06
C SER C 356 14.52 -34.99 17.78
N ASN C 357 14.98 -35.74 18.78
CA ASN C 357 16.18 -36.57 18.69
C ASN C 357 17.41 -35.74 18.31
N CYS C 358 17.71 -34.75 19.14
CA CYS C 358 18.85 -33.87 18.92
C CYS C 358 19.09 -33.09 20.21
N VAL C 359 20.13 -32.24 20.18
CA VAL C 359 20.52 -31.43 21.32
C VAL C 359 20.41 -29.96 20.94
N ALA C 360 19.82 -29.17 21.84
CA ALA C 360 19.59 -27.76 21.56
C ALA C 360 20.87 -26.95 21.64
N ASP C 361 20.90 -25.85 20.89
CA ASP C 361 22.05 -24.96 20.81
C ASP C 361 21.60 -23.51 20.92
N TYR C 362 20.82 -23.22 21.98
CA TYR C 362 20.15 -21.92 22.13
C TYR C 362 21.09 -20.73 21.98
N SER C 363 22.41 -20.92 22.11
CA SER C 363 23.33 -19.81 21.96
C SER C 363 23.21 -19.18 20.58
N VAL C 364 23.05 -20.00 19.54
CA VAL C 364 22.91 -19.53 18.16
C VAL C 364 21.77 -18.53 18.08
N LEU C 365 20.84 -18.60 19.03
CA LEU C 365 19.70 -17.70 19.04
C LEU C 365 20.13 -16.23 19.04
N TYR C 366 21.22 -15.90 19.73
CA TYR C 366 21.70 -14.52 19.75
C TYR C 366 22.87 -14.29 18.82
N ASN C 367 23.03 -15.13 17.80
CA ASN C 367 24.12 -14.92 16.83
C ASN C 367 23.82 -13.77 15.88
N LEU C 368 22.54 -13.47 15.64
CA LEU C 368 22.16 -12.43 14.69
C LEU C 368 21.08 -11.50 15.25
N ALA C 369 20.58 -10.62 14.38
CA ALA C 369 19.50 -9.66 14.65
C ALA C 369 19.95 -8.57 15.62
N PRO C 370 19.69 -7.31 15.31
CA PRO C 370 20.08 -6.23 16.24
C PRO C 370 19.22 -6.18 17.49
N PHE C 371 17.90 -6.21 17.32
CA PHE C 371 16.93 -6.09 18.41
C PHE C 371 15.95 -7.26 18.31
N PHE C 372 16.15 -8.28 19.16
CA PHE C 372 15.34 -9.52 19.12
C PHE C 372 14.87 -9.88 20.51
N THR C 373 13.58 -9.69 20.78
CA THR C 373 13.02 -9.95 22.14
C THR C 373 12.90 -11.45 22.40
N PHE C 374 13.07 -11.90 23.65
CA PHE C 374 12.90 -13.33 24.02
C PHE C 374 12.02 -13.41 25.26
N LYS C 375 10.71 -13.14 25.16
CA LYS C 375 9.84 -13.08 26.36
C LYS C 375 9.36 -14.45 26.75
N CYS C 376 10.21 -15.23 27.41
CA CYS C 376 9.83 -16.63 27.69
C CYS C 376 8.83 -16.72 28.82
N TYR C 377 7.57 -17.02 28.52
CA TYR C 377 6.65 -17.21 29.63
C TYR C 377 6.57 -18.69 30.02
N GLY C 378 6.47 -18.95 31.33
CA GLY C 378 6.26 -20.27 31.84
C GLY C 378 7.52 -21.02 32.24
N VAL C 379 8.69 -20.59 31.77
CA VAL C 379 9.96 -21.22 32.12
C VAL C 379 10.99 -20.13 32.37
N SER C 380 12.08 -20.52 33.02
CA SER C 380 13.17 -19.59 33.26
C SER C 380 13.87 -19.25 31.94
N PRO C 381 14.03 -17.97 31.54
CA PRO C 381 14.57 -17.72 30.22
C PRO C 381 16.01 -18.22 30.09
N THR C 382 16.82 -18.15 31.16
CA THR C 382 18.22 -18.50 31.04
C THR C 382 18.56 -19.87 31.61
N LYS C 383 17.58 -20.61 32.10
CA LYS C 383 17.79 -21.93 32.69
C LYS C 383 17.09 -23.02 31.89
N LEU C 384 17.16 -22.95 30.56
CA LEU C 384 16.49 -23.91 29.69
C LEU C 384 17.40 -25.01 29.18
N ASN C 385 18.71 -24.79 29.16
CA ASN C 385 19.63 -25.79 28.62
C ASN C 385 19.65 -27.06 29.47
N ASP C 386 19.62 -26.91 30.80
CA ASP C 386 19.90 -28.05 31.67
C ASP C 386 18.79 -29.10 31.63
N LEU C 387 17.53 -28.69 31.71
CA LEU C 387 16.44 -29.65 31.86
C LEU C 387 15.98 -30.17 30.51
N CYS C 388 15.60 -31.45 30.48
CA CYS C 388 15.26 -32.15 29.25
C CYS C 388 13.75 -32.15 29.03
N PHE C 389 13.37 -32.05 27.76
CA PHE C 389 11.97 -31.96 27.34
C PHE C 389 11.62 -33.10 26.39
N THR C 390 10.34 -33.45 26.37
CA THR C 390 9.86 -34.51 25.48
C THR C 390 9.97 -34.09 24.02
N ASN C 391 9.43 -32.93 23.67
CA ASN C 391 9.42 -32.46 22.29
C ASN C 391 9.27 -30.95 22.28
N VAL C 392 9.64 -30.37 21.15
CA VAL C 392 9.53 -28.92 20.94
C VAL C 392 8.83 -28.68 19.60
N TYR C 393 7.95 -27.69 19.58
CA TYR C 393 7.21 -27.32 18.39
C TYR C 393 7.60 -25.91 17.96
N ALA C 394 7.79 -25.73 16.65
CA ALA C 394 8.22 -24.46 16.09
C ALA C 394 7.19 -23.95 15.09
N ASP C 395 6.71 -22.73 15.32
CA ASP C 395 5.79 -22.05 14.42
C ASP C 395 6.34 -20.66 14.12
N SER C 396 6.07 -20.16 12.92
CA SER C 396 6.62 -18.88 12.49
C SER C 396 5.66 -18.18 11.56
N PHE C 397 5.77 -16.86 11.51
CA PHE C 397 4.92 -16.03 10.65
C PHE C 397 5.52 -14.62 10.59
N VAL C 398 4.82 -13.73 9.89
CA VAL C 398 5.22 -12.33 9.75
C VAL C 398 4.02 -11.46 10.11
N ILE C 399 4.27 -10.45 10.94
CA ILE C 399 3.23 -9.58 11.48
C ILE C 399 3.77 -8.15 11.58
N ARG C 400 2.88 -7.22 11.91
CA ARG C 400 3.22 -5.81 11.96
C ARG C 400 3.89 -5.46 13.28
N GLY C 401 4.02 -4.17 13.56
CA GLY C 401 4.69 -3.69 14.75
C GLY C 401 3.98 -3.97 16.05
N ASP C 402 2.79 -3.39 16.24
CA ASP C 402 2.05 -3.59 17.48
C ASP C 402 1.59 -5.04 17.65
N GLU C 403 1.56 -5.82 16.57
CA GLU C 403 1.11 -7.19 16.66
C GLU C 403 2.06 -8.06 17.48
N VAL C 404 3.35 -7.69 17.53
CA VAL C 404 4.28 -8.44 18.38
C VAL C 404 3.92 -8.23 19.84
N ARG C 405 3.42 -7.04 20.19
CA ARG C 405 2.87 -6.84 21.53
C ARG C 405 1.57 -7.61 21.71
N GLN C 406 0.73 -7.65 20.67
CA GLN C 406 -0.55 -8.34 20.76
C GLN C 406 -0.39 -9.85 20.84
N ILE C 407 0.78 -10.40 20.48
CA ILE C 407 0.97 -11.85 20.48
C ILE C 407 1.15 -12.42 21.87
N ALA C 408 1.27 -11.58 22.90
CA ALA C 408 1.47 -12.08 24.25
C ALA C 408 0.25 -12.90 24.69
N PRO C 409 0.44 -13.98 25.44
CA PRO C 409 -0.68 -14.81 25.84
C PRO C 409 -1.68 -14.05 26.71
N GLY C 410 -2.96 -14.34 26.50
CA GLY C 410 -4.02 -13.76 27.29
C GLY C 410 -4.52 -12.41 26.82
N GLN C 411 -3.84 -11.77 25.88
CA GLN C 411 -4.24 -10.47 25.39
C GLN C 411 -5.24 -10.63 24.25
N THR C 412 -6.20 -9.71 24.17
CA THR C 412 -7.26 -9.77 23.18
C THR C 412 -6.99 -8.80 22.05
N GLY C 413 -6.99 -9.30 20.82
CA GLY C 413 -6.81 -8.48 19.64
C GLY C 413 -7.34 -9.20 18.43
N ASN C 414 -7.60 -8.42 17.37
CA ASN C 414 -8.20 -8.99 16.16
C ASN C 414 -7.32 -10.09 15.58
N ILE C 415 -6.03 -9.81 15.37
CA ILE C 415 -5.12 -10.84 14.92
C ILE C 415 -4.97 -11.93 15.98
N ALA C 416 -4.97 -11.54 17.26
CA ALA C 416 -4.79 -12.50 18.33
C ALA C 416 -5.94 -13.51 18.38
N ASP C 417 -7.18 -13.03 18.29
CA ASP C 417 -8.33 -13.92 18.40
C ASP C 417 -8.82 -14.41 17.05
N TYR C 418 -8.16 -14.04 15.95
CA TYR C 418 -8.57 -14.51 14.63
C TYR C 418 -7.52 -15.33 13.89
N ASN C 419 -6.26 -15.32 14.32
CA ASN C 419 -5.22 -16.02 13.58
C ASN C 419 -4.46 -17.06 14.40
N TYR C 420 -3.96 -16.72 15.58
CA TYR C 420 -3.11 -17.65 16.33
C TYR C 420 -3.74 -18.07 17.66
N LYS C 421 -4.12 -17.12 18.51
CA LYS C 421 -4.80 -17.41 19.78
C LYS C 421 -3.97 -18.34 20.67
N LEU C 422 -2.86 -17.78 21.14
CA LEU C 422 -2.02 -18.50 22.09
C LEU C 422 -2.83 -18.86 23.34
N PRO C 423 -2.73 -20.08 23.84
CA PRO C 423 -3.51 -20.48 25.02
C PRO C 423 -3.00 -19.79 26.28
N ASP C 424 -3.90 -19.72 27.27
CA ASP C 424 -3.56 -19.05 28.53
C ASP C 424 -2.46 -19.79 29.28
N ASP C 425 -2.52 -21.12 29.30
CA ASP C 425 -1.50 -21.92 29.99
C ASP C 425 -0.42 -22.29 28.99
N PHE C 426 0.40 -21.29 28.64
CA PHE C 426 1.45 -21.44 27.65
C PHE C 426 2.81 -21.43 28.33
N THR C 427 3.65 -22.38 27.96
CA THR C 427 5.02 -22.51 28.48
C THR C 427 5.96 -22.58 27.30
N GLY C 428 6.39 -21.42 26.80
CA GLY C 428 7.27 -21.39 25.65
C GLY C 428 7.77 -19.97 25.42
N CYS C 429 8.68 -19.83 24.46
CA CYS C 429 9.32 -18.52 24.18
C CYS C 429 8.78 -17.90 22.90
N VAL C 430 8.84 -16.57 22.75
CA VAL C 430 8.41 -15.92 21.48
C VAL C 430 9.50 -14.96 20.99
N ILE C 431 10.03 -15.17 19.79
CA ILE C 431 11.15 -14.34 19.27
C ILE C 431 10.61 -13.48 18.12
N ALA C 432 10.67 -12.16 18.23
CA ALA C 432 10.18 -11.22 17.23
C ALA C 432 11.31 -10.27 16.86
N TRP C 433 11.62 -10.19 15.56
CA TRP C 433 12.73 -9.35 15.12
C TRP C 433 12.36 -8.63 13.83
N ASN C 434 12.94 -7.44 13.67
CA ASN C 434 12.66 -6.62 12.50
C ASN C 434 13.22 -7.26 11.24
N SER C 435 12.46 -7.16 10.15
CA SER C 435 12.85 -7.73 8.87
C SER C 435 12.54 -6.76 7.74
N ASN C 436 12.75 -5.46 8.00
CA ASN C 436 12.48 -4.46 6.97
C ASN C 436 13.42 -4.62 5.78
N LYS C 437 14.69 -4.97 6.04
CA LYS C 437 15.65 -5.12 4.96
C LYS C 437 15.32 -6.31 4.05
N LEU C 438 14.62 -7.31 4.58
CA LEU C 438 14.41 -8.56 3.86
C LEU C 438 12.99 -8.76 3.36
N ASP C 439 12.03 -7.94 3.79
CA ASP C 439 10.63 -8.18 3.43
C ASP C 439 9.91 -6.89 3.06
N SER C 440 10.60 -5.93 2.45
CA SER C 440 10.00 -4.67 2.03
C SER C 440 10.20 -4.48 0.54
N LYS C 441 9.15 -4.04 -0.15
CA LYS C 441 9.18 -3.78 -1.58
C LYS C 441 8.84 -2.32 -1.84
N VAL C 442 9.57 -1.70 -2.77
CA VAL C 442 9.35 -0.30 -3.08
C VAL C 442 7.95 -0.08 -3.62
N SER C 443 7.53 -0.91 -4.57
CA SER C 443 6.17 -0.83 -5.09
C SER C 443 5.16 -1.27 -4.04
N GLY C 444 5.51 -2.29 -3.24
CA GLY C 444 4.61 -2.81 -2.22
C GLY C 444 4.43 -4.30 -2.34
N ASN C 445 4.75 -5.03 -1.26
CA ASN C 445 4.66 -6.47 -1.29
C ASN C 445 3.21 -6.94 -1.27
N TYR C 446 2.94 -8.02 -1.97
CA TYR C 446 1.62 -8.63 -2.01
C TYR C 446 1.62 -10.10 -1.62
N ASN C 447 2.78 -10.58 -1.15
CA ASN C 447 2.93 -12.04 -0.86
C ASN C 447 2.51 -12.38 0.57
N TYR C 448 1.97 -11.41 1.33
CA TYR C 448 1.54 -11.63 2.70
C TYR C 448 0.08 -11.25 2.84
N LEU C 449 -0.69 -12.13 3.46
CA LEU C 449 -2.13 -11.94 3.65
C LEU C 449 -2.46 -12.13 5.12
N TYR C 450 -3.55 -11.51 5.56
CA TYR C 450 -4.05 -11.71 6.91
C TYR C 450 -5.56 -11.58 6.93
N ARG C 451 -6.21 -12.36 7.78
CA ARG C 451 -7.66 -12.38 7.85
C ARG C 451 -8.17 -11.14 8.59
N LEU C 452 -9.33 -10.65 8.16
CA LEU C 452 -9.94 -9.46 8.74
C LEU C 452 -10.99 -9.79 9.80
N PHE C 453 -11.96 -10.62 9.47
CA PHE C 453 -13.04 -10.93 10.40
C PHE C 453 -13.48 -12.38 10.22
N ARG C 454 -13.94 -12.98 11.31
CA ARG C 454 -14.45 -14.34 11.30
C ARG C 454 -15.70 -14.39 12.18
N LYS C 455 -16.57 -15.35 11.89
CA LYS C 455 -17.83 -15.46 12.63
C LYS C 455 -17.58 -15.72 14.11
N SER C 456 -16.62 -16.59 14.43
CA SER C 456 -16.35 -16.96 15.81
C SER C 456 -14.85 -16.91 16.08
N ASN C 457 -14.50 -16.83 17.35
CA ASN C 457 -13.10 -16.81 17.75
C ASN C 457 -12.47 -18.19 17.53
N LEU C 458 -11.14 -18.22 17.59
CA LEU C 458 -10.37 -19.43 17.33
C LEU C 458 -10.00 -20.13 18.62
N LYS C 459 -10.10 -21.44 18.62
CA LYS C 459 -9.54 -22.23 19.71
C LYS C 459 -8.02 -22.21 19.63
N PRO C 460 -7.32 -22.40 20.75
CA PRO C 460 -5.85 -22.37 20.72
C PRO C 460 -5.28 -23.42 19.78
N PHE C 461 -4.23 -23.03 19.06
CA PHE C 461 -3.51 -23.90 18.13
C PHE C 461 -4.47 -24.49 17.08
N GLU C 462 -5.10 -23.59 16.32
CA GLU C 462 -6.00 -23.96 15.25
C GLU C 462 -5.57 -23.29 13.95
N ARG C 463 -5.67 -24.04 12.86
CA ARG C 463 -5.28 -23.55 11.54
C ARG C 463 -6.52 -23.32 10.69
N ASP C 464 -6.64 -22.13 10.12
CA ASP C 464 -7.75 -21.79 9.24
C ASP C 464 -7.20 -21.24 7.93
N ILE C 465 -7.56 -21.88 6.82
CA ILE C 465 -7.10 -21.46 5.50
C ILE C 465 -8.30 -21.30 4.57
N SER C 466 -9.49 -21.22 5.14
CA SER C 466 -10.70 -21.10 4.34
C SER C 466 -10.73 -19.76 3.60
N THR C 467 -11.13 -19.81 2.32
CA THR C 467 -11.20 -18.62 1.48
C THR C 467 -12.63 -18.34 1.03
N GLU C 468 -13.62 -18.90 1.71
CA GLU C 468 -15.01 -18.67 1.33
C GLU C 468 -15.43 -17.24 1.68
N ILE C 469 -16.45 -16.76 0.98
CA ILE C 469 -16.95 -15.41 1.23
C ILE C 469 -17.62 -15.34 2.60
N TYR C 470 -17.77 -14.12 3.10
CA TYR C 470 -18.30 -13.87 4.42
C TYR C 470 -19.73 -13.34 4.33
N GLN C 471 -20.64 -14.00 5.05
CA GLN C 471 -22.04 -13.59 5.11
C GLN C 471 -22.27 -12.86 6.42
N ALA C 472 -21.94 -11.57 6.43
CA ALA C 472 -22.11 -10.76 7.64
C ALA C 472 -23.57 -10.66 8.04
N GLY C 473 -24.46 -10.47 7.05
CA GLY C 473 -25.88 -10.38 7.33
C GLY C 473 -26.57 -11.74 7.24
N ASN C 474 -27.88 -11.72 7.49
CA ASN C 474 -28.66 -12.94 7.45
C ASN C 474 -28.87 -13.41 6.01
N LYS C 475 -29.03 -12.48 5.08
CA LYS C 475 -29.27 -12.86 3.69
C LYS C 475 -28.02 -13.51 3.10
N PRO C 476 -28.18 -14.62 2.37
CA PRO C 476 -27.01 -15.30 1.82
C PRO C 476 -26.29 -14.45 0.78
N CYS C 477 -24.97 -14.61 0.72
CA CYS C 477 -24.17 -13.90 -0.26
C CYS C 477 -24.18 -14.59 -1.62
N ASN C 478 -24.44 -15.90 -1.63
CA ASN C 478 -24.47 -16.70 -2.86
C ASN C 478 -23.13 -16.65 -3.61
N GLY C 479 -22.04 -16.49 -2.87
CA GLY C 479 -20.71 -16.58 -3.47
C GLY C 479 -20.32 -15.43 -4.37
N VAL C 480 -20.96 -14.27 -4.22
CA VAL C 480 -20.63 -13.09 -5.02
C VAL C 480 -20.37 -11.92 -4.07
N ALA C 481 -19.34 -11.14 -4.36
CA ALA C 481 -18.99 -10.00 -3.53
C ALA C 481 -19.95 -8.83 -3.79
N GLY C 482 -19.94 -7.89 -2.87
CA GLY C 482 -20.80 -6.71 -2.98
C GLY C 482 -21.08 -6.13 -1.60
N PHE C 483 -22.26 -5.51 -1.49
CA PHE C 483 -22.69 -4.98 -0.21
C PHE C 483 -22.95 -6.11 0.77
N ASN C 484 -22.49 -5.92 2.02
CA ASN C 484 -22.69 -6.86 3.11
C ASN C 484 -22.02 -8.21 2.82
N CYS C 485 -21.11 -8.25 1.85
CA CYS C 485 -20.42 -9.48 1.49
C CYS C 485 -18.99 -9.10 1.11
N TYR C 486 -18.03 -9.47 1.95
CA TYR C 486 -16.67 -8.97 1.82
C TYR C 486 -15.68 -10.13 1.77
N PHE C 487 -14.56 -9.90 1.09
CA PHE C 487 -13.48 -10.88 1.06
C PHE C 487 -12.78 -10.93 2.41
N PRO C 488 -12.46 -12.11 2.91
CA PRO C 488 -11.98 -12.23 4.30
C PRO C 488 -10.50 -11.93 4.50
N LEU C 489 -9.72 -11.93 3.43
CA LEU C 489 -8.27 -11.77 3.53
C LEU C 489 -7.87 -10.44 2.91
N ARG C 490 -7.09 -9.66 3.65
CA ARG C 490 -6.55 -8.38 3.15
C ARG C 490 -5.04 -8.44 3.24
N SER C 491 -4.37 -8.01 2.18
CA SER C 491 -2.91 -8.02 2.15
C SER C 491 -2.35 -6.79 2.85
N TYR C 492 -1.10 -6.91 3.30
CA TYR C 492 -0.39 -5.78 3.85
C TYR C 492 0.22 -4.96 2.69
N SER C 493 0.96 -3.91 3.01
CA SER C 493 1.68 -3.15 1.99
C SER C 493 2.97 -2.64 2.66
N PHE C 494 4.05 -3.41 2.51
CA PHE C 494 5.31 -3.10 3.16
C PHE C 494 6.15 -2.24 2.23
N ARG C 495 6.37 -0.99 2.62
CA ARG C 495 7.19 -0.06 1.86
C ARG C 495 8.23 0.58 2.77
N PRO C 496 9.42 0.87 2.26
CA PRO C 496 10.47 1.47 3.11
C PRO C 496 10.07 2.82 3.69
N THR C 497 9.25 3.60 2.98
CA THR C 497 8.89 4.93 3.46
C THR C 497 8.02 4.88 4.71
N TYR C 498 7.44 3.73 5.03
CA TYR C 498 6.59 3.64 6.22
C TYR C 498 7.44 3.65 7.49
N GLY C 499 6.78 3.93 8.62
CA GLY C 499 7.44 4.02 9.89
C GLY C 499 7.71 2.67 10.52
N VAL C 500 8.25 2.71 11.73
CA VAL C 500 8.60 1.49 12.45
C VAL C 500 7.35 0.69 12.79
N GLY C 501 6.24 1.37 13.10
CA GLY C 501 5.03 0.66 13.47
C GLY C 501 4.49 -0.22 12.36
N HIS C 502 4.56 0.26 11.12
CA HIS C 502 4.06 -0.49 9.98
C HIS C 502 5.13 -1.33 9.29
N GLN C 503 6.36 -1.31 9.78
CA GLN C 503 7.41 -2.11 9.19
C GLN C 503 7.20 -3.59 9.51
N PRO C 504 7.59 -4.49 8.62
CA PRO C 504 7.37 -5.92 8.86
C PRO C 504 8.24 -6.45 9.99
N TYR C 505 7.72 -7.49 10.66
CA TYR C 505 8.44 -8.16 11.74
C TYR C 505 8.23 -9.66 11.59
N ARG C 506 9.28 -10.44 11.82
CA ARG C 506 9.21 -11.89 11.73
C ARG C 506 9.17 -12.47 13.15
N VAL C 507 8.25 -13.40 13.38
CA VAL C 507 8.02 -13.96 14.70
C VAL C 507 8.08 -15.48 14.61
N VAL C 508 8.83 -16.09 15.52
CA VAL C 508 8.90 -17.54 15.64
C VAL C 508 8.64 -17.92 17.09
N VAL C 509 7.77 -18.90 17.31
CA VAL C 509 7.36 -19.31 18.65
C VAL C 509 7.77 -20.76 18.87
N LEU C 510 8.42 -21.02 20.00
CA LEU C 510 8.81 -22.36 20.41
C LEU C 510 7.98 -22.76 21.62
N SER C 511 7.26 -23.86 21.49
CA SER C 511 6.37 -24.36 22.55
C SER C 511 6.87 -25.72 23.00
N PHE C 512 7.30 -25.81 24.26
CA PHE C 512 7.86 -27.04 24.79
C PHE C 512 6.77 -27.94 25.34
N GLU C 513 7.03 -29.24 25.34
CA GLU C 513 6.06 -30.23 25.78
C GLU C 513 6.74 -31.27 26.67
N LEU C 514 5.94 -31.90 27.52
CA LEU C 514 6.42 -32.95 28.41
C LEU C 514 5.42 -34.10 28.40
N LEU C 515 5.87 -35.28 27.98
CA LEU C 515 5.00 -36.45 27.88
C LEU C 515 5.68 -37.68 28.47
N HIS C 516 5.09 -38.86 28.24
CA HIS C 516 5.65 -40.10 28.75
C HIS C 516 6.93 -40.54 28.05
N ALA C 517 7.31 -39.87 26.96
CA ALA C 517 8.51 -40.22 26.24
C ALA C 517 9.74 -39.92 27.09
N PRO C 518 10.89 -40.56 26.79
CA PRO C 518 12.08 -40.40 27.63
C PRO C 518 12.79 -39.07 27.47
N ALA C 519 12.17 -38.06 26.87
CA ALA C 519 12.71 -36.70 26.78
C ALA C 519 14.08 -36.68 26.07
N THR C 520 14.02 -36.98 24.78
CA THR C 520 15.20 -37.05 23.93
C THR C 520 15.60 -35.70 23.35
N VAL C 521 15.20 -34.60 23.98
CA VAL C 521 15.53 -33.25 23.51
C VAL C 521 16.43 -32.61 24.58
N CYS C 522 17.27 -33.43 25.20
CA CYS C 522 18.16 -32.96 26.26
C CYS C 522 19.08 -31.87 25.73
N GLY C 523 19.35 -30.87 26.58
CA GLY C 523 20.19 -29.76 26.20
C GLY C 523 21.66 -30.12 26.28
N PRO C 524 22.50 -29.15 25.93
CA PRO C 524 23.94 -29.40 25.89
C PRO C 524 24.52 -29.63 27.28
N LYS C 525 25.60 -30.40 27.32
CA LYS C 525 26.33 -30.70 28.54
C LYS C 525 27.77 -30.26 28.40
N LYS C 526 28.32 -29.67 29.46
CA LYS C 526 29.68 -29.14 29.45
C LYS C 526 30.54 -29.92 30.44
N SER C 527 31.72 -30.32 29.98
CA SER C 527 32.69 -31.06 30.81
C SER C 527 32.09 -32.34 31.39
N PRO D 327 3.03 -16.12 86.21
CA PRO D 327 3.51 -14.96 85.45
C PRO D 327 2.50 -13.80 85.43
N ASN D 328 2.84 -12.71 86.10
CA ASN D 328 1.98 -11.54 86.17
C ASN D 328 2.11 -10.72 84.89
N ILE D 329 1.59 -9.49 84.92
CA ILE D 329 1.61 -8.54 83.80
C ILE D 329 0.67 -9.05 82.71
N THR D 330 -0.41 -8.29 82.47
CA THR D 330 -1.48 -8.74 81.58
C THR D 330 -1.76 -7.77 80.45
N ASN D 331 -0.76 -7.00 80.03
CA ASN D 331 -0.94 -6.10 78.89
C ASN D 331 -1.05 -6.92 77.60
N LEU D 332 -2.06 -6.60 76.79
CA LEU D 332 -2.32 -7.36 75.58
C LEU D 332 -1.29 -7.04 74.50
N CYS D 333 -0.88 -8.08 73.77
CA CYS D 333 0.04 -7.90 72.67
C CYS D 333 -0.65 -7.21 71.50
N PRO D 334 0.08 -6.42 70.70
CA PRO D 334 -0.53 -5.78 69.52
C PRO D 334 -0.68 -6.74 68.36
N PHE D 335 -1.62 -7.67 68.51
CA PHE D 335 -1.92 -8.66 67.47
C PHE D 335 -2.98 -8.19 66.50
N ASP D 336 -3.14 -6.87 66.33
CA ASP D 336 -4.07 -6.32 65.36
C ASP D 336 -3.40 -5.45 64.30
N GLU D 337 -2.20 -4.94 64.56
CA GLU D 337 -1.54 -4.08 63.58
C GLU D 337 -1.02 -4.88 62.39
N VAL D 338 -0.39 -6.03 62.65
CA VAL D 338 0.21 -6.80 61.57
C VAL D 338 -0.85 -7.42 60.67
N PHE D 339 -1.87 -8.04 61.28
CA PHE D 339 -2.91 -8.70 60.49
C PHE D 339 -3.86 -7.69 59.83
N ASN D 340 -4.20 -6.62 60.54
CA ASN D 340 -5.08 -5.58 60.01
C ASN D 340 -4.21 -4.38 59.68
N ALA D 341 -3.72 -4.34 58.45
CA ALA D 341 -2.91 -3.23 57.96
C ALA D 341 -3.44 -2.78 56.60
N THR D 342 -3.24 -1.49 56.31
CA THR D 342 -3.74 -0.94 55.06
C THR D 342 -3.06 -1.58 53.85
N ARG D 343 -1.75 -1.77 53.91
CA ARG D 343 -1.00 -2.33 52.80
C ARG D 343 0.07 -3.27 53.33
N PHE D 344 0.46 -4.23 52.48
CA PHE D 344 1.53 -5.16 52.77
C PHE D 344 2.66 -4.95 51.77
N ALA D 345 3.89 -5.12 52.24
CA ALA D 345 5.05 -4.95 51.39
C ALA D 345 5.17 -6.13 50.42
N SER D 346 6.12 -6.01 49.49
CA SER D 346 6.34 -7.05 48.50
C SER D 346 6.90 -8.31 49.17
N VAL D 347 6.79 -9.43 48.44
CA VAL D 347 7.23 -10.71 48.97
C VAL D 347 8.74 -10.72 49.19
N TYR D 348 9.50 -10.06 48.30
CA TYR D 348 10.94 -10.04 48.45
C TYR D 348 11.37 -9.25 49.68
N ALA D 349 10.64 -8.19 50.02
CA ALA D 349 10.94 -7.35 51.16
C ALA D 349 9.86 -7.57 52.22
N TRP D 350 10.06 -8.59 53.04
CA TRP D 350 9.14 -8.91 54.13
C TRP D 350 9.61 -8.27 55.43
N ASN D 351 8.66 -8.07 56.34
CA ASN D 351 8.91 -7.41 57.61
C ASN D 351 8.83 -8.40 58.77
N ARG D 352 9.59 -8.08 59.83
CA ARG D 352 9.65 -8.90 61.03
C ARG D 352 9.37 -8.04 62.24
N LYS D 353 8.39 -8.43 63.04
CA LYS D 353 8.04 -7.71 64.26
C LYS D 353 8.32 -8.62 65.45
N ARG D 354 9.12 -8.14 66.40
CA ARG D 354 9.41 -8.90 67.62
C ARG D 354 8.40 -8.50 68.68
N ILE D 355 7.60 -9.45 69.15
CA ILE D 355 6.58 -9.18 70.15
C ILE D 355 7.03 -9.79 71.47
N SER D 356 7.05 -8.96 72.53
CA SER D 356 7.50 -9.42 73.84
C SER D 356 6.88 -8.53 74.91
N ASN D 357 6.95 -9.01 76.16
CA ASN D 357 6.46 -8.28 77.33
C ASN D 357 4.97 -7.98 77.21
N CYS D 358 4.19 -9.04 77.03
CA CYS D 358 2.74 -8.93 76.90
C CYS D 358 2.15 -10.33 77.03
N VAL D 359 0.83 -10.42 76.90
CA VAL D 359 0.10 -11.68 77.01
C VAL D 359 -0.58 -11.96 75.67
N ALA D 360 -0.41 -13.17 75.18
CA ALA D 360 -0.94 -13.53 73.86
C ALA D 360 -2.46 -13.72 73.92
N ASP D 361 -3.10 -13.49 72.78
CA ASP D 361 -4.54 -13.70 72.61
C ASP D 361 -4.75 -14.36 71.25
N TYR D 362 -4.75 -15.69 71.24
CA TYR D 362 -4.83 -16.44 69.99
C TYR D 362 -6.23 -16.53 69.42
N SER D 363 -7.26 -16.24 70.23
CA SER D 363 -8.63 -16.38 69.74
C SER D 363 -8.94 -15.39 68.62
N VAL D 364 -8.42 -14.16 68.71
CA VAL D 364 -8.72 -13.13 67.73
C VAL D 364 -8.19 -13.52 66.36
N LEU D 365 -7.08 -14.26 66.32
CA LEU D 365 -6.46 -14.61 65.04
C LEU D 365 -7.40 -15.44 64.17
N TYR D 366 -8.05 -16.43 64.75
CA TYR D 366 -8.95 -17.30 64.00
C TYR D 366 -10.42 -16.95 64.17
N ASN D 367 -10.74 -15.93 64.96
CA ASN D 367 -12.14 -15.56 65.16
C ASN D 367 -12.63 -14.59 64.09
N LEU D 368 -11.95 -13.46 63.91
CA LEU D 368 -12.43 -12.43 63.00
C LEU D 368 -12.16 -12.81 61.54
N ALA D 369 -10.90 -12.98 61.18
CA ALA D 369 -10.53 -13.24 59.79
C ALA D 369 -10.83 -14.69 59.43
N PRO D 370 -11.54 -14.94 58.34
CA PRO D 370 -11.72 -16.32 57.87
C PRO D 370 -10.37 -16.93 57.50
N PHE D 371 -9.99 -17.99 58.21
CA PHE D 371 -8.66 -18.56 58.13
C PHE D 371 -8.67 -19.86 57.35
N PHE D 372 -7.77 -19.96 56.37
CA PHE D 372 -7.57 -21.17 55.58
C PHE D 372 -6.12 -21.62 55.71
N THR D 373 -5.93 -22.94 55.70
CA THR D 373 -4.59 -23.55 55.76
C THR D 373 -3.84 -23.13 57.02
N PHE D 374 -4.37 -23.57 58.16
CA PHE D 374 -3.76 -23.31 59.46
C PHE D 374 -2.94 -24.49 59.96
N LYS D 375 -2.27 -25.20 59.04
CA LYS D 375 -1.48 -26.37 59.40
C LYS D 375 -0.21 -25.93 60.10
N CYS D 376 -0.26 -25.93 61.44
CA CYS D 376 0.92 -25.60 62.23
C CYS D 376 1.96 -26.72 62.10
N TYR D 377 3.23 -26.32 62.14
CA TYR D 377 4.34 -27.24 61.95
C TYR D 377 5.03 -27.50 63.28
N GLY D 378 4.95 -28.75 63.75
CA GLY D 378 5.65 -29.18 64.94
C GLY D 378 4.95 -28.90 66.25
N VAL D 379 3.88 -28.09 66.25
CA VAL D 379 3.15 -27.75 67.46
C VAL D 379 1.67 -27.92 67.19
N SER D 380 0.97 -28.62 68.07
CA SER D 380 -0.46 -28.78 67.93
C SER D 380 -1.15 -27.43 68.13
N PRO D 381 -2.04 -27.01 67.23
CA PRO D 381 -2.71 -25.71 67.40
C PRO D 381 -3.58 -25.63 68.63
N THR D 382 -4.01 -26.77 69.19
CA THR D 382 -4.88 -26.77 70.36
C THR D 382 -4.15 -26.52 71.66
N LYS D 383 -2.81 -26.59 71.67
CA LYS D 383 -2.02 -26.37 72.88
C LYS D 383 -1.21 -25.08 72.80
N LEU D 384 -1.67 -24.12 72.00
CA LEU D 384 -0.95 -22.84 71.88
C LEU D 384 -1.16 -21.95 73.10
N ASN D 385 -2.30 -22.09 73.78
CA ASN D 385 -2.65 -21.16 74.84
C ASN D 385 -1.92 -21.48 76.14
N ASP D 386 -2.05 -22.72 76.62
CA ASP D 386 -1.57 -23.06 77.96
C ASP D 386 -0.05 -22.90 78.07
N LEU D 387 0.69 -23.34 77.06
CA LEU D 387 2.14 -23.37 77.15
C LEU D 387 2.73 -21.96 77.10
N CYS D 388 3.84 -21.78 77.81
CA CYS D 388 4.61 -20.54 77.76
C CYS D 388 5.80 -20.70 76.82
N PHE D 389 6.07 -19.67 76.05
CA PHE D 389 7.10 -19.62 75.02
C PHE D 389 8.16 -18.59 75.39
N THR D 390 9.17 -18.47 74.53
CA THR D 390 10.30 -17.57 74.77
C THR D 390 10.11 -16.22 74.08
N ASN D 391 9.98 -16.24 72.75
CA ASN D 391 9.82 -15.03 71.97
C ASN D 391 9.02 -15.35 70.72
N VAL D 392 8.41 -14.33 70.14
CA VAL D 392 7.57 -14.49 68.96
C VAL D 392 7.89 -13.42 67.93
N TYR D 393 7.96 -13.84 66.67
CA TYR D 393 8.22 -12.97 65.53
C TYR D 393 7.02 -13.05 64.58
N ALA D 394 6.56 -11.90 64.11
CA ALA D 394 5.42 -11.79 63.22
C ALA D 394 5.88 -11.35 61.84
N ASP D 395 5.36 -12.02 60.81
CA ASP D 395 5.64 -11.72 59.42
C ASP D 395 4.35 -11.74 58.64
N SER D 396 4.32 -10.99 57.53
CA SER D 396 3.14 -10.94 56.68
C SER D 396 3.56 -10.51 55.29
N PHE D 397 2.89 -11.06 54.28
CA PHE D 397 3.18 -10.74 52.88
C PHE D 397 1.99 -11.18 52.03
N VAL D 398 2.16 -11.09 50.71
CA VAL D 398 1.13 -11.48 49.75
C VAL D 398 1.73 -12.48 48.77
N ILE D 399 1.01 -13.57 48.52
CA ILE D 399 1.50 -14.68 47.73
C ILE D 399 0.51 -14.98 46.61
N ARG D 400 1.04 -15.33 45.44
CA ARG D 400 0.22 -15.82 44.34
C ARG D 400 -0.58 -17.04 44.76
N GLY D 401 -1.84 -17.09 44.33
CA GLY D 401 -2.74 -18.13 44.82
C GLY D 401 -2.26 -19.53 44.52
N ASP D 402 -1.76 -19.76 43.30
CA ASP D 402 -1.26 -21.09 42.96
C ASP D 402 -0.01 -21.43 43.75
N GLU D 403 0.86 -20.45 43.97
CA GLU D 403 2.11 -20.65 44.69
C GLU D 403 1.94 -20.56 46.20
N VAL D 404 0.71 -20.69 46.71
CA VAL D 404 0.49 -20.61 48.16
C VAL D 404 1.12 -21.80 48.88
N ARG D 405 1.32 -22.93 48.18
CA ARG D 405 1.94 -24.10 48.80
C ARG D 405 3.43 -23.92 49.03
N GLN D 406 4.04 -22.85 48.49
CA GLN D 406 5.48 -22.64 48.65
C GLN D 406 5.87 -22.44 50.10
N ILE D 407 4.94 -22.04 50.97
CA ILE D 407 5.25 -21.79 52.39
C ILE D 407 5.10 -23.13 53.09
N ALA D 408 6.16 -23.93 53.03
CA ALA D 408 6.20 -25.24 53.66
C ALA D 408 7.64 -25.75 53.69
N PRO D 409 8.11 -26.27 54.83
CA PRO D 409 9.47 -26.80 54.89
C PRO D 409 9.64 -28.01 53.98
N GLY D 410 10.85 -28.14 53.43
CA GLY D 410 11.19 -29.27 52.59
C GLY D 410 10.71 -29.18 51.15
N GLN D 411 10.07 -28.08 50.76
CA GLN D 411 9.57 -27.92 49.41
C GLN D 411 10.31 -26.78 48.72
N THR D 412 10.64 -26.98 47.44
CA THR D 412 11.38 -26.01 46.66
C THR D 412 10.46 -25.24 45.74
N GLY D 413 11.04 -24.31 45.00
CA GLY D 413 10.30 -23.47 44.09
C GLY D 413 11.00 -22.14 43.88
N ASN D 414 10.53 -21.41 42.88
CA ASN D 414 11.14 -20.11 42.57
C ASN D 414 11.02 -19.15 43.75
N ILE D 415 9.83 -19.08 44.36
CA ILE D 415 9.64 -18.20 45.51
C ILE D 415 10.51 -18.66 46.68
N ALA D 416 10.53 -19.97 46.94
CA ALA D 416 11.33 -20.49 48.05
C ALA D 416 12.81 -20.27 47.79
N ASP D 417 13.26 -20.47 46.55
CA ASP D 417 14.69 -20.38 46.25
C ASP D 417 15.16 -18.93 46.17
N TYR D 418 14.29 -17.99 45.83
CA TYR D 418 14.71 -16.62 45.58
C TYR D 418 14.07 -15.59 46.50
N ASN D 419 12.82 -15.78 46.93
CA ASN D 419 12.10 -14.77 47.68
C ASN D 419 12.11 -15.03 49.19
N TYR D 420 11.62 -16.19 49.61
CA TYR D 420 11.50 -16.49 51.03
C TYR D 420 11.42 -18.00 51.21
N LYS D 421 12.25 -18.54 52.10
CA LYS D 421 12.29 -19.96 52.36
C LYS D 421 12.12 -20.23 53.85
N LEU D 422 11.64 -21.43 54.16
CA LEU D 422 11.40 -21.84 55.53
C LEU D 422 12.42 -22.89 55.96
N PRO D 423 12.93 -22.80 57.18
CA PRO D 423 13.91 -23.79 57.64
C PRO D 423 13.27 -25.17 57.80
N ASP D 424 14.10 -26.20 57.64
CA ASP D 424 13.62 -27.57 57.82
C ASP D 424 13.18 -27.80 59.27
N ASP D 425 13.96 -27.31 60.23
CA ASP D 425 13.63 -27.44 61.65
C ASP D 425 12.75 -26.26 62.08
N PHE D 426 11.57 -26.20 61.47
CA PHE D 426 10.63 -25.11 61.67
C PHE D 426 9.59 -25.53 62.69
N THR D 427 9.36 -24.66 63.68
CA THR D 427 8.37 -24.89 64.74
C THR D 427 7.51 -23.64 64.85
N GLY D 428 6.35 -23.67 64.20
CA GLY D 428 5.47 -22.51 64.23
C GLY D 428 4.18 -22.80 63.50
N CYS D 429 3.57 -21.73 63.00
CA CYS D 429 2.27 -21.82 62.33
C CYS D 429 2.26 -20.94 61.09
N VAL D 430 1.34 -21.25 60.18
CA VAL D 430 1.16 -20.49 58.96
C VAL D 430 -0.34 -20.31 58.71
N ILE D 431 -0.71 -19.17 58.13
CA ILE D 431 -2.10 -18.89 57.82
C ILE D 431 -2.14 -18.05 56.55
N ALA D 432 -3.23 -18.20 55.79
CA ALA D 432 -3.42 -17.43 54.57
C ALA D 432 -4.91 -17.21 54.35
N TRP D 433 -5.24 -16.10 53.69
CA TRP D 433 -6.63 -15.78 53.41
C TRP D 433 -6.72 -14.91 52.16
N ASN D 434 -7.81 -15.07 51.42
CA ASN D 434 -8.01 -14.30 50.20
C ASN D 434 -8.16 -12.81 50.51
N SER D 435 -7.67 -11.98 49.60
CA SER D 435 -7.70 -10.53 49.73
C SER D 435 -8.12 -9.88 48.42
N ASN D 436 -9.19 -10.40 47.82
CA ASN D 436 -9.66 -9.84 46.56
C ASN D 436 -10.19 -8.41 46.73
N LYS D 437 -10.75 -8.09 47.90
CA LYS D 437 -11.32 -6.77 48.10
C LYS D 437 -10.25 -5.69 48.17
N LEU D 438 -9.11 -6.00 48.78
CA LEU D 438 -8.08 -5.00 49.02
C LEU D 438 -6.87 -5.14 48.10
N ASP D 439 -6.62 -6.33 47.55
CA ASP D 439 -5.45 -6.58 46.73
C ASP D 439 -5.81 -6.88 45.28
N SER D 440 -6.79 -6.16 44.74
CA SER D 440 -7.18 -6.30 43.34
C SER D 440 -7.59 -4.94 42.79
N LYS D 441 -7.00 -4.56 41.67
CA LYS D 441 -7.29 -3.30 41.00
C LYS D 441 -7.93 -3.56 39.64
N VAL D 442 -8.63 -2.56 39.13
CA VAL D 442 -9.29 -2.69 37.84
C VAL D 442 -8.27 -2.86 36.72
N SER D 443 -7.11 -2.19 36.84
CA SER D 443 -6.07 -2.30 35.84
C SER D 443 -5.01 -3.35 36.22
N GLY D 444 -4.71 -3.48 37.50
CA GLY D 444 -3.72 -4.43 37.98
C GLY D 444 -2.87 -3.83 39.09
N ASN D 445 -2.44 -4.69 40.01
CA ASN D 445 -1.61 -4.24 41.12
C ASN D 445 -0.14 -4.20 40.70
N TYR D 446 0.51 -3.09 41.03
CA TYR D 446 1.93 -2.90 40.71
C TYR D 446 2.78 -2.67 41.95
N ASN D 447 2.18 -2.73 43.14
CA ASN D 447 2.91 -2.55 44.39
C ASN D 447 3.55 -3.84 44.89
N TYR D 448 3.30 -4.96 44.22
CA TYR D 448 3.85 -6.25 44.61
C TYR D 448 4.95 -6.65 43.64
N LEU D 449 6.11 -7.02 44.18
CA LEU D 449 7.30 -7.26 43.38
C LEU D 449 7.94 -8.56 43.85
N TYR D 450 8.50 -9.32 42.91
CA TYR D 450 9.14 -10.59 43.24
C TYR D 450 10.38 -10.76 42.38
N ARG D 451 11.13 -11.83 42.66
CA ARG D 451 12.40 -12.12 42.03
C ARG D 451 12.28 -13.34 41.13
N LEU D 452 12.86 -13.24 39.94
CA LEU D 452 12.81 -14.34 38.97
C LEU D 452 14.00 -15.29 39.07
N PHE D 453 15.18 -14.77 39.38
CA PHE D 453 16.37 -15.61 39.45
C PHE D 453 17.42 -14.93 40.32
N ARG D 454 18.40 -15.70 40.74
CA ARG D 454 19.48 -15.21 41.60
C ARG D 454 20.66 -16.18 41.49
N LYS D 455 21.66 -15.99 42.35
CA LYS D 455 22.83 -16.87 42.34
C LYS D 455 22.44 -18.31 42.64
N SER D 456 21.91 -18.56 43.83
CA SER D 456 21.52 -19.90 44.25
C SER D 456 20.52 -19.76 45.39
N ASN D 457 20.27 -20.86 46.08
CA ASN D 457 19.35 -20.85 47.21
C ASN D 457 19.87 -19.94 48.31
N LEU D 458 18.95 -19.27 49.00
CA LEU D 458 19.28 -18.34 50.06
C LEU D 458 19.24 -19.03 51.42
N LYS D 459 19.90 -18.40 52.39
CA LYS D 459 19.86 -18.90 53.76
C LYS D 459 18.47 -18.70 54.35
N PRO D 460 18.09 -19.53 55.33
CA PRO D 460 16.77 -19.37 55.95
C PRO D 460 16.65 -18.01 56.62
N PHE D 461 15.46 -17.43 56.52
CA PHE D 461 15.15 -16.12 57.10
C PHE D 461 16.14 -15.05 56.63
N GLU D 462 16.14 -14.83 55.31
CA GLU D 462 17.06 -13.91 54.68
C GLU D 462 16.30 -12.74 54.08
N ARG D 463 16.86 -11.54 54.18
CA ARG D 463 16.29 -10.33 53.63
C ARG D 463 17.14 -9.87 52.46
N ASP D 464 16.54 -9.80 51.27
CA ASP D 464 17.23 -9.38 50.07
C ASP D 464 16.63 -8.08 49.54
N ILE D 465 17.50 -7.13 49.22
CA ILE D 465 17.08 -5.82 48.73
C ILE D 465 17.80 -5.54 47.42
N SER D 466 18.50 -6.55 46.91
CA SER D 466 19.29 -6.37 45.69
C SER D 466 18.38 -6.08 44.50
N THR D 467 18.77 -5.06 43.71
CA THR D 467 18.02 -4.68 42.53
C THR D 467 18.90 -4.58 41.28
N GLU D 468 20.20 -4.88 41.39
CA GLU D 468 21.08 -4.76 40.24
C GLU D 468 20.77 -5.81 39.19
N ILE D 469 20.97 -5.44 37.92
CA ILE D 469 20.70 -6.36 36.83
C ILE D 469 21.76 -7.45 36.80
N TYR D 470 21.36 -8.64 36.36
CA TYR D 470 22.25 -9.79 36.26
C TYR D 470 22.56 -10.09 34.81
N GLN D 471 23.79 -10.51 34.56
CA GLN D 471 24.27 -10.88 33.22
C GLN D 471 24.37 -12.39 33.17
N ALA D 472 23.47 -13.01 32.40
CA ALA D 472 23.51 -14.47 32.25
C ALA D 472 24.78 -14.92 31.55
N GLY D 473 25.19 -14.21 30.50
CA GLY D 473 26.38 -14.53 29.77
C GLY D 473 27.60 -13.79 30.27
N ASN D 474 28.60 -13.68 29.41
CA ASN D 474 29.85 -12.99 29.72
C ASN D 474 29.83 -11.53 29.30
N LYS D 475 28.70 -11.03 28.80
CA LYS D 475 28.62 -9.65 28.32
C LYS D 475 28.24 -8.72 29.46
N PRO D 476 29.12 -7.79 29.85
CA PRO D 476 28.80 -6.82 30.93
C PRO D 476 27.95 -5.66 30.42
N CYS D 477 26.63 -5.89 30.38
CA CYS D 477 25.71 -4.88 29.87
C CYS D 477 25.60 -3.66 30.78
N ASN D 478 26.13 -3.74 32.00
CA ASN D 478 26.18 -2.63 32.96
C ASN D 478 24.84 -1.89 33.08
N GLY D 479 23.74 -2.60 32.89
CA GLY D 479 22.42 -2.04 33.17
C GLY D 479 21.39 -2.17 32.06
N VAL D 480 21.82 -2.01 30.81
CA VAL D 480 20.89 -1.99 29.67
C VAL D 480 21.35 -3.00 28.64
N ALA D 481 20.40 -3.80 28.13
CA ALA D 481 20.67 -4.76 27.08
C ALA D 481 19.35 -5.29 26.54
N GLY D 482 19.25 -5.39 25.22
CA GLY D 482 18.09 -6.03 24.62
C GLY D 482 18.03 -7.51 24.92
N PHE D 483 19.21 -8.18 24.83
CA PHE D 483 19.29 -9.64 25.08
C PHE D 483 20.60 -10.01 25.78
N ASN D 484 20.61 -11.04 26.64
CA ASN D 484 21.68 -11.53 27.50
C ASN D 484 21.64 -10.90 28.90
N CYS D 485 20.71 -9.99 29.17
CA CYS D 485 20.54 -9.42 30.48
C CYS D 485 19.05 -9.29 30.78
N TYR D 486 18.69 -9.63 32.02
CA TYR D 486 17.27 -9.62 32.40
C TYR D 486 17.12 -8.87 33.71
N PHE D 487 15.99 -8.20 33.89
CA PHE D 487 15.71 -7.46 35.11
C PHE D 487 15.29 -8.43 36.21
N PRO D 488 16.00 -8.49 37.34
CA PRO D 488 15.63 -9.44 38.40
C PRO D 488 14.25 -9.18 38.98
N LEU D 489 13.81 -7.93 39.05
CA LEU D 489 12.53 -7.59 39.66
C LEU D 489 11.41 -7.74 38.65
N ARG D 490 10.32 -8.38 39.05
CA ARG D 490 9.15 -8.53 38.20
C ARG D 490 7.89 -8.26 39.01
N SER D 491 6.93 -7.57 38.40
CA SER D 491 5.71 -7.15 39.07
C SER D 491 4.53 -8.02 38.66
N TYR D 492 3.61 -8.21 39.59
CA TYR D 492 2.40 -8.97 39.33
C TYR D 492 1.36 -8.10 38.62
N SER D 493 0.18 -8.68 38.40
CA SER D 493 -0.94 -7.94 37.81
C SER D 493 -2.21 -8.67 38.21
N PHE D 494 -3.01 -8.06 39.09
CA PHE D 494 -4.20 -8.70 39.65
C PHE D 494 -5.45 -8.06 39.08
N ARG D 495 -6.37 -8.91 38.61
CA ARG D 495 -7.60 -8.47 37.98
C ARG D 495 -8.79 -9.15 38.66
N PRO D 496 -9.88 -8.42 38.88
CA PRO D 496 -11.05 -9.02 39.55
C PRO D 496 -11.63 -10.22 38.81
N THR D 497 -11.56 -10.24 37.48
CA THR D 497 -12.11 -11.33 36.69
C THR D 497 -11.23 -12.57 36.67
N TYR D 498 -10.23 -12.64 37.54
CA TYR D 498 -9.34 -13.80 37.58
C TYR D 498 -10.06 -15.01 38.18
N GLY D 499 -9.43 -16.18 38.00
CA GLY D 499 -9.93 -17.40 38.59
C GLY D 499 -9.56 -17.52 40.05
N VAL D 500 -10.00 -18.62 40.66
CA VAL D 500 -9.72 -18.85 42.07
C VAL D 500 -8.22 -19.04 42.30
N GLY D 501 -7.52 -19.68 41.35
CA GLY D 501 -6.10 -19.90 41.49
C GLY D 501 -5.25 -18.66 41.32
N HIS D 502 -5.74 -17.66 40.59
CA HIS D 502 -5.03 -16.41 40.37
C HIS D 502 -5.24 -15.40 41.48
N GLN D 503 -6.11 -15.69 42.44
CA GLN D 503 -6.43 -14.73 43.48
C GLN D 503 -5.28 -14.60 44.47
N PRO D 504 -4.74 -13.41 44.69
CA PRO D 504 -3.67 -13.26 45.67
C PRO D 504 -4.16 -13.52 47.09
N TYR D 505 -3.28 -14.06 47.91
CA TYR D 505 -3.61 -14.42 49.29
C TYR D 505 -2.66 -13.70 50.24
N ARG D 506 -3.23 -13.03 51.23
CA ARG D 506 -2.44 -12.48 52.32
C ARG D 506 -2.03 -13.60 53.26
N VAL D 507 -0.72 -13.73 53.50
CA VAL D 507 -0.15 -14.84 54.24
C VAL D 507 0.60 -14.30 55.44
N VAL D 508 0.35 -14.89 56.61
CA VAL D 508 1.03 -14.54 57.85
C VAL D 508 1.62 -15.81 58.45
N VAL D 509 2.91 -15.78 58.75
CA VAL D 509 3.63 -16.91 59.31
C VAL D 509 4.19 -16.51 60.66
N LEU D 510 4.03 -17.39 61.65
CA LEU D 510 4.57 -17.18 62.99
C LEU D 510 5.64 -18.24 63.25
N SER D 511 6.84 -17.79 63.60
CA SER D 511 7.94 -18.67 63.97
C SER D 511 8.20 -18.50 65.46
N PHE D 512 8.19 -19.61 66.19
CA PHE D 512 8.21 -19.54 67.64
C PHE D 512 9.50 -20.16 68.18
N GLU D 513 9.78 -19.87 69.44
CA GLU D 513 10.97 -20.37 70.12
C GLU D 513 10.55 -21.15 71.36
N LEU D 514 11.20 -22.29 71.58
CA LEU D 514 10.90 -23.17 72.70
C LEU D 514 12.03 -23.18 73.74
N LEU D 515 12.78 -22.08 73.83
CA LEU D 515 13.86 -22.02 74.81
C LEU D 515 13.33 -22.04 76.24
N HIS D 516 12.21 -21.36 76.48
CA HIS D 516 11.52 -21.36 77.77
C HIS D 516 12.37 -20.79 78.90
N ALA D 517 13.45 -20.09 78.58
CA ALA D 517 14.30 -19.53 79.61
C ALA D 517 13.69 -18.25 80.21
N PRO D 518 13.34 -17.22 79.41
CA PRO D 518 12.76 -16.01 80.02
C PRO D 518 11.28 -16.15 80.35
N ALA D 519 10.54 -16.88 79.52
CA ALA D 519 9.10 -17.04 79.66
C ALA D 519 8.40 -15.67 79.74
N THR D 520 8.56 -14.89 78.67
CA THR D 520 8.06 -13.52 78.63
C THR D 520 6.78 -13.38 77.80
N VAL D 521 6.42 -14.38 77.01
CA VAL D 521 5.27 -14.27 76.13
C VAL D 521 4.20 -15.28 76.54
N CYS D 522 4.09 -15.54 77.84
CA CYS D 522 3.06 -16.45 78.34
C CYS D 522 1.68 -15.99 77.93
N GLY D 523 0.81 -16.95 77.61
CA GLY D 523 -0.56 -16.66 77.27
C GLY D 523 -1.39 -16.40 78.50
N PRO D 524 -2.71 -16.31 78.33
CA PRO D 524 -3.58 -16.04 79.48
C PRO D 524 -3.65 -17.20 80.46
N LYS D 525 -3.06 -17.04 81.64
CA LYS D 525 -3.12 -18.03 82.70
C LYS D 525 -3.41 -17.33 84.01
N LYS D 526 -4.03 -18.07 84.93
CA LYS D 526 -4.42 -17.51 86.22
C LYS D 526 -3.22 -17.39 87.14
N SER D 527 -3.05 -16.22 87.73
CA SER D 527 -1.95 -15.94 88.66
C SER D 527 -0.59 -16.28 88.06
N GLU E 1 -25.17 0.97 -16.06
CA GLU E 1 -26.07 2.05 -15.65
C GLU E 1 -27.52 1.57 -15.60
N ILE E 2 -28.03 1.36 -14.40
CA ILE E 2 -29.41 0.94 -14.19
C ILE E 2 -30.24 2.17 -13.88
N VAL E 3 -31.06 2.59 -14.84
CA VAL E 3 -31.87 3.79 -14.70
C VAL E 3 -33.22 3.40 -14.10
N LEU E 4 -33.73 4.24 -13.20
CA LEU E 4 -35.01 4.02 -12.56
C LEU E 4 -35.98 5.15 -12.93
N THR E 5 -37.26 4.82 -12.99
CA THR E 5 -38.29 5.77 -13.39
C THR E 5 -39.56 5.52 -12.59
N GLN E 6 -40.20 6.59 -12.13
CA GLN E 6 -41.46 6.53 -11.43
C GLN E 6 -42.54 7.08 -12.34
N SER E 7 -43.52 6.23 -12.67
CA SER E 7 -44.60 6.66 -13.56
C SER E 7 -45.47 7.78 -12.99
N PRO E 8 -45.94 7.72 -11.72
CA PRO E 8 -46.84 8.79 -11.24
C PRO E 8 -46.06 10.05 -10.89
N GLY E 9 -46.33 11.12 -11.63
CA GLY E 9 -45.74 12.41 -11.30
C GLY E 9 -46.23 12.95 -9.97
N THR E 10 -47.53 12.80 -9.71
CA THR E 10 -48.13 13.22 -8.45
C THR E 10 -49.17 12.19 -8.03
N LEU E 11 -49.49 12.19 -6.73
CA LEU E 11 -50.45 11.26 -6.15
C LEU E 11 -51.41 12.01 -5.23
N SER E 12 -51.97 13.10 -5.74
CA SER E 12 -52.92 13.88 -4.96
C SER E 12 -54.15 13.05 -4.62
N LEU E 13 -54.46 12.98 -3.33
CA LEU E 13 -55.55 12.14 -2.84
C LEU E 13 -56.14 12.81 -1.60
N SER E 14 -56.88 12.03 -0.82
CA SER E 14 -57.50 12.49 0.41
C SER E 14 -57.08 11.60 1.57
N PRO E 15 -57.05 12.12 2.79
CA PRO E 15 -56.66 11.29 3.93
C PRO E 15 -57.61 10.11 4.11
N GLY E 16 -57.04 8.98 4.54
CA GLY E 16 -57.80 7.76 4.71
C GLY E 16 -57.98 6.92 3.47
N GLU E 17 -57.25 7.22 2.40
CA GLU E 17 -57.37 6.48 1.15
C GLU E 17 -56.20 5.52 0.98
N ARG E 18 -56.24 4.76 -0.11
CA ARG E 18 -55.21 3.78 -0.44
C ARG E 18 -54.45 4.26 -1.66
N ALA E 19 -53.12 4.25 -1.57
CA ALA E 19 -52.26 4.80 -2.62
C ALA E 19 -51.32 3.73 -3.14
N THR E 20 -51.12 3.72 -4.46
CA THR E 20 -50.20 2.80 -5.12
C THR E 20 -49.12 3.60 -5.83
N LEU E 21 -47.86 3.27 -5.56
CA LEU E 21 -46.73 3.99 -6.14
C LEU E 21 -45.78 2.96 -6.73
N SER E 22 -45.57 3.03 -8.05
CA SER E 22 -44.78 2.05 -8.77
C SER E 22 -43.57 2.72 -9.39
N CYS E 23 -42.39 2.12 -9.20
CA CYS E 23 -41.18 2.59 -9.85
C CYS E 23 -40.55 1.46 -10.65
N ARG E 24 -40.11 1.80 -11.86
CA ARG E 24 -39.69 0.83 -12.87
C ARG E 24 -38.19 0.96 -13.11
N GLY E 25 -37.55 -0.18 -13.35
CA GLY E 25 -36.13 -0.23 -13.69
C GLY E 25 -35.94 -0.57 -15.16
N SER E 26 -34.88 -0.04 -15.75
CA SER E 26 -34.58 -0.35 -17.15
C SER E 26 -34.23 -1.82 -17.32
N GLN E 27 -33.44 -2.37 -16.39
CA GLN E 27 -33.01 -3.76 -16.45
C GLN E 27 -33.29 -4.43 -15.12
N SER E 28 -33.24 -5.76 -15.13
CA SER E 28 -33.48 -6.52 -13.91
C SER E 28 -32.36 -6.32 -12.91
N VAL E 29 -32.70 -6.39 -11.63
CA VAL E 29 -31.75 -6.25 -10.54
C VAL E 29 -31.92 -7.44 -9.59
N ARG E 30 -31.18 -7.40 -8.49
CA ARG E 30 -31.28 -8.47 -7.49
C ARG E 30 -32.67 -8.49 -6.87
N SER E 31 -33.09 -9.69 -6.45
CA SER E 31 -34.46 -9.88 -5.99
C SER E 31 -34.73 -9.10 -4.71
N SER E 32 -33.85 -9.19 -3.72
CA SER E 32 -34.06 -8.61 -2.41
C SER E 32 -33.07 -7.49 -2.13
N TYR E 33 -32.74 -6.70 -3.13
CA TYR E 33 -31.74 -5.63 -3.02
C TYR E 33 -32.32 -4.30 -3.51
N LEU E 34 -33.51 -3.96 -3.01
CA LEU E 34 -34.13 -2.67 -3.30
C LEU E 34 -34.64 -2.07 -2.00
N GLY E 35 -34.61 -0.74 -1.93
CA GLY E 35 -35.05 -0.04 -0.74
C GLY E 35 -36.00 1.10 -1.08
N TRP E 36 -36.72 1.55 -0.07
CA TRP E 36 -37.68 2.65 -0.21
C TRP E 36 -37.44 3.64 0.91
N TYR E 37 -37.27 4.91 0.53
CA TYR E 37 -36.95 5.99 1.46
C TYR E 37 -38.00 7.10 1.38
N GLN E 38 -38.30 7.69 2.53
CA GLN E 38 -39.24 8.79 2.64
C GLN E 38 -38.50 10.03 3.12
N GLN E 39 -38.70 11.15 2.44
CA GLN E 39 -38.05 12.40 2.77
C GLN E 39 -39.07 13.54 2.77
N LYS E 40 -38.97 14.41 3.79
CA LYS E 40 -39.71 15.64 3.88
C LYS E 40 -38.78 16.83 3.68
N PRO E 41 -39.28 17.93 3.12
CA PRO E 41 -38.40 19.09 2.87
C PRO E 41 -37.79 19.62 4.16
N GLY E 42 -36.51 20.00 4.07
CA GLY E 42 -35.81 20.53 5.22
C GLY E 42 -35.39 19.51 6.25
N GLN E 43 -35.54 18.22 5.95
CA GLN E 43 -35.22 17.16 6.90
C GLN E 43 -34.44 16.06 6.19
N ALA E 44 -33.66 15.32 6.96
CA ALA E 44 -32.91 14.21 6.42
C ALA E 44 -33.86 13.07 6.03
N PRO E 45 -33.58 12.36 4.94
CA PRO E 45 -34.44 11.24 4.55
C PRO E 45 -34.37 10.10 5.55
N ARG E 46 -35.46 9.34 5.63
CA ARG E 46 -35.55 8.18 6.51
C ARG E 46 -35.95 6.96 5.71
N LEU E 47 -35.33 5.82 6.02
CA LEU E 47 -35.63 4.59 5.33
C LEU E 47 -37.02 4.08 5.71
N LEU E 48 -37.70 3.48 4.73
CA LEU E 48 -38.99 2.83 4.96
C LEU E 48 -38.92 1.33 4.71
N ILE E 49 -38.37 0.91 3.57
CA ILE E 49 -38.35 -0.49 3.18
C ILE E 49 -36.91 -0.91 2.91
N TYR E 50 -36.51 -2.03 3.50
CA TYR E 50 -35.19 -2.62 3.28
C TYR E 50 -35.36 -4.08 2.90
N GLY E 51 -34.47 -4.57 2.05
CA GLY E 51 -34.54 -5.94 1.58
C GLY E 51 -35.56 -6.18 0.49
N ALA E 52 -36.25 -5.14 0.02
CA ALA E 52 -37.18 -5.19 -1.11
C ALA E 52 -38.44 -6.00 -0.79
N SER E 53 -38.49 -6.63 0.38
CA SER E 53 -39.67 -7.36 0.80
C SER E 53 -40.04 -7.17 2.26
N SER E 54 -39.18 -6.63 3.10
CA SER E 54 -39.40 -6.53 4.53
C SER E 54 -39.69 -5.09 4.93
N ARG E 55 -39.82 -4.88 6.23
CA ARG E 55 -40.09 -3.57 6.80
C ARG E 55 -39.12 -3.31 7.94
N ALA E 56 -38.61 -2.07 8.01
CA ALA E 56 -37.66 -1.73 9.05
C ALA E 56 -38.37 -1.41 10.35
N THR E 57 -37.57 -1.21 11.41
CA THR E 57 -38.11 -0.97 12.74
C THR E 57 -38.80 0.39 12.81
N GLY E 58 -39.97 0.42 13.42
CA GLY E 58 -40.69 1.65 13.67
C GLY E 58 -41.67 2.08 12.59
N ILE E 59 -41.74 1.36 11.49
CA ILE E 59 -42.64 1.69 10.39
C ILE E 59 -43.92 0.87 10.54
N PRO E 60 -45.10 1.49 10.49
CA PRO E 60 -46.34 0.72 10.57
C PRO E 60 -46.56 -0.15 9.34
N ASP E 61 -47.48 -1.09 9.47
CA ASP E 61 -47.79 -2.02 8.40
C ASP E 61 -48.53 -1.38 7.23
N ARG E 62 -48.95 -0.12 7.37
CA ARG E 62 -49.69 0.53 6.30
C ARG E 62 -48.87 0.62 5.02
N PHE E 63 -47.55 0.65 5.13
CA PHE E 63 -46.67 0.67 3.97
C PHE E 63 -46.24 -0.75 3.64
N SER E 64 -46.54 -1.20 2.43
CA SER E 64 -46.19 -2.54 1.99
C SER E 64 -45.44 -2.47 0.66
N GLY E 65 -44.50 -3.39 0.49
CA GLY E 65 -43.70 -3.44 -0.72
C GLY E 65 -43.87 -4.75 -1.46
N SER E 66 -43.78 -4.68 -2.78
CA SER E 66 -43.91 -5.87 -3.63
C SER E 66 -43.25 -5.56 -4.97
N GLY E 67 -43.25 -6.56 -5.85
CA GLY E 67 -42.66 -6.43 -7.17
C GLY E 67 -41.35 -7.18 -7.28
N SER E 68 -40.85 -7.22 -8.51
CA SER E 68 -39.64 -7.98 -8.83
C SER E 68 -39.19 -7.58 -10.23
N GLY E 69 -38.18 -8.28 -10.73
CA GLY E 69 -37.68 -8.04 -12.08
C GLY E 69 -37.23 -6.61 -12.31
N THR E 70 -38.02 -5.86 -13.06
CA THR E 70 -37.71 -4.47 -13.36
C THR E 70 -38.73 -3.49 -12.78
N ASP E 71 -39.72 -3.98 -12.04
CA ASP E 71 -40.80 -3.12 -11.55
C ASP E 71 -41.10 -3.43 -10.09
N PHE E 72 -41.18 -2.39 -9.27
CA PHE E 72 -41.56 -2.52 -7.87
C PHE E 72 -42.74 -1.62 -7.56
N THR E 73 -43.54 -2.04 -6.60
CA THR E 73 -44.75 -1.33 -6.18
C THR E 73 -44.77 -1.20 -4.66
N LEU E 74 -45.35 -0.09 -4.20
CA LEU E 74 -45.52 0.15 -2.77
C LEU E 74 -46.94 0.65 -2.54
N THR E 75 -47.57 0.13 -1.49
CA THR E 75 -48.99 0.36 -1.21
C THR E 75 -49.15 0.98 0.16
N ILE E 76 -49.94 2.05 0.24
CA ILE E 76 -50.33 2.70 1.49
C ILE E 76 -51.80 2.39 1.70
N SER E 77 -52.10 1.56 2.71
CA SER E 77 -53.47 1.15 2.95
C SER E 77 -54.34 2.33 3.40
N ARG E 78 -53.87 3.08 4.40
CA ARG E 78 -54.60 4.22 4.92
C ARG E 78 -53.73 5.46 4.82
N LEU E 79 -54.31 6.55 4.32
CA LEU E 79 -53.58 7.80 4.17
C LEU E 79 -53.71 8.64 5.43
N GLU E 80 -52.60 9.28 5.81
CA GLU E 80 -52.52 10.11 7.00
C GLU E 80 -51.87 11.44 6.66
N PRO E 81 -52.16 12.49 7.43
CA PRO E 81 -51.58 13.80 7.12
C PRO E 81 -50.06 13.81 7.14
N GLU E 82 -49.43 12.96 7.94
CA GLU E 82 -47.97 12.92 8.01
C GLU E 82 -47.34 12.03 6.94
N ASP E 83 -48.14 11.40 6.09
CA ASP E 83 -47.62 10.53 5.05
C ASP E 83 -47.31 11.27 3.74
N PHE E 84 -47.66 12.55 3.65
CA PHE E 84 -47.45 13.31 2.42
C PHE E 84 -46.00 13.79 2.37
N ALA E 85 -45.19 13.11 1.56
CA ALA E 85 -43.78 13.42 1.44
C ALA E 85 -43.28 12.90 0.10
N VAL E 86 -41.96 12.86 -0.06
CA VAL E 86 -41.32 12.39 -1.29
C VAL E 86 -40.77 10.99 -1.06
N TYR E 87 -40.97 10.11 -2.03
CA TYR E 87 -40.54 8.72 -1.90
C TYR E 87 -39.51 8.40 -2.97
N TYR E 88 -38.53 7.57 -2.61
CA TYR E 88 -37.45 7.19 -3.50
C TYR E 88 -37.22 5.69 -3.43
N CYS E 89 -36.91 5.09 -4.58
CA CYS E 89 -36.47 3.70 -4.64
C CYS E 89 -35.08 3.66 -5.24
N GLN E 90 -34.17 2.89 -4.61
CA GLN E 90 -32.80 2.78 -5.06
C GLN E 90 -32.38 1.32 -5.13
N GLN E 91 -31.35 1.06 -5.93
CA GLN E 91 -30.80 -0.27 -6.08
C GLN E 91 -29.74 -0.54 -5.02
N TYR E 92 -29.39 -1.83 -4.88
CA TYR E 92 -28.41 -2.26 -3.89
C TYR E 92 -27.36 -3.23 -4.42
N GLY E 93 -27.61 -3.90 -5.53
CA GLY E 93 -26.75 -4.99 -5.96
C GLY E 93 -25.75 -4.67 -7.04
N SER E 94 -26.17 -3.91 -8.05
CA SER E 94 -25.29 -3.58 -9.16
C SER E 94 -24.16 -2.67 -8.69
N SER E 95 -23.09 -2.63 -9.49
CA SER E 95 -21.93 -1.80 -9.13
C SER E 95 -22.28 -0.33 -8.99
N PRO E 96 -23.00 0.30 -9.92
CA PRO E 96 -23.48 1.66 -9.66
C PRO E 96 -24.76 1.65 -8.85
N TRP E 97 -24.90 2.63 -7.97
CA TRP E 97 -26.10 2.83 -7.19
C TRP E 97 -26.73 4.16 -7.57
N THR E 98 -28.03 4.14 -7.87
CA THR E 98 -28.73 5.32 -8.36
C THR E 98 -30.05 5.47 -7.62
N PHE E 99 -30.72 6.59 -7.86
CA PHE E 99 -32.02 6.89 -7.27
C PHE E 99 -33.01 7.21 -8.36
N GLY E 100 -34.29 7.02 -8.05
CA GLY E 100 -35.35 7.41 -8.95
C GLY E 100 -35.59 8.92 -8.94
N GLN E 101 -36.48 9.36 -9.83
CA GLN E 101 -36.82 10.77 -9.87
C GLN E 101 -37.49 11.22 -8.57
N GLY E 102 -38.36 10.39 -8.01
CA GLY E 102 -39.05 10.74 -6.80
C GLY E 102 -40.49 11.18 -7.04
N THR E 103 -41.43 10.53 -6.39
CA THR E 103 -42.85 10.83 -6.54
C THR E 103 -43.34 11.57 -5.30
N LYS E 104 -44.00 12.71 -5.53
CA LYS E 104 -44.55 13.53 -4.46
C LYS E 104 -46.03 13.22 -4.32
N VAL E 105 -46.44 12.83 -3.11
CA VAL E 105 -47.85 12.58 -2.81
C VAL E 105 -48.41 13.80 -2.11
N GLU E 106 -49.56 14.28 -2.60
CA GLU E 106 -50.15 15.50 -2.08
C GLU E 106 -51.63 15.30 -1.76
N ILE E 107 -52.31 16.39 -1.42
CA ILE E 107 -53.74 16.37 -1.12
C ILE E 107 -54.43 17.37 -2.04
N LYS E 108 -55.51 16.93 -2.68
CA LYS E 108 -56.29 17.77 -3.59
C LYS E 108 -57.76 17.69 -3.20
N GLY E 109 -58.41 18.84 -3.11
CA GLY E 109 -59.83 18.89 -2.82
C GLY E 109 -60.63 19.37 -4.01
N THR E 110 -61.03 20.64 -3.98
CA THR E 110 -61.77 21.26 -5.07
C THR E 110 -60.99 22.47 -5.58
N VAL E 111 -61.07 22.71 -6.89
CA VAL E 111 -60.39 23.87 -7.47
C VAL E 111 -61.05 25.15 -6.97
N ALA E 112 -60.23 26.16 -6.68
CA ALA E 112 -60.72 27.41 -6.14
C ALA E 112 -60.08 28.58 -6.90
N ALA E 113 -60.78 29.70 -6.90
CA ALA E 113 -60.29 30.90 -7.57
C ALA E 113 -59.27 31.61 -6.70
N PRO E 114 -58.04 31.80 -7.17
CA PRO E 114 -57.02 32.46 -6.35
C PRO E 114 -57.23 33.96 -6.27
N SER E 115 -56.79 34.54 -5.15
CA SER E 115 -56.74 35.98 -4.99
C SER E 115 -55.45 36.51 -5.61
N VAL E 116 -55.57 37.53 -6.44
CA VAL E 116 -54.46 38.07 -7.21
C VAL E 116 -54.22 39.52 -6.77
N PHE E 117 -52.96 39.84 -6.50
CA PHE E 117 -52.55 41.19 -6.16
C PHE E 117 -51.34 41.57 -7.01
N ILE E 118 -51.19 42.86 -7.26
CA ILE E 118 -50.06 43.40 -8.00
C ILE E 118 -49.51 44.61 -7.28
N PHE E 119 -48.19 44.70 -7.21
CA PHE E 119 -47.50 45.81 -6.55
C PHE E 119 -46.43 46.38 -7.49
N PRO E 120 -46.59 47.63 -7.92
CA PRO E 120 -45.50 48.32 -8.63
C PRO E 120 -44.40 48.72 -7.66
N PRO E 121 -43.21 49.08 -8.12
CA PRO E 121 -42.10 49.24 -7.20
C PRO E 121 -42.17 50.44 -6.26
N SER E 122 -41.64 50.23 -5.05
CA SER E 122 -41.74 51.23 -4.00
C SER E 122 -40.82 52.41 -4.30
N ASP E 123 -41.07 53.52 -3.59
CA ASP E 123 -40.26 54.72 -3.77
C ASP E 123 -38.83 54.49 -3.32
N GLU E 124 -38.62 53.66 -2.29
CA GLU E 124 -37.28 53.37 -1.83
C GLU E 124 -36.46 52.66 -2.91
N GLN E 125 -37.06 51.69 -3.60
CA GLN E 125 -36.35 51.02 -4.68
C GLN E 125 -36.10 51.96 -5.85
N LEU E 126 -37.05 52.85 -6.14
CA LEU E 126 -36.84 53.84 -7.18
C LEU E 126 -35.66 54.74 -6.85
N LYS E 127 -35.55 55.15 -5.57
CA LYS E 127 -34.38 55.89 -5.13
C LYS E 127 -33.11 55.03 -5.15
N SER E 128 -33.26 53.71 -5.10
CA SER E 128 -32.13 52.80 -5.14
C SER E 128 -31.65 52.51 -6.57
N GLY E 129 -32.32 53.03 -7.58
CA GLY E 129 -31.90 52.86 -8.96
C GLY E 129 -32.48 51.67 -9.68
N THR E 130 -33.35 50.90 -9.05
CA THR E 130 -33.99 49.74 -9.67
C THR E 130 -35.49 49.84 -9.48
N ALA E 131 -36.22 48.87 -10.05
CA ALA E 131 -37.68 48.82 -9.90
C ALA E 131 -38.13 47.38 -10.06
N SER E 132 -38.85 46.87 -9.07
CA SER E 132 -39.35 45.50 -9.08
C SER E 132 -40.87 45.51 -8.96
N VAL E 133 -41.54 44.86 -9.89
CA VAL E 133 -43.00 44.71 -9.86
C VAL E 133 -43.32 43.27 -9.48
N VAL E 134 -44.21 43.10 -8.50
CA VAL E 134 -44.47 41.80 -7.91
C VAL E 134 -45.94 41.45 -8.08
N CYS E 135 -46.21 40.30 -8.70
CA CYS E 135 -47.56 39.77 -8.84
C CYS E 135 -47.68 38.56 -7.93
N LEU E 136 -48.66 38.59 -7.03
CA LEU E 136 -48.82 37.57 -6.00
C LEU E 136 -50.18 36.89 -6.16
N LEU E 137 -50.19 35.57 -6.04
CA LEU E 137 -51.40 34.76 -6.09
C LEU E 137 -51.50 33.92 -4.84
N ASN E 138 -52.70 33.83 -4.28
CA ASN E 138 -52.92 33.10 -3.04
C ASN E 138 -54.18 32.25 -3.15
N ASN E 139 -54.22 31.17 -2.37
CA ASN E 139 -55.41 30.33 -2.21
C ASN E 139 -55.87 29.73 -3.54
N PHE E 140 -55.00 28.91 -4.12
CA PHE E 140 -55.35 28.12 -5.31
C PHE E 140 -54.93 26.68 -5.06
N TYR E 141 -55.89 25.76 -5.22
CA TYR E 141 -55.60 24.35 -4.94
C TYR E 141 -54.59 23.75 -5.90
N PRO E 142 -54.74 23.86 -7.22
CA PRO E 142 -53.75 23.24 -8.12
C PRO E 142 -52.40 23.92 -8.01
N ARG E 143 -51.35 23.11 -8.15
CA ARG E 143 -49.98 23.63 -8.02
C ARG E 143 -49.57 24.43 -9.25
N GLU E 144 -49.92 23.94 -10.44
CA GLU E 144 -49.46 24.57 -11.67
C GLU E 144 -50.30 25.79 -12.00
N ALA E 145 -49.64 26.90 -12.30
CA ALA E 145 -50.27 28.13 -12.72
C ALA E 145 -49.45 28.77 -13.83
N LYS E 146 -50.07 29.69 -14.56
CA LYS E 146 -49.41 30.36 -15.68
C LYS E 146 -49.63 31.86 -15.53
N VAL E 147 -48.54 32.61 -15.42
CA VAL E 147 -48.57 34.07 -15.32
C VAL E 147 -47.77 34.65 -16.46
N GLN E 148 -48.32 35.69 -17.09
CA GLN E 148 -47.68 36.37 -18.21
C GLN E 148 -47.55 37.85 -17.90
N TRP E 149 -46.39 38.42 -18.23
CA TRP E 149 -46.08 39.81 -17.92
C TRP E 149 -46.16 40.64 -19.18
N LYS E 150 -46.91 41.74 -19.13
CA LYS E 150 -47.10 42.63 -20.26
C LYS E 150 -46.69 44.04 -19.87
N VAL E 151 -45.73 44.60 -20.59
CA VAL E 151 -45.30 45.98 -20.43
C VAL E 151 -45.63 46.71 -21.73
N ASP E 152 -46.46 47.76 -21.61
CA ASP E 152 -46.93 48.52 -22.76
C ASP E 152 -47.55 47.59 -23.82
N ASN E 153 -48.35 46.64 -23.34
CA ASN E 153 -49.01 45.65 -24.20
C ASN E 153 -48.00 44.82 -25.00
N ALA E 154 -46.81 44.62 -24.44
CA ALA E 154 -45.77 43.80 -25.06
C ALA E 154 -45.34 42.72 -24.08
N LEU E 155 -45.27 41.47 -24.55
CA LEU E 155 -44.91 40.37 -23.68
C LEU E 155 -43.46 40.52 -23.20
N GLN E 156 -43.22 40.15 -21.95
CA GLN E 156 -41.89 40.21 -21.36
C GLN E 156 -41.54 38.85 -20.77
N SER E 157 -40.34 38.36 -21.10
CA SER E 157 -39.86 37.08 -20.61
C SER E 157 -38.36 37.14 -20.42
N GLY E 158 -37.83 36.21 -19.63
CA GLY E 158 -36.42 36.16 -19.34
C GLY E 158 -35.96 37.07 -18.22
N ASN E 159 -36.89 37.75 -17.53
CA ASN E 159 -36.53 38.62 -16.43
C ASN E 159 -37.48 38.46 -15.24
N SER E 160 -38.19 37.34 -15.15
CA SER E 160 -39.15 37.10 -14.08
C SER E 160 -38.66 35.95 -13.20
N GLN E 161 -38.71 36.16 -11.89
CA GLN E 161 -38.33 35.15 -10.91
C GLN E 161 -39.54 34.71 -10.12
N GLU E 162 -39.70 33.40 -9.95
CA GLU E 162 -40.88 32.80 -9.35
C GLU E 162 -40.52 32.13 -8.04
N SER E 163 -41.31 32.41 -7.00
CA SER E 163 -41.14 31.78 -5.70
C SER E 163 -42.49 31.22 -5.25
N VAL E 164 -42.47 29.98 -4.75
CA VAL E 164 -43.68 29.25 -4.41
C VAL E 164 -43.58 28.76 -2.97
N THR E 165 -44.69 28.76 -2.26
CA THR E 165 -44.78 28.26 -0.89
C THR E 165 -45.39 26.86 -0.90
N GLU E 166 -44.97 26.05 0.06
CA GLU E 166 -45.44 24.67 0.16
C GLU E 166 -46.89 24.63 0.60
N GLN E 167 -47.40 23.41 0.79
CA GLN E 167 -48.78 23.20 1.20
C GLN E 167 -49.06 23.86 2.54
N ASP E 168 -50.19 24.55 2.63
CA ASP E 168 -50.64 25.10 3.90
C ASP E 168 -51.32 24.00 4.72
N SER E 169 -50.97 23.94 6.01
CA SER E 169 -51.43 22.84 6.86
C SER E 169 -52.86 23.01 7.35
N LYS E 170 -53.47 24.18 7.15
CA LYS E 170 -54.79 24.46 7.70
C LYS E 170 -55.91 24.44 6.67
N ASP E 171 -55.68 24.90 5.43
CA ASP E 171 -56.68 24.79 4.38
C ASP E 171 -56.12 24.29 3.05
N SER E 172 -54.87 23.84 3.01
CA SER E 172 -54.25 23.32 1.79
C SER E 172 -54.29 24.37 0.67
N THR E 173 -53.63 25.50 0.93
CA THR E 173 -53.57 26.61 0.00
C THR E 173 -52.14 26.80 -0.49
N TYR E 174 -52.02 27.44 -1.65
CA TYR E 174 -50.74 27.69 -2.30
C TYR E 174 -50.53 29.19 -2.49
N SER E 175 -49.26 29.58 -2.57
CA SER E 175 -48.87 30.96 -2.82
C SER E 175 -47.93 31.00 -4.02
N LEU E 176 -47.84 32.18 -4.62
CA LEU E 176 -47.03 32.36 -5.82
C LEU E 176 -46.60 33.81 -5.92
N SER E 177 -45.31 34.06 -6.05
CA SER E 177 -44.79 35.42 -6.21
C SER E 177 -43.91 35.47 -7.45
N SER E 178 -44.33 36.26 -8.44
CA SER E 178 -43.55 36.49 -9.64
C SER E 178 -43.05 37.93 -9.61
N THR E 179 -41.74 38.09 -9.59
CA THR E 179 -41.11 39.41 -9.52
C THR E 179 -40.38 39.70 -10.83
N LEU E 180 -40.63 40.88 -11.38
CA LEU E 180 -39.94 41.36 -12.58
C LEU E 180 -39.11 42.56 -12.19
N THR E 181 -37.80 42.48 -12.46
CA THR E 181 -36.84 43.50 -12.06
C THR E 181 -36.34 44.26 -13.27
N LEU E 182 -36.18 45.56 -13.14
CA LEU E 182 -35.77 46.40 -14.26
C LEU E 182 -34.98 47.60 -13.73
N SER E 183 -34.22 48.21 -14.63
CA SER E 183 -33.46 49.40 -14.28
C SER E 183 -34.38 50.62 -14.20
N LYS E 184 -33.84 51.71 -13.64
CA LYS E 184 -34.64 52.91 -13.43
C LYS E 184 -35.12 53.49 -14.75
N ALA E 185 -34.21 53.73 -15.69
CA ALA E 185 -34.59 54.35 -16.95
C ALA E 185 -35.48 53.44 -17.78
N ASP E 186 -35.16 52.15 -17.82
CA ASP E 186 -35.97 51.21 -18.59
C ASP E 186 -37.39 51.12 -18.03
N TYR E 187 -37.52 51.10 -16.71
CA TYR E 187 -38.84 51.11 -16.09
C TYR E 187 -39.57 52.42 -16.37
N GLU E 188 -38.84 53.53 -16.39
CA GLU E 188 -39.47 54.84 -16.55
C GLU E 188 -39.90 55.12 -17.98
N LYS E 189 -39.23 54.58 -18.99
CA LYS E 189 -39.62 54.92 -20.36
C LYS E 189 -40.87 54.19 -20.82
N HIS E 190 -41.39 53.25 -20.02
CA HIS E 190 -42.62 52.55 -20.33
C HIS E 190 -43.68 52.91 -19.31
N LYS E 191 -44.94 52.72 -19.69
CA LYS E 191 -46.08 53.20 -18.91
C LYS E 191 -46.88 52.08 -18.27
N VAL E 192 -47.36 51.11 -19.05
CA VAL E 192 -48.33 50.13 -18.57
C VAL E 192 -47.59 48.86 -18.15
N TYR E 193 -47.93 48.35 -16.96
CA TYR E 193 -47.40 47.10 -16.45
C TYR E 193 -48.55 46.24 -15.95
N ALA E 194 -48.56 44.98 -16.38
CA ALA E 194 -49.68 44.09 -16.06
C ALA E 194 -49.19 42.66 -15.92
N CYS E 195 -49.88 41.91 -15.06
CA CYS E 195 -49.69 40.46 -14.97
C CYS E 195 -51.04 39.79 -15.19
N GLU E 196 -51.08 38.84 -16.12
CA GLU E 196 -52.30 38.11 -16.47
C GLU E 196 -52.14 36.65 -16.11
N VAL E 197 -53.14 36.08 -15.44
CA VAL E 197 -53.13 34.69 -15.03
C VAL E 197 -54.27 33.96 -15.74
N THR E 198 -53.96 32.78 -16.28
CA THR E 198 -54.95 31.90 -16.89
C THR E 198 -55.13 30.63 -16.05
N HIS E 199 -55.13 30.79 -14.74
CA HIS E 199 -55.22 29.66 -13.82
C HIS E 199 -56.48 28.85 -14.09
N GLN E 200 -56.32 27.52 -14.12
CA GLN E 200 -57.43 26.64 -14.46
C GLN E 200 -58.54 26.72 -13.42
N GLY E 201 -58.23 27.12 -12.19
CA GLY E 201 -59.28 27.37 -11.22
C GLY E 201 -60.20 28.49 -11.65
N LEU E 202 -59.64 29.55 -12.21
CA LEU E 202 -60.44 30.64 -12.76
C LEU E 202 -61.12 30.19 -14.04
N SER E 203 -62.38 30.61 -14.21
CA SER E 203 -63.12 30.27 -15.43
C SER E 203 -62.48 30.93 -16.64
N SER E 204 -62.09 32.20 -16.51
CA SER E 204 -61.44 32.94 -17.58
C SER E 204 -60.19 33.63 -17.05
N PRO E 205 -59.19 33.84 -17.89
CA PRO E 205 -57.98 34.53 -17.44
C PRO E 205 -58.30 35.94 -16.96
N VAL E 206 -57.60 36.36 -15.91
CA VAL E 206 -57.79 37.67 -15.29
C VAL E 206 -56.44 38.39 -15.29
N THR E 207 -56.44 39.65 -15.71
CA THR E 207 -55.24 40.46 -15.75
C THR E 207 -55.35 41.63 -14.78
N LYS E 208 -54.26 41.92 -14.08
CA LYS E 208 -54.15 43.09 -13.23
C LYS E 208 -53.16 44.05 -13.88
N SER E 209 -53.60 45.28 -14.14
CA SER E 209 -52.83 46.24 -14.92
C SER E 209 -52.82 47.59 -14.21
N PHE E 210 -51.70 48.29 -14.31
CA PHE E 210 -51.58 49.66 -13.84
C PHE E 210 -50.65 50.45 -14.76
N ASN E 211 -50.63 51.76 -14.55
CA ASN E 211 -49.88 52.69 -15.37
C ASN E 211 -48.91 53.49 -14.50
N ARG E 212 -47.73 53.77 -15.04
CA ARG E 212 -46.74 54.53 -14.31
C ARG E 212 -47.12 56.00 -14.16
N GLY E 213 -48.05 56.48 -14.98
CA GLY E 213 -48.46 57.87 -14.90
C GLY E 213 -49.35 58.20 -13.71
N GLU E 214 -49.88 57.17 -13.03
CA GLU E 214 -50.71 57.37 -11.86
C GLU E 214 -50.07 56.86 -10.57
N CYS E 215 -48.97 56.12 -10.66
CA CYS E 215 -48.29 55.60 -9.49
C CYS E 215 -47.68 56.72 -8.66
N GLN F 1 -26.69 5.21 22.32
CA GLN F 1 -27.62 5.15 21.21
C GLN F 1 -26.90 5.35 19.89
N MET F 2 -27.48 4.83 18.81
CA MET F 2 -26.88 4.93 17.48
C MET F 2 -27.16 6.32 16.92
N GLN F 3 -26.11 7.12 16.76
CA GLN F 3 -26.24 8.48 16.26
C GLN F 3 -25.10 8.78 15.29
N LEU F 4 -25.42 9.64 14.31
CA LEU F 4 -24.47 10.08 13.29
C LEU F 4 -24.44 11.60 13.29
N VAL F 5 -23.25 12.18 13.33
CA VAL F 5 -23.08 13.62 13.38
C VAL F 5 -22.11 14.04 12.29
N GLN F 6 -22.50 15.04 11.49
CA GLN F 6 -21.66 15.59 10.45
C GLN F 6 -21.05 16.91 10.90
N SER F 7 -20.28 17.53 10.01
CA SER F 7 -19.65 18.82 10.30
C SER F 7 -20.63 19.96 10.04
N GLY F 8 -20.20 21.17 10.41
CA GLY F 8 -21.02 22.35 10.22
C GLY F 8 -20.98 22.84 8.79
N PRO F 9 -21.78 23.87 8.52
CA PRO F 9 -21.86 24.41 7.16
C PRO F 9 -20.54 24.98 6.71
N GLU F 10 -20.27 24.89 5.40
CA GLU F 10 -19.00 25.28 4.83
C GLU F 10 -19.23 26.27 3.69
N VAL F 11 -18.39 27.30 3.66
CA VAL F 11 -18.38 28.30 2.59
C VAL F 11 -16.99 28.29 1.97
N LYS F 12 -16.94 28.12 0.65
CA LYS F 12 -15.68 27.97 -0.06
C LYS F 12 -15.69 28.84 -1.32
N LYS F 13 -14.48 29.10 -1.81
CA LYS F 13 -14.16 29.82 -3.03
C LYS F 13 -14.04 28.84 -4.20
N PRO F 14 -14.55 29.19 -5.39
CA PRO F 14 -14.42 28.30 -6.54
C PRO F 14 -12.96 27.98 -6.84
N GLY F 15 -12.71 26.73 -7.20
CA GLY F 15 -11.36 26.24 -7.42
C GLY F 15 -10.69 25.66 -6.20
N THR F 16 -11.30 25.77 -5.02
CA THR F 16 -10.72 25.24 -3.79
C THR F 16 -11.21 23.81 -3.57
N SER F 17 -10.97 23.29 -2.37
CA SER F 17 -11.32 21.92 -2.02
C SER F 17 -12.05 21.91 -0.68
N VAL F 18 -12.93 20.93 -0.50
CA VAL F 18 -13.77 20.82 0.69
C VAL F 18 -13.60 19.45 1.32
N LYS F 19 -13.46 19.42 2.64
CA LYS F 19 -13.39 18.20 3.42
C LYS F 19 -14.61 18.13 4.32
N VAL F 20 -15.33 17.00 4.25
CA VAL F 20 -16.55 16.79 5.03
C VAL F 20 -16.35 15.59 5.94
N SER F 21 -16.68 15.75 7.22
CA SER F 21 -16.50 14.72 8.22
C SER F 21 -17.84 14.13 8.64
N CYS F 22 -17.80 12.89 9.12
CA CYS F 22 -19.01 12.20 9.57
C CYS F 22 -18.61 11.17 10.61
N LYS F 23 -19.07 11.35 11.84
CA LYS F 23 -18.72 10.46 12.94
C LYS F 23 -19.96 9.72 13.44
N ALA F 24 -19.74 8.51 13.94
CA ALA F 24 -20.80 7.64 14.40
C ALA F 24 -20.55 7.23 15.85
N SER F 25 -21.64 6.97 16.58
CA SER F 25 -21.53 6.56 17.96
C SER F 25 -22.67 5.61 18.31
N GLY F 26 -22.37 4.63 19.16
CA GLY F 26 -23.37 3.73 19.69
C GLY F 26 -23.51 2.38 19.03
N PHE F 27 -22.60 2.03 18.12
CA PHE F 27 -22.67 0.73 17.45
C PHE F 27 -21.27 0.35 16.97
N THR F 28 -21.16 -0.86 16.42
CA THR F 28 -19.90 -1.36 15.92
C THR F 28 -19.54 -0.70 14.59
N PHE F 29 -18.76 0.37 14.64
CA PHE F 29 -18.38 1.06 13.41
C PHE F 29 -17.46 0.22 12.55
N THR F 30 -16.58 -0.56 13.17
CA THR F 30 -15.58 -1.34 12.43
C THR F 30 -16.19 -2.48 11.62
N SER F 31 -17.51 -2.67 11.65
CA SER F 31 -18.19 -3.70 10.89
C SER F 31 -19.40 -3.12 10.18
N SER F 32 -19.21 -1.97 9.53
CA SER F 32 -20.29 -1.27 8.85
C SER F 32 -19.75 -0.69 7.54
N ALA F 33 -20.54 0.20 6.94
CA ALA F 33 -20.15 0.86 5.70
C ALA F 33 -20.71 2.27 5.70
N VAL F 34 -20.10 3.13 4.88
CA VAL F 34 -20.49 4.53 4.79
C VAL F 34 -20.85 4.84 3.34
N GLN F 35 -22.03 5.43 3.15
CA GLN F 35 -22.51 5.83 1.83
C GLN F 35 -22.71 7.34 1.83
N TRP F 36 -22.12 8.01 0.83
CA TRP F 36 -22.18 9.47 0.73
C TRP F 36 -23.14 9.86 -0.39
N VAL F 37 -24.12 10.70 -0.05
CA VAL F 37 -25.08 11.20 -1.03
C VAL F 37 -25.24 12.70 -0.84
N ARG F 38 -25.12 13.46 -1.93
CA ARG F 38 -25.31 14.90 -1.88
C ARG F 38 -26.54 15.27 -2.70
N GLN F 39 -27.31 16.22 -2.20
CA GLN F 39 -28.57 16.63 -2.79
C GLN F 39 -28.61 18.14 -2.92
N ALA F 40 -29.02 18.62 -4.10
CA ALA F 40 -29.25 20.05 -4.29
C ALA F 40 -30.63 20.43 -3.77
N ARG F 41 -30.92 21.72 -3.81
CA ARG F 41 -32.20 22.22 -3.30
C ARG F 41 -33.32 21.81 -4.25
N GLY F 42 -34.17 20.90 -3.79
CA GLY F 42 -35.29 20.45 -4.60
C GLY F 42 -34.89 19.75 -5.88
N GLN F 43 -33.87 18.90 -5.82
CA GLN F 43 -33.39 18.21 -7.01
C GLN F 43 -33.32 16.70 -6.78
N ARG F 44 -32.77 15.97 -7.74
CA ARG F 44 -32.66 14.52 -7.64
C ARG F 44 -31.46 14.13 -6.80
N LEU F 45 -31.61 13.07 -6.00
CA LEU F 45 -30.49 12.52 -5.27
C LEU F 45 -29.51 11.85 -6.22
N GLU F 46 -28.23 11.89 -5.86
CA GLU F 46 -27.21 11.16 -6.61
C GLU F 46 -26.21 10.53 -5.65
N TRP F 47 -25.48 9.56 -6.17
CA TRP F 47 -24.53 8.77 -5.41
C TRP F 47 -23.09 9.13 -5.79
N ILE F 48 -22.21 9.11 -4.80
CA ILE F 48 -20.83 9.55 -5.01
C ILE F 48 -19.87 8.39 -4.84
N GLY F 49 -20.21 7.45 -3.96
CA GLY F 49 -19.34 6.33 -3.69
C GLY F 49 -19.62 5.77 -2.30
N TRP F 50 -18.85 4.73 -1.95
CA TRP F 50 -19.00 4.12 -0.64
C TRP F 50 -17.69 3.44 -0.27
N ILE F 51 -17.42 3.40 1.04
CA ILE F 51 -16.21 2.81 1.58
C ILE F 51 -16.62 1.77 2.61
N VAL F 52 -15.86 0.68 2.66
CA VAL F 52 -16.07 -0.36 3.67
C VAL F 52 -15.12 -0.10 4.83
N VAL F 53 -15.66 -0.11 6.05
CA VAL F 53 -14.85 0.19 7.23
C VAL F 53 -13.88 -0.95 7.52
N GLY F 54 -14.26 -2.20 7.20
CA GLY F 54 -13.44 -3.33 7.55
C GLY F 54 -12.08 -3.34 6.87
N SER F 55 -12.05 -3.03 5.57
CA SER F 55 -10.82 -3.11 4.80
C SER F 55 -10.43 -1.81 4.12
N GLY F 56 -11.26 -0.77 4.19
CA GLY F 56 -10.93 0.47 3.54
C GLY F 56 -11.13 0.50 2.04
N ASN F 57 -11.70 -0.55 1.46
CA ASN F 57 -11.97 -0.57 0.03
C ASN F 57 -13.04 0.46 -0.31
N THR F 58 -12.79 1.21 -1.39
CA THR F 58 -13.65 2.31 -1.79
C THR F 58 -14.15 2.09 -3.21
N ASP F 59 -15.32 2.65 -3.50
CA ASP F 59 -15.89 2.61 -4.84
C ASP F 59 -16.50 3.97 -5.16
N TYR F 60 -16.30 4.43 -6.40
CA TYR F 60 -16.75 5.74 -6.83
C TYR F 60 -17.54 5.63 -8.12
N ALA F 61 -18.50 6.54 -8.29
CA ALA F 61 -19.28 6.59 -9.51
C ALA F 61 -18.47 7.19 -10.65
N GLN F 62 -18.84 6.84 -11.88
CA GLN F 62 -18.08 7.27 -13.05
C GLN F 62 -18.17 8.77 -13.26
N GLN F 63 -19.32 9.38 -12.95
CA GLN F 63 -19.47 10.81 -13.14
C GLN F 63 -18.56 11.61 -12.22
N PHE F 64 -18.41 11.19 -10.97
CA PHE F 64 -17.56 11.88 -10.00
C PHE F 64 -16.28 11.08 -9.85
N GLN F 65 -15.26 11.46 -10.63
CA GLN F 65 -13.96 10.80 -10.61
C GLN F 65 -12.86 11.86 -10.69
N GLU F 66 -11.67 11.47 -10.27
CA GLU F 66 -10.47 12.30 -10.25
C GLU F 66 -10.60 13.52 -9.35
N ARG F 67 -11.70 13.62 -8.60
CA ARG F 67 -11.86 14.73 -7.66
C ARG F 67 -12.46 14.31 -6.33
N VAL F 68 -12.68 13.02 -6.08
CA VAL F 68 -13.31 12.55 -4.86
C VAL F 68 -12.35 11.57 -4.18
N THR F 69 -12.15 11.74 -2.88
CA THR F 69 -11.34 10.84 -2.08
C THR F 69 -12.07 10.55 -0.78
N ILE F 70 -11.90 9.33 -0.25
CA ILE F 70 -12.55 8.91 0.98
C ILE F 70 -11.52 8.29 1.90
N THR F 71 -11.55 8.69 3.17
CA THR F 71 -10.68 8.13 4.20
C THR F 71 -11.51 7.84 5.44
N ARG F 72 -10.92 7.07 6.36
CA ARG F 72 -11.62 6.68 7.57
C ARG F 72 -10.60 6.53 8.71
N ASP F 73 -11.10 6.57 9.93
CA ASP F 73 -10.27 6.39 11.12
C ASP F 73 -11.07 5.65 12.18
N MET F 74 -10.53 4.51 12.63
CA MET F 74 -11.17 3.73 13.68
C MET F 74 -11.00 4.37 15.05
N SER F 75 -9.84 4.98 15.32
CA SER F 75 -9.58 5.55 16.63
C SER F 75 -10.58 6.65 16.96
N THR F 76 -10.87 7.53 16.00
CA THR F 76 -11.90 8.53 16.16
C THR F 76 -13.26 8.05 15.68
N SER F 77 -13.32 6.89 15.05
CA SER F 77 -14.55 6.31 14.53
C SER F 77 -15.27 7.30 13.61
N THR F 78 -14.50 7.84 12.66
CA THR F 78 -15.01 8.92 11.82
C THR F 78 -14.52 8.73 10.39
N ALA F 79 -15.41 8.98 9.44
CA ALA F 79 -15.07 8.97 8.02
C ALA F 79 -15.00 10.40 7.48
N TYR F 80 -14.24 10.56 6.40
CA TYR F 80 -14.03 11.87 5.81
C TYR F 80 -14.03 11.74 4.30
N MET F 81 -14.59 12.74 3.62
CA MET F 81 -14.58 12.82 2.17
C MET F 81 -13.94 14.12 1.74
N GLU F 82 -13.24 14.07 0.60
CA GLU F 82 -12.50 15.20 0.07
C GLU F 82 -12.92 15.42 -1.37
N LEU F 83 -13.32 16.65 -1.69
CA LEU F 83 -13.73 17.03 -3.03
C LEU F 83 -12.88 18.20 -3.52
N SER F 84 -12.29 18.05 -4.70
CA SER F 84 -11.43 19.06 -5.30
C SER F 84 -12.14 19.71 -6.48
N SER F 85 -11.58 20.83 -6.92
CA SER F 85 -12.12 21.61 -8.05
C SER F 85 -13.56 22.04 -7.78
N LEU F 86 -13.73 22.80 -6.70
CA LEU F 86 -15.05 23.26 -6.30
C LEU F 86 -15.58 24.30 -7.29
N GLY F 87 -16.90 24.29 -7.46
CA GLY F 87 -17.56 25.21 -8.37
C GLY F 87 -18.96 25.52 -7.88
N SER F 88 -19.69 26.30 -8.68
CA SER F 88 -21.05 26.69 -8.32
C SER F 88 -22.00 25.49 -8.28
N GLU F 89 -21.66 24.40 -8.96
CA GLU F 89 -22.52 23.22 -8.99
C GLU F 89 -22.36 22.33 -7.77
N ASP F 90 -21.40 22.63 -6.89
CA ASP F 90 -21.15 21.81 -5.72
C ASP F 90 -21.90 22.29 -4.48
N THR F 91 -22.67 23.37 -4.59
CA THR F 91 -23.43 23.88 -3.45
C THR F 91 -24.63 22.96 -3.21
N ALA F 92 -24.59 22.20 -2.12
CA ALA F 92 -25.62 21.20 -1.86
C ALA F 92 -25.49 20.74 -0.41
N VAL F 93 -26.39 19.84 -0.01
CA VAL F 93 -26.40 19.26 1.33
C VAL F 93 -25.89 17.83 1.22
N TYR F 94 -24.89 17.50 2.02
CA TYR F 94 -24.26 16.18 2.01
C TYR F 94 -24.76 15.35 3.19
N TYR F 95 -24.97 14.06 2.94
CA TYR F 95 -25.46 13.12 3.92
C TYR F 95 -24.60 11.86 3.90
N CYS F 96 -24.29 11.35 5.08
CA CYS F 96 -23.63 10.06 5.24
C CYS F 96 -24.62 9.08 5.86
N ALA F 97 -24.78 7.93 5.22
CA ALA F 97 -25.74 6.91 5.64
C ALA F 97 -25.01 5.60 5.91
N ALA F 98 -25.42 4.92 6.96
CA ALA F 98 -24.80 3.67 7.37
C ALA F 98 -25.89 2.67 7.76
N PRO F 99 -25.62 1.37 7.59
CA PRO F 99 -26.53 0.36 8.15
C PRO F 99 -26.17 0.07 9.61
N ASN F 100 -27.12 0.28 10.52
CA ASN F 100 -26.84 0.09 11.93
C ASN F 100 -26.54 -1.38 12.25
N CYS F 101 -25.74 -1.60 13.29
CA CYS F 101 -25.36 -2.94 13.72
C CYS F 101 -25.40 -2.98 15.24
N SER F 102 -26.38 -3.70 15.79
CA SER F 102 -26.48 -3.83 17.24
C SER F 102 -25.31 -4.63 17.79
N GLY F 103 -25.15 -5.87 17.31
CA GLY F 103 -24.02 -6.70 17.71
C GLY F 103 -23.22 -7.17 16.51
N GLY F 104 -23.12 -8.47 16.33
CA GLY F 104 -22.45 -9.03 15.18
C GLY F 104 -23.27 -9.12 13.93
N SER F 105 -24.53 -8.70 13.99
CA SER F 105 -25.44 -8.72 12.85
C SER F 105 -25.75 -7.29 12.43
N CYS F 106 -25.84 -7.07 11.11
CA CYS F 106 -26.07 -5.75 10.55
C CYS F 106 -27.32 -5.78 9.69
N TYR F 107 -28.12 -4.72 9.78
CA TYR F 107 -29.34 -4.61 8.98
C TYR F 107 -29.00 -4.54 7.51
N ASP F 108 -29.86 -5.13 6.68
CA ASP F 108 -29.66 -5.13 5.24
C ASP F 108 -29.91 -3.78 4.60
N GLY F 109 -30.48 -2.83 5.34
CA GLY F 109 -30.76 -1.51 4.80
C GLY F 109 -29.98 -0.43 5.56
N PHE F 110 -29.75 0.69 4.89
CA PHE F 110 -29.05 1.81 5.49
C PHE F 110 -30.01 2.54 6.43
N ASP F 111 -29.80 2.38 7.73
CA ASP F 111 -30.72 2.93 8.71
C ASP F 111 -30.28 4.31 9.21
N LEU F 112 -29.06 4.41 9.72
CA LEU F 112 -28.62 5.66 10.33
C LEU F 112 -28.27 6.68 9.25
N TRP F 113 -28.80 7.89 9.40
CA TRP F 113 -28.57 8.96 8.44
C TRP F 113 -28.16 10.22 9.18
N GLY F 114 -27.20 10.94 8.61
CA GLY F 114 -26.71 12.16 9.22
C GLY F 114 -27.67 13.32 9.06
N GLN F 115 -27.38 14.40 9.79
CA GLN F 115 -28.22 15.59 9.76
C GLN F 115 -28.00 16.42 8.49
N GLY F 116 -26.92 16.19 7.76
CA GLY F 116 -26.67 16.92 6.54
C GLY F 116 -25.79 18.15 6.74
N THR F 117 -24.83 18.35 5.85
CA THR F 117 -23.94 19.50 5.89
C THR F 117 -24.14 20.34 4.63
N MET F 118 -24.40 21.63 4.82
CA MET F 118 -24.62 22.53 3.70
C MET F 118 -23.28 23.10 3.25
N VAL F 119 -22.97 22.92 1.97
CA VAL F 119 -21.73 23.42 1.38
C VAL F 119 -22.09 24.40 0.28
N THR F 120 -21.58 25.62 0.37
CA THR F 120 -21.82 26.67 -0.61
C THR F 120 -20.48 27.17 -1.15
N VAL F 121 -20.36 27.21 -2.47
CA VAL F 121 -19.14 27.67 -3.14
C VAL F 121 -19.50 28.90 -3.95
N SER F 122 -18.91 30.05 -3.58
CA SER F 122 -19.16 31.30 -4.28
C SER F 122 -18.00 32.24 -4.03
N SER F 123 -17.83 33.19 -4.94
CA SER F 123 -16.78 34.19 -4.82
C SER F 123 -17.22 35.45 -4.08
N ALA F 124 -18.51 35.57 -3.78
CA ALA F 124 -18.99 36.74 -3.06
C ALA F 124 -18.60 36.68 -1.59
N SER F 125 -18.50 37.85 -0.97
CA SER F 125 -18.14 37.96 0.43
C SER F 125 -19.35 38.34 1.26
N THR F 126 -19.23 38.14 2.57
CA THR F 126 -20.32 38.46 3.50
C THR F 126 -20.64 39.94 3.45
N LYS F 127 -21.94 40.26 3.37
CA LYS F 127 -22.38 41.64 3.31
C LYS F 127 -23.79 41.73 3.88
N GLY F 128 -24.07 42.85 4.55
CA GLY F 128 -25.34 43.04 5.21
C GLY F 128 -26.51 43.08 4.25
N PRO F 129 -27.65 42.55 4.67
CA PRO F 129 -28.83 42.54 3.80
C PRO F 129 -29.48 43.91 3.73
N SER F 130 -30.23 44.12 2.65
CA SER F 130 -30.97 45.35 2.42
C SER F 130 -32.47 45.05 2.53
N VAL F 131 -33.21 45.99 3.12
CA VAL F 131 -34.63 45.82 3.37
C VAL F 131 -35.40 46.83 2.51
N PHE F 132 -36.45 46.35 1.85
CA PHE F 132 -37.33 47.17 1.03
C PHE F 132 -38.76 47.04 1.52
N PRO F 133 -39.42 48.13 1.90
CA PRO F 133 -40.78 48.03 2.44
C PRO F 133 -41.86 48.01 1.37
N LEU F 134 -42.64 46.93 1.29
CA LEU F 134 -43.84 46.88 0.48
C LEU F 134 -44.98 47.36 1.36
N ALA F 135 -45.21 48.68 1.36
CA ALA F 135 -46.16 49.31 2.25
C ALA F 135 -47.60 49.13 1.75
N PRO F 136 -48.58 49.07 2.65
CA PRO F 136 -49.97 48.97 2.22
C PRO F 136 -50.43 50.23 1.51
N SER F 137 -51.35 50.06 0.57
CA SER F 137 -51.90 51.17 -0.20
C SER F 137 -53.24 50.73 -0.77
N SER F 138 -53.89 51.65 -1.48
CA SER F 138 -55.18 51.34 -2.10
C SER F 138 -55.03 50.30 -3.20
N LYS F 139 -53.89 50.29 -3.90
CA LYS F 139 -53.66 49.29 -4.93
C LYS F 139 -53.52 47.89 -4.36
N SER F 140 -53.22 47.76 -3.07
CA SER F 140 -53.08 46.47 -2.42
C SER F 140 -54.33 46.06 -1.65
N THR F 141 -55.43 46.80 -1.80
CA THR F 141 -56.68 46.51 -1.12
C THR F 141 -57.68 45.94 -2.10
N SER F 142 -58.30 44.82 -1.73
CA SER F 142 -59.32 44.19 -2.57
C SER F 142 -60.26 43.42 -1.65
N GLY F 143 -61.48 43.92 -1.49
CA GLY F 143 -62.45 43.28 -0.63
C GLY F 143 -62.10 43.30 0.85
N GLY F 144 -61.52 44.40 1.33
CA GLY F 144 -61.19 44.53 2.73
C GLY F 144 -59.91 43.87 3.18
N THR F 145 -59.09 43.37 2.25
CA THR F 145 -57.83 42.72 2.57
C THR F 145 -56.69 43.50 1.92
N ALA F 146 -55.70 43.87 2.73
CA ALA F 146 -54.53 44.60 2.26
C ALA F 146 -53.29 43.77 2.51
N ALA F 147 -52.47 43.59 1.49
CA ALA F 147 -51.25 42.79 1.57
C ALA F 147 -50.04 43.71 1.59
N LEU F 148 -49.22 43.59 2.63
CA LEU F 148 -47.99 44.34 2.77
C LEU F 148 -46.86 43.36 3.03
N GLY F 149 -45.64 43.87 3.14
CA GLY F 149 -44.52 42.96 3.36
C GLY F 149 -43.18 43.65 3.34
N CYS F 150 -42.14 42.82 3.39
CA CYS F 150 -40.77 43.28 3.38
C CYS F 150 -39.93 42.40 2.46
N LEU F 151 -39.03 43.02 1.72
CA LEU F 151 -38.14 42.31 0.79
C LEU F 151 -36.72 42.39 1.34
N VAL F 152 -36.07 41.24 1.47
CA VAL F 152 -34.69 41.17 1.93
C VAL F 152 -33.82 40.79 0.73
N LYS F 153 -32.92 41.69 0.34
CA LYS F 153 -32.20 41.55 -0.92
C LYS F 153 -30.71 41.80 -0.71
N ASP F 154 -29.91 41.24 -1.61
CA ASP F 154 -28.49 41.57 -1.75
C ASP F 154 -27.69 41.19 -0.49
N TYR F 155 -27.71 39.90 -0.21
CA TYR F 155 -26.94 39.31 0.89
C TYR F 155 -26.32 38.01 0.40
N PHE F 156 -25.03 37.82 0.69
CA PHE F 156 -24.36 36.60 0.24
C PHE F 156 -24.66 35.40 1.14
N PRO F 157 -24.46 35.46 2.45
CA PRO F 157 -24.76 34.28 3.28
C PRO F 157 -26.26 34.02 3.34
N GLU F 158 -26.66 32.83 2.90
CA GLU F 158 -28.05 32.47 2.71
C GLU F 158 -28.90 32.59 3.97
N PRO F 159 -28.47 32.11 5.14
CA PRO F 159 -29.37 32.13 6.31
C PRO F 159 -29.79 33.55 6.68
N VAL F 160 -31.07 33.83 6.50
CA VAL F 160 -31.69 35.09 6.87
C VAL F 160 -33.06 34.81 7.46
N THR F 161 -33.38 35.46 8.58
CA THR F 161 -34.63 35.23 9.26
C THR F 161 -35.47 36.50 9.25
N VAL F 162 -36.77 36.34 8.99
CA VAL F 162 -37.70 37.46 8.92
C VAL F 162 -38.85 37.18 9.87
N SER F 163 -39.20 38.17 10.69
CA SER F 163 -40.31 38.08 11.62
C SER F 163 -41.15 39.34 11.53
N TRP F 164 -42.42 39.21 11.93
CA TRP F 164 -43.37 40.32 11.88
C TRP F 164 -43.69 40.79 13.29
N ASN F 165 -43.38 42.05 13.57
CA ASN F 165 -43.68 42.67 14.86
C ASN F 165 -43.15 41.84 16.03
N SER F 166 -41.95 41.30 15.85
CA SER F 166 -41.30 40.44 16.86
C SER F 166 -42.19 39.26 17.23
N GLY F 167 -42.87 38.69 16.24
CA GLY F 167 -43.72 37.54 16.45
C GLY F 167 -45.14 37.86 16.88
N ALA F 168 -45.53 39.14 16.90
CA ALA F 168 -46.89 39.48 17.30
C ALA F 168 -47.92 38.95 16.32
N LEU F 169 -47.65 39.05 15.02
CA LEU F 169 -48.55 38.61 13.97
C LEU F 169 -47.95 37.41 13.25
N THR F 170 -48.72 36.32 13.18
CA THR F 170 -48.25 35.11 12.52
C THR F 170 -49.27 34.63 11.50
N SER F 171 -50.54 34.98 11.71
CA SER F 171 -51.59 34.57 10.79
C SER F 171 -51.48 35.35 9.49
N GLY F 172 -51.56 34.64 8.37
CA GLY F 172 -51.40 35.27 7.08
C GLY F 172 -49.98 35.63 6.71
N VAL F 173 -49.01 35.17 7.48
CA VAL F 173 -47.60 35.48 7.24
C VAL F 173 -47.01 34.39 6.37
N HIS F 174 -46.44 34.76 5.23
CA HIS F 174 -45.79 33.82 4.32
C HIS F 174 -44.45 34.39 3.90
N THR F 175 -43.38 33.68 4.23
CA THR F 175 -42.04 34.04 3.80
C THR F 175 -41.66 33.17 2.59
N PHE F 176 -41.02 33.80 1.62
CA PHE F 176 -40.79 32.95 0.45
C PHE F 176 -39.33 32.56 0.35
N PRO F 177 -39.04 31.38 -0.21
CA PRO F 177 -37.65 30.93 -0.32
C PRO F 177 -36.82 31.89 -1.16
N ALA F 178 -35.56 32.04 -0.78
CA ALA F 178 -34.65 32.93 -1.48
C ALA F 178 -34.32 32.39 -2.87
N VAL F 179 -33.96 33.30 -3.77
CA VAL F 179 -33.59 32.97 -5.13
C VAL F 179 -32.25 33.62 -5.44
N LEU F 180 -31.39 32.89 -6.16
CA LEU F 180 -30.08 33.40 -6.52
C LEU F 180 -30.19 34.26 -7.77
N GLN F 181 -29.83 35.53 -7.64
CA GLN F 181 -29.85 36.45 -8.76
C GLN F 181 -28.50 36.46 -9.47
N SER F 182 -28.46 37.11 -10.63
CA SER F 182 -27.25 37.14 -11.45
C SER F 182 -26.09 37.85 -10.75
N SER F 183 -26.39 38.75 -9.82
CA SER F 183 -25.34 39.47 -9.09
C SER F 183 -24.59 38.58 -8.10
N GLY F 184 -25.06 37.36 -7.86
CA GLY F 184 -24.44 36.49 -6.88
C GLY F 184 -24.93 36.68 -5.47
N LEU F 185 -25.99 37.46 -5.26
CA LEU F 185 -26.56 37.69 -3.94
C LEU F 185 -28.02 37.25 -3.94
N TYR F 186 -28.48 36.78 -2.78
CA TYR F 186 -29.81 36.21 -2.66
C TYR F 186 -30.83 37.29 -2.32
N SER F 187 -32.10 36.94 -2.56
CA SER F 187 -33.22 37.84 -2.32
C SER F 187 -34.47 37.02 -2.06
N LEU F 188 -35.27 37.49 -1.10
CA LEU F 188 -36.51 36.81 -0.72
C LEU F 188 -37.53 37.86 -0.28
N SER F 189 -38.76 37.41 -0.12
CA SER F 189 -39.87 38.28 0.23
C SER F 189 -40.69 37.66 1.35
N SER F 190 -41.29 38.52 2.18
CA SER F 190 -42.22 38.09 3.21
C SER F 190 -43.47 38.96 3.11
N VAL F 191 -44.64 38.33 3.11
CA VAL F 191 -45.90 39.03 2.88
C VAL F 191 -46.91 38.64 3.95
N VAL F 192 -47.65 39.64 4.41
CA VAL F 192 -48.72 39.44 5.38
C VAL F 192 -49.94 40.23 4.93
N THR F 193 -51.12 39.63 5.09
CA THR F 193 -52.39 40.23 4.72
C THR F 193 -53.17 40.58 5.99
N VAL F 194 -53.71 41.79 6.03
CA VAL F 194 -54.46 42.26 7.19
C VAL F 194 -55.77 42.88 6.71
N PRO F 195 -56.79 42.90 7.58
CA PRO F 195 -58.04 43.58 7.21
C PRO F 195 -57.80 45.07 6.93
N SER F 196 -58.58 45.59 5.98
CA SER F 196 -58.43 46.99 5.58
C SER F 196 -58.80 47.97 6.69
N SER F 197 -59.51 47.51 7.71
CA SER F 197 -59.87 48.39 8.82
C SER F 197 -58.69 48.67 9.75
N SER F 198 -57.67 47.81 9.73
CA SER F 198 -56.56 47.94 10.66
C SER F 198 -55.41 48.77 10.13
N LEU F 199 -55.42 49.16 8.86
CA LEU F 199 -54.33 49.97 8.32
C LEU F 199 -54.40 51.38 8.90
N GLY F 200 -53.24 51.94 9.22
CA GLY F 200 -53.16 53.25 9.80
C GLY F 200 -53.47 53.34 11.27
N THR F 201 -53.71 52.20 11.93
CA THR F 201 -54.06 52.16 13.35
C THR F 201 -52.88 51.84 14.24
N GLN F 202 -52.14 50.77 13.92
CA GLN F 202 -50.99 50.35 14.69
C GLN F 202 -49.81 50.12 13.76
N THR F 203 -48.62 50.48 14.23
CA THR F 203 -47.44 50.46 13.38
C THR F 203 -47.05 49.03 13.03
N TYR F 204 -46.59 48.84 11.80
CA TYR F 204 -46.18 47.54 11.29
C TYR F 204 -44.66 47.53 11.19
N ILE F 205 -44.03 46.56 11.86
CA ILE F 205 -42.57 46.45 11.88
C ILE F 205 -42.19 45.04 11.47
N CYS F 206 -41.21 44.93 10.58
CA CYS F 206 -40.63 43.64 10.21
C CYS F 206 -39.17 43.61 10.65
N ASN F 207 -38.79 42.55 11.33
CA ASN F 207 -37.43 42.40 11.85
C ASN F 207 -36.69 41.37 11.00
N VAL F 208 -35.55 41.78 10.44
CA VAL F 208 -34.72 40.91 9.62
C VAL F 208 -33.38 40.70 10.33
N ASN F 209 -32.97 39.44 10.44
CA ASN F 209 -31.75 39.05 11.13
C ASN F 209 -30.87 38.25 10.18
N HIS F 210 -29.58 38.55 10.21
CA HIS F 210 -28.57 37.92 9.37
C HIS F 210 -27.40 37.56 10.28
N LYS F 211 -27.36 36.30 10.70
CA LYS F 211 -26.35 35.87 11.68
C LYS F 211 -24.92 35.99 11.17
N PRO F 212 -24.56 35.53 9.97
CA PRO F 212 -23.15 35.66 9.55
C PRO F 212 -22.66 37.09 9.50
N SER F 213 -23.51 38.04 9.11
CA SER F 213 -23.16 39.45 9.14
C SER F 213 -23.54 40.12 10.45
N ASN F 214 -24.20 39.40 11.36
CA ASN F 214 -24.62 39.94 12.66
C ASN F 214 -25.44 41.21 12.46
N THR F 215 -26.35 41.19 11.50
CA THR F 215 -27.16 42.35 11.15
C THR F 215 -28.58 42.15 11.66
N LYS F 216 -29.11 43.16 12.35
CA LYS F 216 -30.47 43.15 12.84
C LYS F 216 -31.13 44.47 12.48
N VAL F 217 -32.09 44.44 11.56
CA VAL F 217 -32.74 45.64 11.07
C VAL F 217 -34.25 45.53 11.32
N ASP F 218 -34.81 46.54 11.99
CA ASP F 218 -36.24 46.63 12.24
C ASP F 218 -36.80 47.73 11.34
N LYS F 219 -37.55 47.33 10.32
CA LYS F 219 -38.06 48.25 9.31
C LYS F 219 -39.55 48.49 9.53
N LYS F 220 -39.93 49.76 9.57
CA LYS F 220 -41.34 50.13 9.63
C LYS F 220 -41.93 50.17 8.23
N VAL F 221 -43.16 49.69 8.11
CA VAL F 221 -43.84 49.65 6.81
C VAL F 221 -45.24 50.21 6.93
C1 NAG G . 22.21 -17.97 9.28
C2 NAG G . 22.65 -18.18 10.73
C3 NAG G . 23.65 -17.10 11.13
C4 NAG G . 24.81 -17.05 10.15
C5 NAG G . 24.30 -16.95 8.71
C6 NAG G . 25.40 -17.07 7.68
C7 NAG G . 21.16 -19.26 12.35
C8 NAG G . 22.01 -20.48 12.18
N2 NAG G . 21.51 -18.19 11.63
O3 NAG G . 24.11 -17.36 12.44
O4 NAG G . 25.63 -15.91 10.40
O5 NAG G . 23.35 -17.99 8.43
O6 NAG G . 25.97 -18.37 7.68
O7 NAG G . 20.19 -19.24 13.11
C1 NAG G . 26.76 -16.20 11.24
C2 NAG G . 26.98 -14.96 12.11
C3 NAG G . 28.12 -15.18 13.10
C4 NAG G . 27.88 -16.45 13.90
C5 NAG G . 27.69 -17.63 12.95
C6 NAG G . 27.37 -18.93 13.67
C7 NAG G . 26.74 -12.57 11.60
C8 NAG G . 27.10 -11.47 10.64
N2 NAG G . 27.22 -13.78 11.30
O3 NAG G . 28.23 -14.06 13.97
O4 NAG G . 28.95 -16.70 14.82
O5 NAG G . 26.59 -17.36 12.07
O6 NAG G . 28.55 -19.66 13.94
O7 NAG G . 26.05 -12.37 12.59
C1 BMA G . 30.24 -16.74 14.19
C2 BMA G . 31.16 -15.72 14.92
C3 BMA G . 32.61 -15.89 14.47
C4 BMA G . 33.04 -17.36 14.53
C5 BMA G . 32.08 -18.21 13.69
C6 BMA G . 32.43 -19.68 13.69
O2 BMA G . 31.12 -15.94 16.33
O3 BMA G . 33.49 -15.10 15.26
O4 BMA G . 34.36 -17.50 14.04
O5 BMA G . 30.76 -18.06 14.23
O6 BMA G . 33.85 -19.80 13.56
C1 NAG H . 34.15 -37.42 20.97
C2 NAG H . 35.43 -37.97 20.27
C3 NAG H . 35.74 -37.25 18.94
C4 NAG H . 35.70 -35.73 19.06
C5 NAG H . 34.98 -35.30 20.32
C6 NAG H . 34.48 -33.88 20.27
C7 NAG H . 37.39 -39.03 21.31
C8 NAG H . 38.52 -38.86 22.27
N2 NAG H . 36.57 -37.97 21.16
O3 NAG H . 34.84 -37.69 17.94
O4 NAG H . 37.00 -35.11 18.99
O5 NAG H . 33.83 -36.14 20.45
O6 NAG H . 35.45 -32.98 20.77
O7 NAG H . 37.21 -40.08 20.69
C1 NAG H . 38.15 -35.97 19.07
C2 NAG H . 38.89 -35.96 17.73
C3 NAG H . 40.17 -36.79 17.83
C4 NAG H . 41.03 -36.31 19.00
C5 NAG H . 40.20 -36.33 20.28
C6 NAG H . 40.94 -35.76 21.48
C7 NAG H . 38.25 -36.15 15.37
C8 NAG H . 37.28 -36.75 14.39
N2 NAG H . 38.05 -36.45 16.66
O3 NAG H . 40.92 -36.67 16.62
O4 NAG H . 42.15 -37.17 19.17
O5 NAG H . 39.02 -35.53 20.11
O6 NAG H . 42.33 -35.71 21.23
O7 NAG H . 39.17 -35.42 15.01
#